data_3QS9
#
_entry.id   3QS9
#
_cell.length_a   124.750
_cell.length_b   153.550
_cell.length_c   133.870
_cell.angle_alpha   90.000
_cell.angle_beta   94.570
_cell.angle_gamma   90.000
#
_symmetry.space_group_name_H-M   'P 1 21 1'
#
loop_
_entity.id
_entity.type
_entity.pdbx_description
1 polymer 'SL cytokine'
2 polymer 'FL cytokine receptor'
#
loop_
_entity_poly.entity_id
_entity_poly.type
_entity_poly.pdbx_seq_one_letter_code
_entity_poly.pdbx_strand_id
1 'polypeptide(L)'
;GSHMTQDCSFQHSPISSDFAVKIRELSDYLLQDYPVTVASNLQDEELCGGLWRLVLAQRWMERLKTVAGSKMQGLLERVN
TEIHFVTKCAFQPPPSCLRFVQTNISRLLQETSEQLVALKPWITRQNFSRCLELQCQP
;
A,B,C,D
2 'polypeptide(L)'
;ETGNQDLPVIKCVLINHKNNDSSVGKSSSYPMVSESPEDLGCALRPQSSGTVYEAAAVEVDVSASITLQVLVDAPGNISC
LWVFKHSSLNCQPHFDLQNRGVVSMVILKMTETQAGEYLLFIQSEATNYTILFTVSIRNTLLYTLRRPYFRKMENQDALV
CISESVPEPIVEWVLCDSQGESCKEESPAVVKKEEKVLHELFGTDIRCCARNELGRECTRLFTIDLNQTPQTTLPQLFLK
VGEPLWIRCKAVHVNHGFGLTWELENKALEEGNYFEMSTYSTNRTMIRILFAFVSSVARNDTGYYTCSSSKHPSQSALVT
IVEKGFINATNSSEDYEIDQYEEFCFSVRFKAYPQIRCTWTFSRKSFPCEQKGLDNGYSISKFCNHKHQPGEYIFHAEND
DAQFTKMFTLNIRRKPQVLAEASASQASCFSDGYPLPSWTWKKCSDKSPNCTEEITEGVWNRKANRKVFGQWVSSSTLNM
SEAIKGFLVKCCAYNSLGTSCETILLNSPGPFPFIQDGGTKHHHHHH
;
E,F,G,H
#
# COMPACT_ATOMS: atom_id res chain seq x y z
N ASP A 7 -12.38 41.93 -14.22
CA ASP A 7 -11.68 42.96 -13.47
C ASP A 7 -10.83 42.35 -12.36
N CYS A 8 -10.05 43.18 -11.65
CA CYS A 8 -9.17 42.73 -10.58
C CYS A 8 -8.77 43.89 -9.71
N SER A 9 -9.29 43.95 -8.51
CA SER A 9 -8.97 45.00 -7.55
C SER A 9 -9.33 44.50 -6.18
N PHE A 10 -8.73 45.08 -5.13
CA PHE A 10 -9.00 44.67 -3.76
C PHE A 10 -9.40 45.89 -2.93
N GLN A 11 -10.62 45.86 -2.32
CA GLN A 11 -11.15 46.97 -1.50
C GLN A 11 -10.32 47.12 -0.22
N HIS A 12 -10.34 46.09 0.66
CA HIS A 12 -9.52 46.03 1.87
C HIS A 12 -8.27 45.18 1.55
N SER A 13 -7.13 45.47 2.22
CA SER A 13 -5.84 44.83 1.98
C SER A 13 -5.70 43.32 2.20
N PRO A 14 -5.40 42.56 1.12
CA PRO A 14 -5.19 41.11 1.26
C PRO A 14 -3.73 40.72 1.56
N ILE A 15 -2.85 41.72 1.80
CA ILE A 15 -1.44 41.50 2.14
C ILE A 15 -1.27 41.64 3.66
N SER A 16 -0.82 40.56 4.31
CA SER A 16 -0.63 40.52 5.77
C SER A 16 0.58 41.30 6.20
N SER A 17 0.62 41.74 7.46
CA SER A 17 1.75 42.46 8.02
C SER A 17 2.84 41.47 8.42
N ASP A 18 2.43 40.27 8.89
CA ASP A 18 3.32 39.23 9.38
C ASP A 18 3.58 38.12 8.36
N PHE A 19 3.64 38.45 7.08
CA PHE A 19 3.89 37.46 6.03
C PHE A 19 5.36 37.08 5.96
N ALA A 20 6.23 38.00 6.36
CA ALA A 20 7.67 37.78 6.31
C ALA A 20 8.06 36.75 7.35
N VAL A 21 7.18 36.55 8.33
CA VAL A 21 7.38 35.60 9.40
C VAL A 21 7.12 34.19 8.90
N LYS A 22 6.04 34.03 8.14
CA LYS A 22 5.64 32.73 7.61
C LYS A 22 6.64 32.21 6.60
N ILE A 23 7.40 33.13 5.98
CA ILE A 23 8.38 32.77 4.97
C ILE A 23 9.69 32.37 5.61
N ARG A 24 10.02 33.02 6.72
CA ARG A 24 11.24 32.70 7.46
C ARG A 24 11.06 31.37 8.15
N GLU A 25 9.81 31.06 8.52
CA GLU A 25 9.49 29.83 9.21
C GLU A 25 9.53 28.68 8.25
N LEU A 26 9.08 28.89 7.00
CA LEU A 26 9.12 27.86 5.97
C LEU A 26 10.56 27.59 5.61
N SER A 27 11.33 28.67 5.40
CA SER A 27 12.74 28.59 5.06
C SER A 27 13.57 27.84 6.13
N ASP A 28 13.14 27.89 7.40
CA ASP A 28 13.83 27.19 8.49
C ASP A 28 13.77 25.67 8.40
N TYR A 29 12.87 25.13 7.59
CA TYR A 29 12.72 23.70 7.42
C TYR A 29 12.94 23.29 5.96
N LEU A 30 13.46 24.20 5.15
CA LEU A 30 13.69 23.92 3.75
C LEU A 30 15.11 23.62 3.42
N LEU A 31 15.26 22.78 2.40
CA LEU A 31 16.51 22.47 1.72
C LEU A 31 16.55 23.53 0.64
N GLN A 32 17.27 24.61 0.91
CA GLN A 32 17.34 25.82 0.12
C GLN A 32 17.65 25.75 -1.39
N ASP A 33 18.30 24.69 -1.86
CA ASP A 33 18.58 24.60 -3.29
C ASP A 33 17.61 23.69 -4.04
N TYR A 34 16.43 23.42 -3.44
CA TYR A 34 15.41 22.61 -4.08
C TYR A 34 15.03 23.33 -5.37
N PRO A 35 15.01 22.65 -6.53
CA PRO A 35 14.73 23.35 -7.78
C PRO A 35 13.27 23.71 -8.06
N VAL A 36 13.03 25.00 -8.21
CA VAL A 36 11.75 25.59 -8.58
C VAL A 36 12.03 26.37 -9.86
N THR A 37 11.07 27.15 -10.37
CA THR A 37 11.29 27.96 -11.57
C THR A 37 10.75 29.36 -11.37
N VAL A 38 11.22 30.27 -12.19
CA VAL A 38 10.81 31.67 -12.20
C VAL A 38 10.72 32.06 -13.65
N ALA A 39 9.82 32.97 -14.01
CA ALA A 39 9.76 33.40 -15.40
C ALA A 39 11.02 34.19 -15.69
N SER A 40 11.68 33.90 -16.81
CA SER A 40 12.94 34.56 -17.19
C SER A 40 12.72 35.81 -18.03
N ASN A 41 11.61 35.86 -18.79
CA ASN A 41 11.33 36.98 -19.69
C ASN A 41 10.00 37.71 -19.43
N LEU A 42 9.73 38.09 -18.18
CA LEU A 42 8.51 38.82 -17.90
C LEU A 42 8.71 40.26 -18.27
N GLN A 43 7.78 40.80 -19.07
CA GLN A 43 7.81 42.19 -19.51
C GLN A 43 7.96 43.12 -18.31
N ASP A 44 8.71 44.20 -18.49
CA ASP A 44 8.92 45.20 -17.44
C ASP A 44 7.64 46.00 -17.32
N GLU A 45 6.92 45.79 -16.21
CA GLU A 45 5.66 46.48 -15.96
C GLU A 45 5.54 46.73 -14.47
N GLU A 46 6.03 47.89 -13.98
CA GLU A 46 5.99 48.16 -12.54
C GLU A 46 4.63 48.18 -11.83
N LEU A 47 3.55 47.85 -12.55
CA LEU A 47 2.22 47.73 -11.96
C LEU A 47 1.81 46.25 -11.85
N CYS A 48 2.07 45.46 -12.89
CA CYS A 48 1.70 44.05 -12.93
C CYS A 48 2.83 43.09 -12.55
N GLY A 49 4.08 43.53 -12.72
CA GLY A 49 5.28 42.75 -12.46
C GLY A 49 5.29 41.83 -11.27
N GLY A 50 5.26 42.39 -10.07
CA GLY A 50 5.26 41.61 -8.83
C GLY A 50 4.07 40.68 -8.73
N LEU A 51 2.92 41.15 -9.22
CA LEU A 51 1.66 40.42 -9.26
C LEU A 51 1.76 39.19 -10.15
N TRP A 52 2.43 39.30 -11.31
CA TRP A 52 2.62 38.19 -12.23
C TRP A 52 3.46 37.10 -11.57
N ARG A 53 4.55 37.50 -10.90
CA ARG A 53 5.45 36.59 -10.21
C ARG A 53 4.81 35.95 -8.99
N LEU A 54 3.94 36.70 -8.29
CA LEU A 54 3.23 36.17 -7.13
C LEU A 54 2.27 35.11 -7.57
N VAL A 55 1.64 35.30 -8.74
CA VAL A 55 0.71 34.34 -9.32
C VAL A 55 1.48 33.07 -9.63
N LEU A 56 2.67 33.21 -10.19
CA LEU A 56 3.54 32.10 -10.53
C LEU A 56 4.08 31.41 -9.29
N ALA A 57 4.54 32.22 -8.30
CA ALA A 57 5.06 31.72 -7.02
C ALA A 57 3.93 30.97 -6.33
N GLN A 58 2.72 31.51 -6.45
CA GLN A 58 1.52 30.90 -5.88
C GLN A 58 1.28 29.55 -6.50
N ARG A 59 1.41 29.44 -7.83
CA ARG A 59 1.23 28.17 -8.52
C ARG A 59 2.24 27.17 -7.99
N TRP A 60 3.42 27.64 -7.58
CA TRP A 60 4.45 26.76 -7.05
C TRP A 60 4.17 26.24 -5.67
N MET A 61 3.51 27.04 -4.82
CA MET A 61 3.15 26.65 -3.45
C MET A 61 2.21 25.49 -3.43
N GLU A 62 1.37 25.39 -4.46
CA GLU A 62 0.39 24.33 -4.61
C GLU A 62 1.08 23.05 -5.03
N ARG A 63 1.97 23.14 -6.04
CA ARG A 63 2.75 22.00 -6.56
C ARG A 63 3.58 21.42 -5.45
N LEU A 64 4.19 22.28 -4.64
CA LEU A 64 5.04 21.87 -3.54
C LEU A 64 4.29 21.14 -2.44
N LYS A 65 3.07 21.55 -2.14
CA LYS A 65 2.26 20.95 -1.10
C LYS A 65 2.01 19.47 -1.37
N THR A 66 1.88 19.08 -2.64
CA THR A 66 1.61 17.71 -3.07
C THR A 66 2.74 16.73 -2.83
N VAL A 67 3.98 17.24 -2.77
CA VAL A 67 5.16 16.42 -2.57
C VAL A 67 5.83 16.75 -1.24
N ALA A 68 5.10 17.41 -0.36
CA ALA A 68 5.60 17.79 0.94
C ALA A 68 5.14 16.84 2.03
N GLY A 69 5.96 16.66 3.05
CA GLY A 69 5.62 15.81 4.18
C GLY A 69 4.53 16.44 5.02
N SER A 70 3.86 15.64 5.84
CA SER A 70 2.77 16.10 6.71
C SER A 70 3.01 17.48 7.35
N LYS A 71 4.19 17.68 7.95
CA LYS A 71 4.52 18.93 8.62
C LYS A 71 5.00 20.06 7.69
N MET A 72 5.62 19.70 6.55
CA MET A 72 6.08 20.70 5.59
C MET A 72 4.87 21.25 4.86
N GLN A 73 3.80 20.44 4.75
CA GLN A 73 2.57 20.84 4.11
C GLN A 73 1.96 22.03 4.80
N GLY A 74 2.07 22.08 6.13
CA GLY A 74 1.54 23.17 6.94
C GLY A 74 2.29 24.46 6.73
N LEU A 75 3.61 24.37 6.61
CA LEU A 75 4.46 25.54 6.39
C LEU A 75 4.26 26.12 5.00
N LEU A 76 4.06 25.23 4.00
CA LEU A 76 3.83 25.65 2.63
C LEU A 76 2.48 26.31 2.55
N GLU A 77 1.46 25.62 3.06
CA GLU A 77 0.10 26.13 3.07
C GLU A 77 0.01 27.49 3.73
N ARG A 78 0.73 27.68 4.84
CA ARG A 78 0.73 28.95 5.57
C ARG A 78 1.38 30.09 4.80
N VAL A 79 2.28 29.76 3.87
CA VAL A 79 2.92 30.76 3.02
C VAL A 79 2.00 30.93 1.83
N ASN A 80 1.29 29.86 1.48
CA ASN A 80 0.36 29.86 0.38
C ASN A 80 -0.78 30.82 0.67
N THR A 81 -1.24 30.84 1.93
CA THR A 81 -2.32 31.73 2.38
C THR A 81 -1.96 33.21 2.25
N GLU A 82 -0.68 33.53 2.46
CA GLU A 82 -0.18 34.89 2.38
C GLU A 82 -0.27 35.47 0.99
N ILE A 83 -0.29 34.59 -0.03
CA ILE A 83 -0.30 35.00 -1.43
C ILE A 83 -1.44 34.39 -2.23
N HIS A 84 -2.38 33.72 -1.56
CA HIS A 84 -3.48 33.06 -2.25
C HIS A 84 -4.50 34.01 -2.83
N PHE A 85 -4.50 35.27 -2.38
CA PHE A 85 -5.44 36.26 -2.88
C PHE A 85 -5.36 36.47 -4.38
N VAL A 86 -4.19 36.19 -4.99
CA VAL A 86 -3.98 36.34 -6.43
C VAL A 86 -4.96 35.51 -7.26
N THR A 87 -5.53 34.48 -6.66
CA THR A 87 -6.48 33.61 -7.34
C THR A 87 -7.88 34.18 -7.33
N LYS A 88 -8.06 35.29 -6.60
CA LYS A 88 -9.35 35.99 -6.56
C LYS A 88 -9.59 36.65 -7.90
N CYS A 89 -8.51 36.75 -8.71
CA CYS A 89 -8.53 37.33 -10.04
C CYS A 89 -8.30 36.26 -11.10
N ALA A 90 -9.08 36.35 -12.20
CA ALA A 90 -9.03 35.44 -13.34
C ALA A 90 -7.80 35.65 -14.22
N PHE A 91 -6.62 35.36 -13.68
CA PHE A 91 -5.36 35.48 -14.41
C PHE A 91 -5.35 34.45 -15.51
N GLN A 92 -5.01 34.88 -16.72
CA GLN A 92 -4.94 33.99 -17.86
C GLN A 92 -3.74 33.06 -17.79
N PRO A 93 -3.82 31.84 -18.38
CA PRO A 93 -2.66 30.93 -18.34
C PRO A 93 -1.46 31.57 -19.03
N PRO A 94 -0.24 31.24 -18.59
CA PRO A 94 0.96 31.85 -19.19
C PRO A 94 1.00 31.75 -20.70
N PRO A 95 1.47 32.84 -21.36
CA PRO A 95 1.56 32.84 -22.84
C PRO A 95 2.69 31.93 -23.32
N SER A 96 2.64 31.51 -24.59
CA SER A 96 3.65 30.64 -25.16
C SER A 96 5.04 31.27 -25.16
N CYS A 97 5.09 32.61 -25.17
CA CYS A 97 6.33 33.38 -25.17
C CYS A 97 7.08 33.32 -23.86
N LEU A 98 6.38 32.98 -22.76
CA LEU A 98 6.97 32.94 -21.43
C LEU A 98 7.93 31.79 -21.20
N ARG A 99 9.20 32.14 -20.97
CA ARG A 99 10.25 31.17 -20.70
C ARG A 99 10.51 31.09 -19.21
N PHE A 100 10.69 29.88 -18.71
CA PHE A 100 10.96 29.65 -17.29
C PHE A 100 12.39 29.19 -17.10
N VAL A 101 13.01 29.58 -15.98
CA VAL A 101 14.38 29.21 -15.64
C VAL A 101 14.44 28.60 -14.23
N GLN A 102 15.21 27.51 -14.09
CA GLN A 102 15.36 26.81 -12.82
C GLN A 102 16.13 27.63 -11.80
N THR A 103 15.56 27.78 -10.61
CA THR A 103 16.18 28.53 -9.52
C THR A 103 15.94 27.85 -8.17
N ASN A 104 16.73 28.19 -7.16
CA ASN A 104 16.58 27.66 -5.81
C ASN A 104 15.30 28.15 -5.19
N ILE A 105 14.63 27.29 -4.42
CA ILE A 105 13.39 27.65 -3.73
C ILE A 105 13.63 28.81 -2.77
N SER A 106 14.89 28.98 -2.32
CA SER A 106 15.28 30.06 -1.43
C SER A 106 15.21 31.37 -2.21
N ARG A 107 15.50 31.30 -3.51
CA ARG A 107 15.45 32.45 -4.38
C ARG A 107 13.99 32.85 -4.59
N LEU A 108 13.14 31.85 -4.86
CA LEU A 108 11.72 32.07 -5.07
C LEU A 108 11.07 32.67 -3.83
N LEU A 109 11.40 32.13 -2.65
CA LEU A 109 10.85 32.61 -1.38
C LEU A 109 11.27 34.04 -1.08
N GLN A 110 12.53 34.37 -1.40
CA GLN A 110 13.07 35.70 -1.16
C GLN A 110 12.37 36.73 -2.04
N GLU A 111 12.21 36.40 -3.32
CA GLU A 111 11.56 37.27 -4.27
C GLU A 111 10.09 37.48 -3.90
N THR A 112 9.40 36.40 -3.50
CA THR A 112 8.00 36.46 -3.09
C THR A 112 7.85 37.48 -1.96
N SER A 113 8.76 37.44 -0.98
CA SER A 113 8.73 38.36 0.13
C SER A 113 8.84 39.78 -0.39
N GLU A 114 9.84 40.01 -1.27
CA GLU A 114 10.08 41.31 -1.87
C GLU A 114 8.87 41.85 -2.61
N GLN A 115 8.22 41.00 -3.41
CA GLN A 115 7.04 41.38 -4.19
C GLN A 115 5.88 41.77 -3.31
N LEU A 116 5.74 41.10 -2.16
CA LEU A 116 4.67 41.42 -1.23
C LEU A 116 4.91 42.80 -0.62
N VAL A 117 6.18 43.10 -0.30
CA VAL A 117 6.57 44.37 0.29
C VAL A 117 6.25 45.52 -0.62
N ALA A 118 6.70 45.42 -1.89
CA ALA A 118 6.50 46.46 -2.89
C ALA A 118 5.03 46.64 -3.24
N LEU A 119 4.25 45.55 -3.20
CA LEU A 119 2.84 45.54 -3.55
C LEU A 119 1.94 46.03 -2.43
N LYS A 120 2.39 45.89 -1.18
CA LYS A 120 1.65 46.27 0.02
C LYS A 120 1.05 47.69 -0.01
N PRO A 121 1.81 48.75 -0.38
CA PRO A 121 1.22 50.09 -0.38
C PRO A 121 0.24 50.37 -1.53
N TRP A 122 0.19 49.50 -2.54
CA TRP A 122 -0.62 49.74 -3.72
C TRP A 122 -1.76 48.78 -3.97
N ILE A 123 -1.73 47.61 -3.35
CA ILE A 123 -2.74 46.57 -3.54
C ILE A 123 -4.23 47.02 -3.56
N THR A 124 -4.56 48.04 -2.76
CA THR A 124 -5.94 48.51 -2.66
C THR A 124 -6.23 49.79 -3.42
N ARG A 125 -5.20 50.43 -3.97
CA ARG A 125 -5.33 51.71 -4.68
C ARG A 125 -5.38 51.55 -6.19
N GLN A 126 -4.87 50.43 -6.69
CA GLN A 126 -4.81 50.19 -8.14
C GLN A 126 -5.86 49.23 -8.66
N ASN A 127 -6.15 49.42 -9.94
CA ASN A 127 -7.03 48.57 -10.73
C ASN A 127 -6.05 47.66 -11.51
N PHE A 128 -6.12 46.37 -11.23
CA PHE A 128 -5.19 45.41 -11.82
C PHE A 128 -5.79 44.59 -12.94
N SER A 129 -6.87 45.10 -13.53
CA SER A 129 -7.57 44.42 -14.62
C SER A 129 -6.67 44.06 -15.79
N ARG A 130 -5.68 44.90 -16.12
CA ARG A 130 -4.80 44.62 -17.24
C ARG A 130 -3.64 43.68 -16.93
N CYS A 131 -3.53 43.25 -15.68
CA CYS A 131 -2.48 42.33 -15.24
C CYS A 131 -2.87 40.89 -15.51
N LEU A 132 -4.15 40.67 -15.81
CA LEU A 132 -4.71 39.33 -16.05
C LEU A 132 -4.06 38.59 -17.19
N GLU A 133 -3.49 39.33 -18.14
CA GLU A 133 -2.78 38.75 -19.27
C GLU A 133 -1.31 38.97 -19.04
N LEU A 134 -0.58 37.90 -18.74
CA LEU A 134 0.86 37.96 -18.50
C LEU A 134 1.54 38.31 -19.81
N GLN A 135 2.51 39.22 -19.76
CA GLN A 135 3.21 39.66 -20.97
C GLN A 135 4.71 39.39 -20.95
N CYS A 136 5.28 39.15 -22.14
CA CYS A 136 6.71 38.85 -22.31
C CYS A 136 7.49 40.05 -22.86
N ASP B 7 41.09 -2.24 10.13
CA ASP B 7 39.99 -3.11 10.53
C ASP B 7 38.69 -2.33 10.70
N CYS B 8 37.57 -3.04 10.95
CA CYS B 8 36.26 -2.42 11.13
C CYS B 8 35.32 -3.37 11.82
N SER B 9 35.00 -3.09 13.07
CA SER B 9 34.08 -3.91 13.85
C SER B 9 33.57 -3.07 15.00
N PHE B 10 32.41 -3.43 15.56
CA PHE B 10 31.81 -2.69 16.66
C PHE B 10 31.53 -3.63 17.83
N GLN B 11 32.13 -3.37 19.02
CA GLN B 11 31.94 -4.20 20.22
C GLN B 11 30.51 -4.12 20.73
N HIS B 12 30.07 -2.91 21.15
CA HIS B 12 28.70 -2.64 21.57
C HIS B 12 27.97 -2.00 20.36
N SER B 13 26.64 -2.22 20.26
CA SER B 13 25.82 -1.77 19.13
C SER B 13 25.69 -0.27 18.85
N PRO B 14 26.18 0.19 17.67
CA PRO B 14 26.05 1.61 17.31
C PRO B 14 24.74 1.93 16.55
N ILE B 15 23.82 0.94 16.45
CA ILE B 15 22.51 1.11 15.80
C ILE B 15 21.44 1.32 16.88
N SER B 16 20.78 2.49 16.84
CA SER B 16 19.74 2.85 17.81
C SER B 16 18.47 2.09 17.56
N SER B 17 17.63 1.93 18.60
CA SER B 17 16.32 1.28 18.51
C SER B 17 15.30 2.26 17.93
N ASP B 18 15.43 3.57 18.26
CA ASP B 18 14.51 4.62 17.83
C ASP B 18 15.00 5.43 16.66
N PHE B 19 15.72 4.79 15.72
CA PHE B 19 16.26 5.48 14.55
C PHE B 19 15.17 5.74 13.50
N ALA B 20 14.15 4.85 13.48
CA ALA B 20 13.06 4.94 12.52
C ALA B 20 12.21 6.16 12.82
N VAL B 21 12.32 6.66 14.05
CA VAL B 21 11.59 7.81 14.52
C VAL B 21 12.21 9.08 13.97
N LYS B 22 13.54 9.14 14.02
CA LYS B 22 14.28 10.30 13.56
C LYS B 22 14.14 10.48 12.07
N ILE B 23 13.86 9.39 11.36
CA ILE B 23 13.73 9.43 9.91
C ILE B 23 12.33 9.85 9.51
N ARG B 24 11.34 9.47 10.31
CA ARG B 24 9.96 9.83 10.04
C ARG B 24 9.79 11.30 10.36
N GLU B 25 10.57 11.79 11.32
CA GLU B 25 10.50 13.16 11.75
C GLU B 25 11.14 14.05 10.71
N LEU B 26 12.24 13.58 10.08
CA LEU B 26 12.92 14.35 9.04
C LEU B 26 12.02 14.40 7.83
N SER B 27 11.45 13.25 7.47
CA SER B 27 10.55 13.13 6.35
C SER B 27 9.31 14.03 6.47
N ASP B 28 8.88 14.33 7.70
CA ASP B 28 7.73 15.19 7.94
C ASP B 28 7.94 16.65 7.55
N TYR B 29 9.19 17.06 7.35
CA TYR B 29 9.52 18.42 6.97
C TYR B 29 10.26 18.46 5.64
N LEU B 30 10.28 17.35 4.93
CA LEU B 30 10.98 17.26 3.66
C LEU B 30 10.07 17.35 2.48
N LEU B 31 10.64 17.92 1.41
CA LEU B 31 10.09 17.96 0.06
C LEU B 31 10.64 16.67 -0.54
N GLN B 32 9.81 15.62 -0.52
CA GLN B 32 10.16 14.25 -0.86
C GLN B 32 10.84 13.95 -2.21
N ASP B 33 10.69 14.81 -3.22
CA ASP B 33 11.35 14.53 -4.48
C ASP B 33 12.65 15.31 -4.69
N TYR B 34 13.22 15.82 -3.58
CA TYR B 34 14.48 16.55 -3.64
C TYR B 34 15.52 15.58 -4.22
N PRO B 35 16.28 15.98 -5.24
CA PRO B 35 17.21 15.03 -5.85
C PRO B 35 18.49 14.73 -5.07
N VAL B 36 18.67 13.46 -4.74
CA VAL B 36 19.87 12.90 -4.11
C VAL B 36 20.37 11.82 -5.08
N THR B 37 21.38 11.04 -4.70
CA THR B 37 21.88 9.94 -5.54
C THR B 37 22.07 8.69 -4.73
N VAL B 38 22.12 7.56 -5.43
CA VAL B 38 22.33 6.25 -4.86
C VAL B 38 23.24 5.53 -5.81
N ALA B 39 24.10 4.62 -5.32
CA ALA B 39 24.97 3.89 -6.24
C ALA B 39 24.09 2.96 -7.03
N SER B 40 24.28 2.93 -8.35
CA SER B 40 23.48 2.10 -9.24
C SER B 40 24.06 0.70 -9.45
N ASN B 41 25.39 0.56 -9.35
CA ASN B 41 26.06 -0.71 -9.59
C ASN B 41 26.88 -1.24 -8.42
N LEU B 42 26.30 -1.29 -7.22
CA LEU B 42 27.05 -1.82 -6.08
C LEU B 42 27.01 -3.32 -6.14
N GLN B 43 28.19 -3.96 -6.06
CA GLN B 43 28.32 -5.41 -6.09
C GLN B 43 27.40 -6.03 -5.04
N ASP B 44 26.81 -7.18 -5.38
CA ASP B 44 25.94 -7.92 -4.48
C ASP B 44 26.81 -8.57 -3.41
N GLU B 45 26.73 -8.04 -2.19
CA GLU B 45 27.51 -8.54 -1.07
C GLU B 45 26.67 -8.42 0.20
N GLU B 46 25.90 -9.46 0.55
CA GLU B 46 25.04 -9.37 1.72
C GLU B 46 25.67 -9.11 3.09
N LEU B 47 26.99 -8.88 3.13
CA LEU B 47 27.69 -8.52 4.35
C LEU B 47 28.06 -7.03 4.34
N CYS B 48 28.56 -6.53 3.20
CA CYS B 48 28.99 -5.15 3.06
C CYS B 48 27.94 -4.23 2.43
N GLY B 49 27.04 -4.79 1.65
CA GLY B 49 25.98 -4.09 0.93
C GLY B 49 25.32 -2.90 1.61
N GLY B 50 24.58 -3.17 2.67
CA GLY B 50 23.88 -2.13 3.42
C GLY B 50 24.84 -1.10 3.99
N LEU B 51 26.01 -1.58 4.44
CA LEU B 51 27.08 -0.77 5.01
C LEU B 51 27.63 0.22 3.98
N TRP B 52 27.80 -0.23 2.73
CA TRP B 52 28.30 0.62 1.65
C TRP B 52 27.33 1.75 1.38
N ARG B 53 26.04 1.42 1.32
CA ARG B 53 24.98 2.40 1.08
C ARG B 53 24.79 3.35 2.24
N LEU B 54 25.00 2.87 3.48
CA LEU B 54 24.89 3.71 4.66
C LEU B 54 26.00 4.73 4.66
N VAL B 55 27.20 4.31 4.21
CA VAL B 55 28.35 5.20 4.10
C VAL B 55 28.03 6.29 3.11
N LEU B 56 27.42 5.92 1.99
CA LEU B 56 27.02 6.84 0.92
C LEU B 56 25.90 7.75 1.37
N ALA B 57 24.87 7.16 2.03
CA ALA B 57 23.72 7.91 2.57
C ALA B 57 24.25 8.89 3.61
N GLN B 58 25.24 8.44 4.40
CA GLN B 58 25.88 9.25 5.40
C GLN B 58 26.56 10.44 4.75
N ARG B 59 27.28 10.23 3.65
CA ARG B 59 27.94 11.30 2.92
C ARG B 59 26.91 12.32 2.47
N TRP B 60 25.68 11.87 2.18
CA TRP B 60 24.62 12.73 1.75
C TRP B 60 24.05 13.59 2.85
N MET B 61 23.98 13.07 4.08
CA MET B 61 23.45 13.80 5.24
C MET B 61 24.28 15.01 5.56
N GLU B 62 25.57 14.93 5.27
CA GLU B 62 26.52 16.02 5.49
C GLU B 62 26.34 17.10 4.45
N ARG B 63 26.24 16.70 3.16
CA ARG B 63 26.04 17.62 2.04
C ARG B 63 24.75 18.37 2.24
N LEU B 64 23.71 17.67 2.68
CA LEU B 64 22.40 18.25 2.90
C LEU B 64 22.38 19.28 4.02
N LYS B 65 23.14 19.06 5.09
CA LYS B 65 23.19 19.96 6.23
C LYS B 65 23.66 21.35 5.82
N THR B 66 24.58 21.42 4.85
CA THR B 66 25.15 22.67 4.36
C THR B 66 24.17 23.58 3.61
N VAL B 67 23.13 23.00 3.02
CA VAL B 67 22.15 23.75 2.26
C VAL B 67 20.78 23.70 2.94
N ALA B 68 20.77 23.33 4.22
CA ALA B 68 19.54 23.22 5.00
C ALA B 68 19.33 24.43 5.86
N GLY B 69 18.07 24.76 6.11
CA GLY B 69 17.72 25.88 6.96
C GLY B 69 18.03 25.55 8.40
N SER B 70 18.11 26.58 9.25
CA SER B 70 18.42 26.44 10.68
C SER B 70 17.73 25.23 11.35
N LYS B 71 16.42 25.08 11.14
CA LYS B 71 15.65 24.00 11.75
C LYS B 71 15.74 22.65 11.02
N MET B 72 15.97 22.67 9.70
CA MET B 72 16.12 21.45 8.90
C MET B 72 17.47 20.84 9.23
N GLN B 73 18.44 21.69 9.60
CA GLN B 73 19.79 21.27 9.95
C GLN B 73 19.76 20.31 11.14
N GLY B 74 18.85 20.57 12.10
CA GLY B 74 18.69 19.74 13.28
C GLY B 74 18.12 18.38 12.97
N LEU B 75 17.15 18.32 12.06
CA LEU B 75 16.52 17.07 11.64
C LEU B 75 17.48 16.21 10.85
N LEU B 76 18.32 16.84 10.02
CA LEU B 76 19.32 16.15 9.21
C LEU B 76 20.38 15.61 10.12
N GLU B 77 20.93 16.48 10.95
CA GLU B 77 21.95 16.11 11.91
C GLU B 77 21.50 14.95 12.80
N ARG B 78 20.24 14.97 13.24
CA ARG B 78 19.70 13.91 14.09
C ARG B 78 19.56 12.57 13.39
N VAL B 79 19.44 12.59 12.06
CA VAL B 79 19.38 11.37 11.26
C VAL B 79 20.82 11.00 10.95
N ASN B 80 21.67 12.01 10.85
CA ASN B 80 23.09 11.83 10.60
C ASN B 80 23.71 11.06 11.75
N THR B 81 23.33 11.38 12.99
CA THR B 81 23.83 10.72 14.20
C THR B 81 23.51 9.24 14.23
N GLU B 82 22.35 8.85 13.66
CA GLU B 82 21.88 7.47 13.62
C GLU B 82 22.76 6.59 12.75
N ILE B 83 23.47 7.21 11.80
CA ILE B 83 24.30 6.48 10.85
C ILE B 83 25.73 6.98 10.79
N HIS B 84 26.11 7.87 11.71
CA HIS B 84 27.47 8.44 11.70
C HIS B 84 28.55 7.47 12.10
N PHE B 85 28.18 6.37 12.75
CA PHE B 85 29.14 5.37 13.19
C PHE B 85 29.99 4.80 12.03
N VAL B 86 29.46 4.82 10.80
CA VAL B 86 30.15 4.31 9.61
C VAL B 86 31.48 4.99 9.38
N THR B 87 31.65 6.19 9.94
CA THR B 87 32.87 6.97 9.79
C THR B 87 33.93 6.53 10.80
N LYS B 88 33.56 5.63 11.71
CA LYS B 88 34.49 5.08 12.70
C LYS B 88 35.44 4.16 11.98
N CYS B 89 35.08 3.77 10.75
CA CYS B 89 35.86 2.90 9.87
C CYS B 89 36.42 3.65 8.67
N ALA B 90 37.68 3.36 8.33
CA ALA B 90 38.40 3.98 7.23
C ALA B 90 37.95 3.46 5.87
N PHE B 91 36.70 3.79 5.50
CA PHE B 91 36.15 3.39 4.21
C PHE B 91 36.89 4.13 3.12
N GLN B 92 37.32 3.40 2.09
CA GLN B 92 38.03 3.98 0.97
C GLN B 92 37.13 4.80 0.07
N PRO B 93 37.65 5.84 -0.62
CA PRO B 93 36.78 6.63 -1.51
C PRO B 93 36.20 5.76 -2.60
N PRO B 94 34.98 6.09 -3.08
CA PRO B 94 34.36 5.26 -4.12
C PRO B 94 35.27 4.98 -5.32
N PRO B 95 35.23 3.73 -5.84
CA PRO B 95 36.03 3.38 -7.02
C PRO B 95 35.50 4.05 -8.29
N SER B 96 36.34 4.16 -9.32
CA SER B 96 35.96 4.79 -10.58
C SER B 96 34.82 4.06 -11.27
N CYS B 97 34.67 2.76 -10.97
CA CYS B 97 33.64 1.93 -11.55
C CYS B 97 32.25 2.23 -11.03
N LEU B 98 32.16 2.87 -9.85
CA LEU B 98 30.89 3.17 -9.21
C LEU B 98 30.09 4.26 -9.90
N ARG B 99 28.91 3.87 -10.40
CA ARG B 99 27.99 4.78 -11.07
C ARG B 99 26.89 5.18 -10.12
N PHE B 100 26.54 6.46 -10.13
CA PHE B 100 25.49 6.98 -9.28
C PHE B 100 24.27 7.37 -10.11
N VAL B 101 23.06 7.20 -9.53
CA VAL B 101 21.81 7.51 -10.22
C VAL B 101 20.95 8.43 -9.34
N GLN B 102 20.34 9.45 -9.96
CA GLN B 102 19.51 10.42 -9.24
C GLN B 102 18.21 9.81 -8.74
N THR B 103 17.92 9.99 -7.45
CA THR B 103 16.71 9.47 -6.83
C THR B 103 16.15 10.46 -5.83
N ASN B 104 14.86 10.30 -5.45
CA ASN B 104 14.21 11.15 -4.46
C ASN B 104 14.81 10.93 -3.10
N ILE B 105 14.93 12.00 -2.31
CA ILE B 105 15.46 11.92 -0.96
C ILE B 105 14.60 10.99 -0.10
N SER B 106 13.32 10.83 -0.49
CA SER B 106 12.39 9.95 0.21
C SER B 106 12.81 8.52 -0.03
N ARG B 107 13.37 8.26 -1.21
CA ARG B 107 13.87 6.93 -1.56
C ARG B 107 15.10 6.63 -0.74
N LEU B 108 16.02 7.59 -0.66
CA LEU B 108 17.26 7.46 0.10
C LEU B 108 16.97 7.23 1.57
N LEU B 109 16.03 7.99 2.14
CA LEU B 109 15.65 7.87 3.55
C LEU B 109 15.02 6.52 3.86
N GLN B 110 14.20 6.02 2.94
CA GLN B 110 13.53 4.74 3.08
C GLN B 110 14.52 3.61 3.09
N GLU B 111 15.45 3.64 2.14
CA GLU B 111 16.48 2.62 2.03
C GLU B 111 17.40 2.64 3.24
N THR B 112 17.79 3.83 3.71
CA THR B 112 18.63 3.98 4.89
C THR B 112 18.00 3.27 6.09
N SER B 113 16.68 3.46 6.26
CA SER B 113 15.95 2.83 7.35
C SER B 113 16.07 1.32 7.21
N GLU B 114 15.79 0.82 5.99
CA GLU B 114 15.86 -0.62 5.69
C GLU B 114 17.24 -1.20 6.00
N GLN B 115 18.30 -0.50 5.59
CA GLN B 115 19.67 -0.95 5.82
C GLN B 115 20.02 -1.04 7.28
N LEU B 116 19.49 -0.10 8.08
CA LEU B 116 19.75 -0.11 9.51
C LEU B 116 19.08 -1.31 10.15
N VAL B 117 17.87 -1.63 9.70
CA VAL B 117 17.09 -2.76 10.20
C VAL B 117 17.81 -4.06 9.96
N ALA B 118 18.23 -4.30 8.71
CA ALA B 118 18.92 -5.52 8.33
C ALA B 118 20.28 -5.67 8.99
N LEU B 119 20.94 -4.54 9.24
CA LEU B 119 22.27 -4.49 9.84
C LEU B 119 22.26 -4.63 11.35
N LYS B 120 21.16 -4.23 11.98
CA LYS B 120 20.99 -4.25 13.44
C LYS B 120 21.36 -5.59 14.13
N PRO B 121 20.90 -6.76 13.62
CA PRO B 121 21.27 -8.01 14.31
C PRO B 121 22.71 -8.48 14.10
N TRP B 122 23.43 -7.87 13.15
CA TRP B 122 24.78 -8.31 12.81
C TRP B 122 25.91 -7.34 13.08
N ILE B 123 25.60 -6.05 13.25
CA ILE B 123 26.61 -5.00 13.46
C ILE B 123 27.75 -5.31 14.45
N THR B 124 27.45 -6.10 15.50
CA THR B 124 28.43 -6.41 16.54
C THR B 124 29.03 -7.82 16.45
N ARG B 125 28.49 -8.64 15.54
CA ARG B 125 28.93 -10.03 15.39
C ARG B 125 29.91 -10.24 14.24
N GLN B 126 29.90 -9.32 13.28
CA GLN B 126 30.75 -9.42 12.10
C GLN B 126 31.96 -8.54 12.12
N ASN B 127 32.96 -8.99 11.37
CA ASN B 127 34.20 -8.28 11.10
C ASN B 127 33.98 -7.65 9.71
N PHE B 128 33.96 -6.33 9.65
CA PHE B 128 33.66 -5.61 8.42
C PHE B 128 34.88 -5.04 7.74
N SER B 129 36.04 -5.59 8.06
CA SER B 129 37.32 -5.13 7.50
C SER B 129 37.35 -5.13 5.98
N ARG B 130 36.71 -6.11 5.33
CA ARG B 130 36.72 -6.16 3.87
C ARG B 130 35.68 -5.29 3.18
N CYS B 131 34.87 -4.58 3.96
CA CYS B 131 33.84 -3.69 3.45
C CYS B 131 34.42 -2.32 3.14
N LEU B 132 35.64 -2.07 3.63
CA LEU B 132 36.32 -0.78 3.48
C LEU B 132 36.58 -0.38 2.03
N GLU B 133 36.64 -1.37 1.14
CA GLU B 133 36.82 -1.13 -0.29
C GLU B 133 35.49 -1.42 -0.95
N LEU B 134 34.81 -0.37 -1.43
CA LEU B 134 33.52 -0.50 -2.10
C LEU B 134 33.74 -1.19 -3.42
N GLN B 135 32.89 -2.15 -3.76
CA GLN B 135 33.04 -2.91 -4.99
C GLN B 135 31.87 -2.78 -5.95
N CYS B 136 32.16 -2.87 -7.27
CA CYS B 136 31.16 -2.75 -8.34
C CYS B 136 30.78 -4.11 -8.93
N ASP C 7 38.91 9.29 -18.39
CA ASP C 7 38.78 9.25 -19.84
C ASP C 7 37.37 8.87 -20.25
N CYS C 8 37.09 8.89 -21.57
CA CYS C 8 35.77 8.58 -22.10
C CYS C 8 35.86 8.27 -23.57
N SER C 9 35.69 7.01 -23.93
CA SER C 9 35.73 6.58 -25.33
C SER C 9 35.04 5.24 -25.41
N PHE C 10 34.56 4.88 -26.60
CA PHE C 10 33.87 3.61 -26.79
C PHE C 10 34.53 2.82 -27.92
N GLN C 11 35.02 1.58 -27.65
CA GLN C 11 35.68 0.72 -28.64
C GLN C 11 34.69 0.27 -29.70
N HIS C 12 33.66 -0.51 -29.30
CA HIS C 12 32.57 -0.94 -30.18
C HIS C 12 31.37 0.01 -29.94
N SER C 13 30.54 0.23 -30.97
CA SER C 13 29.41 1.18 -30.94
C SER C 13 28.28 0.95 -29.95
N PRO C 14 28.08 1.90 -29.00
CA PRO C 14 26.97 1.78 -28.04
C PRO C 14 25.66 2.44 -28.53
N ILE C 15 25.63 2.90 -29.80
CA ILE C 15 24.45 3.51 -30.42
C ILE C 15 23.75 2.46 -31.30
N SER C 16 22.49 2.12 -30.96
CA SER C 16 21.70 1.12 -31.68
C SER C 16 21.24 1.63 -33.02
N SER C 17 20.93 0.72 -33.95
CA SER C 17 20.42 1.07 -35.27
C SER C 17 18.92 1.34 -35.17
N ASP C 18 18.23 0.60 -34.28
CA ASP C 18 16.78 0.70 -34.09
C ASP C 18 16.35 1.54 -32.90
N PHE C 19 17.09 2.61 -32.59
CA PHE C 19 16.78 3.49 -31.47
C PHE C 19 15.62 4.41 -31.79
N ALA C 20 15.48 4.76 -33.07
CA ALA C 20 14.45 5.67 -33.53
C ALA C 20 13.09 5.02 -33.38
N VAL C 21 13.09 3.69 -33.28
CA VAL C 21 11.88 2.90 -33.13
C VAL C 21 11.39 2.99 -31.70
N LYS C 22 12.31 2.88 -30.75
CA LYS C 22 11.97 2.91 -29.34
C LYS C 22 11.46 4.27 -28.92
N ILE C 23 11.83 5.31 -29.67
CA ILE C 23 11.42 6.67 -29.38
C ILE C 23 10.05 6.97 -29.95
N ARG C 24 9.75 6.37 -31.09
CA ARG C 24 8.46 6.55 -31.74
C ARG C 24 7.41 5.77 -30.94
N GLU C 25 7.86 4.68 -30.32
CA GLU C 25 6.98 3.82 -29.55
C GLU C 25 6.64 4.49 -28.23
N LEU C 26 7.63 5.19 -27.63
CA LEU C 26 7.41 5.91 -26.38
C LEU C 26 6.48 7.08 -26.65
N SER C 27 6.76 7.82 -27.72
CA SER C 27 5.96 8.96 -28.14
C SER C 27 4.48 8.58 -28.43
N ASP C 28 4.23 7.34 -28.84
CA ASP C 28 2.88 6.87 -29.12
C ASP C 28 1.99 6.75 -27.88
N TYR C 29 2.58 6.77 -26.69
CA TYR C 29 1.84 6.66 -25.45
C TYR C 29 2.09 7.90 -24.56
N LEU C 30 2.68 8.92 -25.12
CA LEU C 30 2.98 10.12 -24.37
C LEU C 30 2.04 11.25 -24.63
N LEU C 31 1.86 12.06 -23.58
CA LEU C 31 1.17 13.33 -23.59
C LEU C 31 2.30 14.29 -23.92
N GLN C 32 2.40 14.64 -25.19
CA GLN C 32 3.47 15.41 -25.80
C GLN C 32 3.89 16.76 -25.19
N ASP C 33 3.01 17.42 -24.46
CA ASP C 33 3.42 18.69 -23.86
C ASP C 33 3.79 18.58 -22.38
N TYR C 34 4.11 17.35 -21.93
CA TYR C 34 4.52 17.13 -20.55
C TYR C 34 5.80 17.96 -20.34
N PRO C 35 5.89 18.77 -19.28
CA PRO C 35 7.06 19.62 -19.12
C PRO C 35 8.34 18.95 -18.63
N VAL C 36 9.38 19.05 -19.45
CA VAL C 36 10.73 18.58 -19.16
C VAL C 36 11.61 19.82 -19.30
N THR C 37 12.94 19.69 -19.23
CA THR C 37 13.85 20.82 -19.41
C THR C 37 14.98 20.45 -20.34
N VAL C 38 15.63 21.48 -20.88
CA VAL C 38 16.77 21.36 -21.77
C VAL C 38 17.72 22.46 -21.36
N ALA C 39 19.03 22.25 -21.50
CA ALA C 39 19.95 23.33 -21.16
C ALA C 39 19.77 24.42 -22.21
N SER C 40 19.66 25.68 -21.76
CA SER C 40 19.44 26.81 -22.66
C SER C 40 20.76 27.44 -23.13
N ASN C 41 21.83 27.34 -22.33
CA ASN C 41 23.10 27.96 -22.66
C ASN C 41 24.29 27.00 -22.75
N LEU C 42 24.15 25.90 -23.49
CA LEU C 42 25.27 24.98 -23.63
C LEU C 42 26.22 25.53 -24.66
N GLN C 43 27.50 25.62 -24.30
CA GLN C 43 28.56 26.10 -25.18
C GLN C 43 28.52 25.35 -26.51
N ASP C 44 28.79 26.06 -27.61
CA ASP C 44 28.84 25.48 -28.94
C ASP C 44 30.11 24.65 -29.04
N GLU C 45 29.94 23.34 -29.06
CA GLU C 45 31.07 22.41 -29.14
C GLU C 45 30.65 21.20 -29.98
N GLU C 46 30.85 21.25 -31.29
CA GLU C 46 30.41 20.14 -32.14
C GLU C 46 30.97 18.73 -31.88
N LEU C 47 31.76 18.57 -30.81
CA LEU C 47 32.28 17.27 -30.40
C LEU C 47 31.56 16.79 -29.13
N CYS C 48 31.35 17.69 -28.16
CA CYS C 48 30.71 17.36 -26.89
C CYS C 48 29.22 17.68 -26.83
N GLY C 49 28.78 18.63 -27.65
CA GLY C 49 27.40 19.12 -27.71
C GLY C 49 26.29 18.12 -27.54
N GLY C 50 26.14 17.22 -28.51
CA GLY C 50 25.10 16.20 -28.48
C GLY C 50 25.22 15.29 -27.28
N LEU C 51 26.47 14.98 -26.90
CA LEU C 51 26.83 14.15 -25.76
C LEU C 51 26.38 14.78 -24.44
N TRP C 52 26.54 16.12 -24.31
CA TRP C 52 26.11 16.85 -23.11
C TRP C 52 24.60 16.76 -22.95
N ARG C 53 23.87 16.97 -24.05
CA ARG C 53 22.41 16.92 -24.06
C ARG C 53 21.88 15.51 -23.85
N LEU C 54 22.59 14.50 -24.36
CA LEU C 54 22.20 13.09 -24.17
C LEU C 54 22.34 12.74 -22.70
N VAL C 55 23.38 13.26 -22.05
CA VAL C 55 23.61 13.04 -20.63
C VAL C 55 22.45 13.63 -19.85
N LEU C 56 22.04 14.83 -20.23
CA LEU C 56 20.93 15.54 -19.61
C LEU C 56 19.60 14.85 -19.90
N ALA C 57 19.38 14.45 -21.16
CA ALA C 57 18.17 13.74 -21.60
C ALA C 57 18.11 12.44 -20.84
N GLN C 58 19.28 11.80 -20.65
CA GLN C 58 19.40 10.56 -19.92
C GLN C 58 18.98 10.76 -18.47
N ARG C 59 19.41 11.86 -17.85
CA ARG C 59 19.03 12.17 -16.48
C ARG C 59 17.52 12.29 -16.39
N TRP C 60 16.89 12.76 -17.48
CA TRP C 60 15.44 12.92 -17.50
C TRP C 60 14.68 11.62 -17.61
N MET C 61 15.24 10.63 -18.32
CA MET C 61 14.61 9.32 -18.49
C MET C 61 14.47 8.60 -17.17
N GLU C 62 15.39 8.85 -16.25
CA GLU C 62 15.41 8.25 -14.93
C GLU C 62 14.36 8.90 -14.06
N ARG C 63 14.29 10.24 -14.07
CA ARG C 63 13.31 11.02 -13.31
C ARG C 63 11.91 10.64 -13.74
N LEU C 64 11.71 10.48 -15.04
CA LEU C 64 10.43 10.12 -15.60
C LEU C 64 9.95 8.73 -15.21
N LYS C 65 10.86 7.77 -15.12
CA LYS C 65 10.54 6.40 -14.77
C LYS C 65 9.86 6.31 -13.40
N THR C 66 10.29 7.18 -12.46
CA THR C 66 9.77 7.21 -11.08
C THR C 66 8.33 7.65 -10.96
N VAL C 67 7.85 8.43 -11.92
CA VAL C 67 6.48 8.95 -11.91
C VAL C 67 5.67 8.37 -13.07
N ALA C 68 6.15 7.29 -13.65
CA ALA C 68 5.51 6.64 -14.77
C ALA C 68 4.72 5.43 -14.33
N GLY C 69 3.64 5.12 -15.02
CA GLY C 69 2.81 3.97 -14.72
C GLY C 69 3.54 2.69 -15.12
N SER C 70 3.10 1.56 -14.57
CA SER C 70 3.70 0.25 -14.84
C SER C 70 4.13 0.03 -16.31
N LYS C 71 3.24 0.33 -17.25
CA LYS C 71 3.53 0.13 -18.67
C LYS C 71 4.35 1.25 -19.33
N MET C 72 4.22 2.49 -18.81
CA MET C 72 4.99 3.63 -19.33
C MET C 72 6.44 3.47 -18.88
N GLN C 73 6.65 2.81 -17.75
CA GLN C 73 7.97 2.57 -17.20
C GLN C 73 8.81 1.76 -18.17
N GLY C 74 8.17 0.81 -18.86
CA GLY C 74 8.85 -0.04 -19.83
C GLY C 74 9.28 0.71 -21.07
N LEU C 75 8.43 1.63 -21.53
CA LEU C 75 8.72 2.44 -22.71
C LEU C 75 9.83 3.44 -22.42
N LEU C 76 9.84 4.01 -21.21
CA LEU C 76 10.86 4.96 -20.79
C LEU C 76 12.17 4.24 -20.66
N GLU C 77 12.16 3.14 -19.90
CA GLU C 77 13.34 2.31 -19.70
C GLU C 77 13.96 1.88 -21.02
N ARG C 78 13.13 1.49 -21.98
CA ARG C 78 13.62 1.05 -23.29
C ARG C 78 14.26 2.15 -24.10
N VAL C 79 13.89 3.40 -23.83
CA VAL C 79 14.48 4.55 -24.50
C VAL C 79 15.70 4.92 -23.68
N ASN C 80 15.64 4.64 -22.37
CA ASN C 80 16.72 4.90 -21.45
C ASN C 80 17.92 4.05 -21.83
N THR C 81 17.68 2.79 -22.21
CA THR C 81 18.73 1.85 -22.62
C THR C 81 19.48 2.31 -23.85
N GLU C 82 18.78 3.00 -24.77
CA GLU C 82 19.36 3.49 -26.01
C GLU C 82 20.40 4.57 -25.77
N ILE C 83 20.31 5.25 -24.62
CA ILE C 83 21.19 6.37 -24.29
C ILE C 83 21.88 6.20 -22.94
N HIS C 84 21.76 5.04 -22.32
CA HIS C 84 22.35 4.81 -21.01
C HIS C 84 23.86 4.72 -21.02
N PHE C 85 24.45 4.48 -22.18
CA PHE C 85 25.89 4.36 -22.30
C PHE C 85 26.65 5.60 -21.81
N VAL C 86 25.99 6.77 -21.85
CA VAL C 86 26.60 8.04 -21.40
C VAL C 86 27.05 8.00 -19.95
N THR C 87 26.49 7.06 -19.18
CA THR C 87 26.85 6.91 -17.76
C THR C 87 28.10 6.08 -17.60
N LYS C 88 28.61 5.51 -18.70
CA LYS C 88 29.83 4.72 -18.67
C LYS C 88 31.00 5.68 -18.46
N CYS C 89 30.74 6.99 -18.65
CA CYS C 89 31.70 8.05 -18.48
C CYS C 89 31.35 8.93 -17.28
N ALA C 90 32.39 9.28 -16.50
CA ALA C 90 32.29 10.12 -15.29
C ALA C 90 32.04 11.59 -15.60
N PHE C 91 30.85 11.88 -16.16
CA PHE C 91 30.46 13.24 -16.48
C PHE C 91 30.28 14.01 -15.18
N GLN C 92 30.87 15.20 -15.11
CA GLN C 92 30.76 16.04 -13.93
C GLN C 92 29.39 16.65 -13.79
N PRO C 93 28.93 16.95 -12.54
CA PRO C 93 27.61 17.56 -12.38
C PRO C 93 27.54 18.90 -13.09
N PRO C 94 26.35 19.30 -13.58
CA PRO C 94 26.23 20.57 -14.31
C PRO C 94 26.83 21.76 -13.56
N PRO C 95 27.51 22.66 -14.31
CA PRO C 95 28.10 23.85 -13.67
C PRO C 95 27.02 24.86 -13.26
N SER C 96 27.36 25.76 -12.34
CA SER C 96 26.40 26.75 -11.85
C SER C 96 25.92 27.68 -12.96
N CYS C 97 26.74 27.86 -14.01
CA CYS C 97 26.44 28.71 -15.15
C CYS C 97 25.34 28.15 -16.04
N LEU C 98 25.09 26.85 -15.97
CA LEU C 98 24.10 26.18 -16.81
C LEU C 98 22.66 26.50 -16.46
N ARG C 99 21.97 27.15 -17.40
CA ARG C 99 20.57 27.52 -17.25
C ARG C 99 19.69 26.52 -17.97
N PHE C 100 18.59 26.14 -17.35
CA PHE C 100 17.65 25.19 -17.95
C PHE C 100 16.36 25.90 -18.31
N VAL C 101 15.72 25.46 -19.41
CA VAL C 101 14.46 26.03 -19.89
C VAL C 101 13.41 24.92 -20.10
N GLN C 102 12.18 25.19 -19.66
CA GLN C 102 11.07 24.24 -19.78
C GLN C 102 10.65 24.02 -21.21
N THR C 103 10.58 22.75 -21.62
CA THR C 103 10.18 22.37 -22.97
C THR C 103 9.31 21.12 -22.95
N ASN C 104 8.57 20.86 -24.04
CA ASN C 104 7.73 19.68 -24.18
C ASN C 104 8.59 18.44 -24.26
N ILE C 105 8.13 17.34 -23.65
CA ILE C 105 8.83 16.07 -23.68
C ILE C 105 9.00 15.58 -25.13
N SER C 106 8.11 16.05 -26.02
CA SER C 106 8.15 15.71 -27.44
C SER C 106 9.36 16.38 -28.05
N ARG C 107 9.70 17.56 -27.54
CA ARG C 107 10.86 18.31 -28.00
C ARG C 107 12.12 17.59 -27.57
N LEU C 108 12.16 17.17 -26.30
CA LEU C 108 13.29 16.46 -25.73
C LEU C 108 13.54 15.16 -26.47
N LEU C 109 12.47 14.40 -26.75
CA LEU C 109 12.56 13.12 -27.45
C LEU C 109 13.07 13.28 -28.88
N GLN C 110 12.60 14.35 -29.55
CA GLN C 110 13.00 14.63 -30.91
C GLN C 110 14.48 14.96 -31.00
N GLU C 111 14.94 15.83 -30.09
CA GLU C 111 16.34 16.23 -30.03
C GLU C 111 17.23 15.05 -29.71
N THR C 112 16.81 14.20 -28.75
CA THR C 112 17.56 13.01 -28.37
C THR C 112 17.80 12.13 -29.60
N SER C 113 16.76 11.95 -30.42
CA SER C 113 16.87 11.15 -31.63
C SER C 113 17.92 11.77 -32.53
N GLU C 114 17.82 13.09 -32.75
CA GLU C 114 18.76 13.84 -33.59
C GLU C 114 20.21 13.69 -33.11
N GLN C 115 20.43 13.82 -31.80
CA GLN C 115 21.75 13.71 -31.21
C GLN C 115 22.35 12.34 -31.40
N LEU C 116 21.51 11.30 -31.35
CA LEU C 116 21.99 9.95 -31.55
C LEU C 116 22.44 9.76 -32.98
N VAL C 117 21.68 10.33 -33.93
CA VAL C 117 21.96 10.24 -35.35
C VAL C 117 23.31 10.85 -35.67
N ALA C 118 23.50 12.11 -35.22
CA ALA C 118 24.74 12.84 -35.48
C ALA C 118 25.96 12.20 -34.80
N LEU C 119 25.73 11.59 -33.63
CA LEU C 119 26.78 10.97 -32.84
C LEU C 119 27.18 9.58 -33.33
N LYS C 120 26.24 8.89 -33.99
CA LYS C 120 26.43 7.53 -34.50
C LYS C 120 27.72 7.31 -35.31
N PRO C 121 28.05 8.18 -36.29
CA PRO C 121 29.29 7.93 -37.06
C PRO C 121 30.60 8.22 -36.32
N TRP C 122 30.53 8.90 -35.16
CA TRP C 122 31.72 9.32 -34.44
C TRP C 122 31.94 8.70 -33.09
N ILE C 123 30.91 8.13 -32.48
CA ILE C 123 30.99 7.55 -31.15
C ILE C 123 32.22 6.68 -30.82
N THR C 124 32.73 5.95 -31.81
CA THR C 124 33.85 5.05 -31.62
C THR C 124 35.19 5.57 -32.13
N ARG C 125 35.18 6.70 -32.83
CA ARG C 125 36.39 7.27 -33.42
C ARG C 125 36.99 8.40 -32.59
N GLN C 126 36.18 9.01 -31.72
CA GLN C 126 36.62 10.13 -30.90
C GLN C 126 36.91 9.78 -29.47
N ASN C 127 37.79 10.61 -28.89
CA ASN C 127 38.16 10.60 -27.49
C ASN C 127 37.30 11.71 -26.87
N PHE C 128 36.41 11.34 -25.96
CA PHE C 128 35.47 12.29 -25.37
C PHE C 128 35.84 12.69 -23.96
N SER C 129 37.11 12.53 -23.60
CA SER C 129 37.60 12.86 -22.27
C SER C 129 37.32 14.29 -21.85
N ARG C 130 37.37 15.25 -22.80
CA ARG C 130 37.12 16.64 -22.45
C ARG C 130 35.65 17.06 -22.40
N CYS C 131 34.76 16.11 -22.68
CA CYS C 131 33.32 16.34 -22.66
C CYS C 131 32.77 16.17 -21.25
N LEU C 132 33.57 15.57 -20.36
CA LEU C 132 33.19 15.29 -18.98
C LEU C 132 32.82 16.51 -18.17
N GLU C 133 33.34 17.67 -18.57
CA GLU C 133 33.02 18.93 -17.91
C GLU C 133 32.13 19.70 -18.85
N LEU C 134 30.84 19.83 -18.49
CA LEU C 134 29.86 20.55 -19.29
C LEU C 134 30.22 22.02 -19.26
N GLN C 135 30.17 22.68 -20.42
CA GLN C 135 30.54 24.09 -20.51
C GLN C 135 29.41 25.00 -20.98
N CYS C 136 29.41 26.25 -20.50
CA CYS C 136 28.39 27.26 -20.83
C CYS C 136 28.90 28.28 -21.86
N ASP D 7 -33.67 20.38 -19.81
CA ASP D 7 -33.72 19.33 -18.81
C ASP D 7 -32.48 18.43 -18.89
N CYS D 8 -32.34 17.48 -17.95
CA CYS D 8 -31.20 16.58 -17.89
C CYS D 8 -31.54 15.38 -17.02
N SER D 9 -31.70 14.23 -17.65
CA SER D 9 -32.00 13.00 -16.93
C SER D 9 -31.66 11.84 -17.86
N PHE D 10 -31.40 10.65 -17.29
CA PHE D 10 -31.05 9.47 -18.06
C PHE D 10 -31.99 8.32 -17.73
N GLN D 11 -32.73 7.78 -18.74
CA GLN D 11 -33.69 6.68 -18.55
C GLN D 11 -32.95 5.40 -18.16
N HIS D 12 -32.11 4.88 -19.07
CA HIS D 12 -31.26 3.72 -18.82
C HIS D 12 -29.86 4.24 -18.45
N SER D 13 -29.12 3.48 -17.62
CA SER D 13 -27.80 3.88 -17.09
C SER D 13 -26.65 4.12 -18.06
N PRO D 14 -26.13 5.38 -18.11
CA PRO D 14 -24.98 5.67 -18.98
C PRO D 14 -23.62 5.47 -18.29
N ILE D 15 -23.63 4.90 -17.06
CA ILE D 15 -22.40 4.60 -16.31
C ILE D 15 -22.09 3.11 -16.45
N SER D 16 -20.91 2.81 -17.01
CA SER D 16 -20.45 1.43 -17.24
C SER D 16 -20.03 0.77 -15.95
N SER D 17 -20.07 -0.58 -15.90
CA SER D 17 -19.63 -1.37 -14.75
C SER D 17 -18.09 -1.48 -14.78
N ASP D 18 -17.49 -1.56 -15.99
CA ASP D 18 -16.05 -1.74 -16.19
C ASP D 18 -15.32 -0.45 -16.52
N PHE D 19 -15.76 0.67 -15.94
CA PHE D 19 -15.13 1.98 -16.21
C PHE D 19 -13.82 2.13 -15.44
N ALA D 20 -13.72 1.45 -14.27
CA ALA D 20 -12.55 1.52 -13.41
C ALA D 20 -11.38 0.83 -14.09
N VAL D 21 -11.69 -0.02 -15.06
CA VAL D 21 -10.71 -0.76 -15.82
C VAL D 21 -10.05 0.16 -16.84
N LYS D 22 -10.86 0.95 -17.53
CA LYS D 22 -10.38 1.84 -18.57
C LYS D 22 -9.52 2.94 -17.97
N ILE D 23 -9.71 3.23 -16.69
CA ILE D 23 -8.96 4.28 -16.01
C ILE D 23 -7.63 3.75 -15.51
N ARG D 24 -7.61 2.48 -15.11
CA ARG D 24 -6.39 1.85 -14.64
C ARG D 24 -5.49 1.60 -15.83
N GLU D 25 -6.11 1.37 -16.99
CA GLU D 25 -5.38 1.09 -18.21
C GLU D 25 -4.74 2.36 -18.73
N LEU D 26 -5.45 3.50 -18.60
CA LEU D 26 -4.93 4.79 -19.04
C LEU D 26 -3.79 5.17 -18.13
N SER D 27 -4.00 5.02 -16.83
CA SER D 27 -3.00 5.33 -15.81
C SER D 27 -1.71 4.53 -15.99
N ASP D 28 -1.80 3.32 -16.55
CA ASP D 28 -0.63 2.47 -16.80
C ASP D 28 0.34 3.01 -17.84
N TYR D 29 -0.10 3.97 -18.65
CA TYR D 29 0.72 4.57 -19.68
C TYR D 29 0.88 6.07 -19.47
N LEU D 30 0.48 6.55 -18.31
CA LEU D 30 0.55 7.97 -18.01
C LEU D 30 1.71 8.34 -17.13
N LEU D 31 2.19 9.56 -17.36
CA LEU D 31 3.16 10.27 -16.54
C LEU D 31 2.26 10.98 -15.54
N GLN D 32 2.11 10.38 -14.37
CA GLN D 32 1.18 10.77 -13.31
C GLN D 32 1.16 12.21 -12.80
N ASP D 33 2.25 12.97 -12.95
CA ASP D 33 2.23 14.34 -12.48
C ASP D 33 2.01 15.38 -13.59
N TYR D 34 1.46 14.91 -14.73
CA TYR D 34 1.16 15.78 -15.86
C TYR D 34 0.16 16.82 -15.33
N PRO D 35 0.39 18.12 -15.54
CA PRO D 35 -0.53 19.10 -14.97
C PRO D 35 -1.87 19.27 -15.68
N VAL D 36 -2.95 19.05 -14.93
CA VAL D 36 -4.34 19.27 -15.35
C VAL D 36 -4.90 20.25 -14.32
N THR D 37 -6.21 20.54 -14.35
CA THR D 37 -6.84 21.43 -13.36
C THR D 37 -8.12 20.83 -12.84
N VAL D 38 -8.55 21.32 -11.69
CA VAL D 38 -9.78 20.90 -11.04
C VAL D 38 -10.38 22.18 -10.49
N ALA D 39 -11.72 22.28 -10.40
CA ALA D 39 -12.31 23.48 -9.84
C ALA D 39 -12.01 23.48 -8.37
N SER D 40 -11.55 24.62 -7.85
CA SER D 40 -11.17 24.74 -6.44
C SER D 40 -12.33 25.18 -5.55
N ASN D 41 -13.30 25.91 -6.11
CA ASN D 41 -14.42 26.43 -5.33
C ASN D 41 -15.81 26.01 -5.82
N LEU D 42 -16.02 24.70 -6.05
CA LEU D 42 -17.33 24.25 -6.48
C LEU D 42 -18.23 24.16 -5.28
N GLN D 43 -19.41 24.79 -5.38
CA GLN D 43 -20.41 24.79 -4.31
C GLN D 43 -20.70 23.36 -3.87
N ASP D 44 -20.91 23.17 -2.56
CA ASP D 44 -21.24 21.86 -1.99
C ASP D 44 -22.67 21.54 -2.36
N GLU D 45 -22.83 20.58 -3.27
CA GLU D 45 -24.13 20.16 -3.74
C GLU D 45 -24.10 18.66 -4.01
N GLU D 46 -24.43 17.84 -3.00
CA GLU D 46 -24.36 16.39 -3.19
C GLU D 46 -25.21 15.74 -4.28
N LEU D 47 -25.90 16.54 -5.10
CA LEU D 47 -26.67 16.06 -6.24
C LEU D 47 -25.94 16.40 -7.56
N CYS D 48 -25.43 17.64 -7.66
CA CYS D 48 -24.76 18.12 -8.86
C CYS D 48 -23.24 18.02 -8.80
N GLY D 49 -22.67 18.01 -7.60
CA GLY D 49 -21.24 17.96 -7.34
C GLY D 49 -20.38 17.11 -8.26
N GLY D 50 -20.55 15.79 -8.17
CA GLY D 50 -19.78 14.85 -8.98
C GLY D 50 -19.98 15.08 -10.46
N LEU D 51 -21.23 15.44 -10.83
CA LEU D 51 -21.65 15.71 -12.20
C LEU D 51 -20.91 16.94 -12.76
N TRP D 52 -20.72 17.98 -11.94
CA TRP D 52 -20.02 19.19 -12.35
C TRP D 52 -18.58 18.87 -12.65
N ARG D 53 -17.94 18.09 -11.77
CA ARG D 53 -16.55 17.68 -11.93
C ARG D 53 -16.35 16.72 -13.09
N LEU D 54 -17.33 15.86 -13.35
CA LEU D 54 -17.25 14.93 -14.47
C LEU D 54 -17.32 15.71 -15.77
N VAL D 55 -18.13 16.76 -15.80
CA VAL D 55 -18.25 17.63 -16.97
C VAL D 55 -16.90 18.28 -17.23
N LEU D 56 -16.25 18.75 -16.16
CA LEU D 56 -14.94 19.39 -16.22
C LEU D 56 -13.86 18.40 -16.59
N ALA D 57 -13.88 17.21 -15.97
CA ALA D 57 -12.93 16.12 -16.24
C ALA D 57 -13.10 15.72 -17.69
N GLN D 58 -14.35 15.69 -18.16
CA GLN D 58 -14.69 15.37 -19.52
C GLN D 58 -14.07 16.37 -20.46
N ARG D 59 -14.17 17.67 -20.14
CA ARG D 59 -13.58 18.73 -20.95
C ARG D 59 -12.08 18.51 -21.06
N TRP D 60 -11.46 17.93 -20.01
CA TRP D 60 -10.04 17.67 -20.00
C TRP D 60 -9.63 16.51 -20.89
N MET D 61 -10.49 15.47 -21.00
CA MET D 61 -10.20 14.30 -21.82
C MET D 61 -10.09 14.65 -23.27
N GLU D 62 -10.83 15.68 -23.68
CA GLU D 62 -10.84 16.17 -25.05
C GLU D 62 -9.55 16.95 -25.34
N ARG D 63 -9.17 17.86 -24.42
CA ARG D 63 -7.96 18.67 -24.54
C ARG D 63 -6.77 17.76 -24.60
N LEU D 64 -6.76 16.72 -23.78
CA LEU D 64 -5.66 15.76 -23.73
C LEU D 64 -5.49 14.96 -24.99
N LYS D 65 -6.59 14.58 -25.65
CA LYS D 65 -6.55 13.78 -26.87
C LYS D 65 -5.79 14.50 -27.97
N THR D 66 -5.89 15.84 -28.03
CA THR D 66 -5.23 16.66 -29.04
C THR D 66 -3.71 16.69 -28.95
N VAL D 67 -3.16 16.47 -27.77
CA VAL D 67 -1.71 16.50 -27.55
C VAL D 67 -1.19 15.11 -27.17
N ALA D 68 -1.98 14.08 -27.45
CA ALA D 68 -1.64 12.71 -27.14
C ALA D 68 -1.14 11.98 -28.35
N GLY D 69 -0.24 11.03 -28.13
CA GLY D 69 0.31 10.23 -29.20
C GLY D 69 -0.73 9.26 -29.73
N SER D 70 -0.51 8.75 -30.94
CA SER D 70 -1.43 7.80 -31.60
C SER D 70 -2.06 6.77 -30.65
N LYS D 71 -1.23 6.11 -29.83
CA LYS D 71 -1.71 5.07 -28.91
C LYS D 71 -2.30 5.61 -27.60
N MET D 72 -1.84 6.77 -27.14
CA MET D 72 -2.36 7.40 -25.92
C MET D 72 -3.74 7.95 -26.22
N GLN D 73 -3.97 8.33 -27.48
CA GLN D 73 -5.25 8.86 -27.94
C GLN D 73 -6.37 7.85 -27.72
N GLY D 74 -6.06 6.56 -27.92
CA GLY D 74 -7.02 5.48 -27.73
C GLY D 74 -7.39 5.26 -26.28
N LEU D 75 -6.41 5.38 -25.38
CA LEU D 75 -6.63 5.21 -23.95
C LEU D 75 -7.42 6.37 -23.38
N LEU D 76 -7.17 7.58 -23.89
CA LEU D 76 -7.88 8.78 -23.46
C LEU D 76 -9.30 8.70 -23.93
N GLU D 77 -9.46 8.46 -25.23
CA GLU D 77 -10.77 8.33 -25.85
C GLU D 77 -11.62 7.27 -25.13
N ARG D 78 -11.01 6.14 -24.75
CA ARG D 78 -11.72 5.07 -24.07
C ARG D 78 -12.18 5.45 -22.67
N VAL D 79 -11.50 6.40 -22.05
CA VAL D 79 -11.88 6.91 -20.73
C VAL D 79 -12.88 8.01 -20.97
N ASN D 80 -12.73 8.68 -22.09
CA ASN D 80 -13.61 9.76 -22.51
C ASN D 80 -15.02 9.20 -22.71
N THR D 81 -15.12 8.02 -23.32
CA THR D 81 -16.40 7.35 -23.58
C THR D 81 -17.16 7.01 -22.30
N GLU D 82 -16.42 6.70 -21.23
CA GLU D 82 -16.98 6.35 -19.93
C GLU D 82 -17.71 7.51 -19.27
N ILE D 83 -17.34 8.74 -19.66
CA ILE D 83 -17.90 9.94 -19.06
C ILE D 83 -18.45 10.92 -20.08
N HIS D 84 -18.54 10.51 -21.35
CA HIS D 84 -19.02 11.40 -22.41
C HIS D 84 -20.50 11.70 -22.35
N PHE D 85 -21.26 10.88 -21.61
CA PHE D 85 -22.71 11.08 -21.48
C PHE D 85 -23.08 12.46 -20.92
N VAL D 86 -22.17 13.09 -20.15
CA VAL D 86 -22.40 14.41 -19.55
C VAL D 86 -22.69 15.47 -20.59
N THR D 87 -22.29 15.22 -21.84
CA THR D 87 -22.51 16.15 -22.95
C THR D 87 -23.90 16.01 -23.54
N LYS D 88 -24.65 15.00 -23.09
CA LYS D 88 -26.01 14.78 -23.52
C LYS D 88 -26.89 15.87 -22.94
N CYS D 89 -26.35 16.58 -21.92
CA CYS D 89 -27.01 17.68 -21.23
C CYS D 89 -26.33 19.01 -21.54
N ALA D 90 -27.17 20.03 -21.75
CA ALA D 90 -26.73 21.39 -22.07
C ALA D 90 -26.17 22.14 -20.87
N PHE D 91 -25.01 21.67 -20.38
CA PHE D 91 -24.35 22.30 -19.24
C PHE D 91 -23.85 23.66 -19.67
N GLN D 92 -24.12 24.68 -18.86
CA GLN D 92 -23.70 26.04 -19.15
C GLN D 92 -22.21 26.22 -18.94
N PRO D 93 -21.56 27.16 -19.69
CA PRO D 93 -20.12 27.37 -19.51
C PRO D 93 -19.82 27.79 -18.08
N PRO D 94 -18.62 27.43 -17.56
CA PRO D 94 -18.30 27.79 -16.18
C PRO D 94 -18.51 29.27 -15.85
N PRO D 95 -19.05 29.56 -14.63
CA PRO D 95 -19.25 30.96 -14.22
C PRO D 95 -17.92 31.65 -13.93
N SER D 96 -17.93 32.98 -13.95
CA SER D 96 -16.71 33.77 -13.69
C SER D 96 -16.15 33.54 -12.31
N CYS D 97 -17.02 33.13 -11.37
CA CYS D 97 -16.64 32.88 -9.99
C CYS D 97 -15.81 31.62 -9.81
N LEU D 98 -15.87 30.70 -10.78
CA LEU D 98 -15.17 29.43 -10.70
C LEU D 98 -13.67 29.54 -10.88
N ARG D 99 -12.94 29.17 -9.81
CA ARG D 99 -11.49 29.18 -9.79
C ARG D 99 -10.97 27.77 -10.01
N PHE D 100 -9.92 27.65 -10.83
CA PHE D 100 -9.31 26.37 -11.11
C PHE D 100 -7.93 26.28 -10.47
N VAL D 101 -7.54 25.08 -10.03
CA VAL D 101 -6.25 24.84 -9.40
C VAL D 101 -5.51 23.69 -10.09
N GLN D 102 -4.21 23.86 -10.33
CA GLN D 102 -3.39 22.86 -11.00
C GLN D 102 -3.18 21.62 -10.15
N THR D 103 -3.46 20.44 -10.73
CA THR D 103 -3.32 19.16 -10.04
C THR D 103 -2.77 18.10 -10.98
N ASN D 104 -2.24 17.00 -10.44
CA ASN D 104 -1.73 15.87 -11.22
C ASN D 104 -2.86 15.17 -11.92
N ILE D 105 -2.61 14.71 -13.16
CA ILE D 105 -3.60 13.99 -13.94
C ILE D 105 -4.03 12.71 -13.21
N SER D 106 -3.16 12.21 -12.31
CA SER D 106 -3.44 11.03 -11.52
C SER D 106 -4.51 11.37 -10.51
N ARG D 107 -4.50 12.63 -10.04
CA ARG D 107 -5.50 13.12 -9.10
C ARG D 107 -6.84 13.23 -9.80
N LEU D 108 -6.83 13.81 -11.01
CA LEU D 108 -8.03 13.98 -11.81
C LEU D 108 -8.67 12.63 -12.14
N LEU D 109 -7.85 11.65 -12.54
CA LEU D 109 -8.31 10.32 -12.90
C LEU D 109 -8.92 9.59 -11.71
N GLN D 110 -8.30 9.75 -10.53
CA GLN D 110 -8.76 9.13 -9.31
C GLN D 110 -10.10 9.67 -8.91
N GLU D 111 -10.24 10.99 -8.94
CA GLU D 111 -11.48 11.66 -8.59
C GLU D 111 -12.60 11.27 -9.55
N THR D 112 -12.29 11.24 -10.86
CA THR D 112 -13.26 10.85 -11.88
C THR D 112 -13.84 9.49 -11.58
N SER D 113 -12.97 8.54 -11.18
CA SER D 113 -13.40 7.20 -10.84
C SER D 113 -14.37 7.27 -9.68
N GLU D 114 -13.98 8.01 -8.62
CA GLU D 114 -14.80 8.19 -7.42
C GLU D 114 -16.18 8.76 -7.75
N GLN D 115 -16.21 9.79 -8.59
CA GLN D 115 -17.46 10.45 -8.99
C GLN D 115 -18.38 9.52 -9.73
N LEU D 116 -17.82 8.63 -10.55
CA LEU D 116 -18.63 7.67 -11.30
C LEU D 116 -19.26 6.68 -10.35
N VAL D 117 -18.50 6.25 -9.35
CA VAL D 117 -18.95 5.30 -8.33
C VAL D 117 -20.13 5.84 -7.57
N ALA D 118 -19.98 7.05 -7.02
CA ALA D 118 -21.01 7.70 -6.23
C ALA D 118 -22.26 8.02 -7.05
N LEU D 119 -22.07 8.33 -8.33
CA LEU D 119 -23.14 8.69 -9.25
C LEU D 119 -23.91 7.50 -9.81
N LYS D 120 -23.24 6.35 -9.88
CA LYS D 120 -23.80 5.12 -10.43
C LYS D 120 -25.19 4.72 -9.88
N PRO D 121 -25.42 4.74 -8.55
CA PRO D 121 -26.75 4.34 -8.04
C PRO D 121 -27.87 5.37 -8.27
N TRP D 122 -27.51 6.60 -8.65
CA TRP D 122 -28.47 7.68 -8.79
C TRP D 122 -28.69 8.24 -10.18
N ILE D 123 -27.76 8.01 -11.10
CA ILE D 123 -27.82 8.54 -12.46
C ILE D 123 -29.18 8.47 -13.18
N THR D 124 -29.95 7.41 -12.91
CA THR D 124 -31.24 7.20 -13.58
C THR D 124 -32.46 7.54 -12.73
N ARG D 125 -32.25 7.85 -11.45
CA ARG D 125 -33.34 8.14 -10.53
C ARG D 125 -33.58 9.64 -10.32
N GLN D 126 -32.56 10.44 -10.60
CA GLN D 126 -32.62 11.87 -10.38
C GLN D 126 -32.84 12.68 -11.63
N ASN D 127 -33.41 13.87 -11.42
CA ASN D 127 -33.62 14.90 -12.41
C ASN D 127 -32.46 15.88 -12.18
N PHE D 128 -31.59 16.01 -13.17
CA PHE D 128 -30.39 16.83 -13.04
C PHE D 128 -30.48 18.16 -13.74
N SER D 129 -31.71 18.61 -13.99
CA SER D 129 -31.98 19.86 -14.69
C SER D 129 -31.30 21.07 -14.04
N ARG D 130 -31.24 21.11 -12.70
CA ARG D 130 -30.63 22.24 -12.02
C ARG D 130 -29.11 22.19 -11.90
N CYS D 131 -28.50 21.13 -12.43
CA CYS D 131 -27.05 20.95 -12.40
C CYS D 131 -26.41 21.65 -13.58
N LEU D 132 -27.23 22.04 -14.56
CA LEU D 132 -26.78 22.68 -15.79
C LEU D 132 -26.03 23.99 -15.58
N GLU D 133 -26.30 24.66 -14.46
CA GLU D 133 -25.62 25.89 -14.10
C GLU D 133 -24.68 25.56 -12.96
N LEU D 134 -23.36 25.58 -13.25
CA LEU D 134 -22.34 25.28 -12.25
C LEU D 134 -22.32 26.41 -11.24
N GLN D 135 -22.25 26.07 -9.96
CA GLN D 135 -22.27 27.06 -8.89
C GLN D 135 -21.03 27.09 -8.04
N CYS D 136 -20.68 28.28 -7.52
CA CYS D 136 -19.50 28.50 -6.68
C CYS D 136 -19.86 28.63 -5.19
N ALA E 56 25.12 44.05 35.71
CA ALA E 56 25.84 45.20 35.19
C ALA E 56 25.49 46.49 35.96
N ALA E 57 24.23 46.57 36.47
CA ALA E 57 23.71 47.69 37.24
C ALA E 57 23.99 47.52 38.72
N VAL E 58 24.70 48.49 39.32
CA VAL E 58 25.11 48.47 40.72
C VAL E 58 24.30 49.50 41.52
N GLU E 59 23.76 49.07 42.68
CA GLU E 59 23.00 49.93 43.58
C GLU E 59 23.77 50.08 44.90
N VAL E 60 24.35 51.28 45.14
CA VAL E 60 25.17 51.56 46.34
C VAL E 60 24.31 52.26 47.40
N ASP E 61 24.15 51.62 48.57
CA ASP E 61 23.38 52.19 49.67
C ASP E 61 24.34 52.91 50.63
N VAL E 62 24.27 54.28 50.65
CA VAL E 62 25.06 55.23 51.47
C VAL E 62 26.59 55.01 51.29
N SER E 63 27.41 55.47 52.25
CA SER E 63 28.86 55.29 52.19
C SER E 63 29.19 53.86 52.61
N ALA E 64 28.88 52.90 51.72
CA ALA E 64 29.08 51.46 51.93
C ALA E 64 30.47 50.99 51.56
N SER E 65 30.93 49.93 52.25
CA SER E 65 32.23 49.32 52.05
C SER E 65 32.05 47.90 51.50
N ILE E 66 32.12 47.74 50.16
CA ILE E 66 31.96 46.43 49.50
C ILE E 66 33.04 46.22 48.42
N THR E 67 33.24 44.96 48.00
CA THR E 67 34.22 44.57 46.98
C THR E 67 33.50 44.21 45.68
N LEU E 68 34.12 44.55 44.53
CA LEU E 68 33.55 44.27 43.21
C LEU E 68 34.52 43.39 42.42
N GLN E 69 34.23 42.07 42.35
CA GLN E 69 35.05 41.09 41.64
C GLN E 69 34.26 40.35 40.56
N VAL E 70 34.97 39.96 39.48
CA VAL E 70 34.40 39.18 38.36
C VAL E 70 35.41 38.10 37.94
N LEU E 71 34.90 36.88 37.72
CA LEU E 71 35.71 35.72 37.34
C LEU E 71 35.27 35.13 36.01
N VAL E 72 36.26 34.74 35.18
CA VAL E 72 36.06 34.10 33.87
C VAL E 72 36.73 32.71 33.93
N ASP E 73 35.98 31.66 33.51
CA ASP E 73 36.42 30.27 33.51
C ASP E 73 37.53 29.99 32.48
N ALA E 74 38.76 30.43 32.81
CA ALA E 74 40.02 30.28 32.03
C ALA E 74 41.24 30.84 32.83
N PRO E 75 41.63 30.27 34.00
CA PRO E 75 42.78 30.84 34.73
C PRO E 75 44.11 30.54 34.03
N GLY E 76 44.77 31.61 33.59
CA GLY E 76 46.05 31.58 32.90
C GLY E 76 46.78 32.91 32.97
N ASN E 77 47.97 33.01 32.31
CA ASN E 77 48.80 34.23 32.28
C ASN E 77 48.15 35.31 31.42
N ILE E 78 47.11 35.96 31.98
CA ILE E 78 46.27 37.00 31.38
C ILE E 78 46.41 38.31 32.21
N SER E 79 46.41 39.48 31.53
CA SER E 79 46.57 40.80 32.18
C SER E 79 45.34 41.70 32.02
N CYS E 80 45.04 42.49 33.07
CA CYS E 80 43.91 43.44 33.10
C CYS E 80 44.41 44.90 33.07
N LEU E 81 43.43 45.86 33.06
CA LEU E 81 43.59 47.32 33.08
C LEU E 81 42.25 47.97 33.42
N TRP E 82 42.17 48.62 34.61
CA TRP E 82 40.93 49.26 35.07
C TRP E 82 40.78 50.64 34.42
N VAL E 83 39.56 50.94 33.91
CA VAL E 83 39.20 52.19 33.26
C VAL E 83 38.05 52.86 34.04
N PHE E 84 38.42 53.66 35.06
CA PHE E 84 37.48 54.36 35.94
C PHE E 84 36.77 55.53 35.23
N LYS E 85 35.89 56.23 35.96
CA LYS E 85 35.18 57.41 35.49
C LYS E 85 36.19 58.45 34.94
N HIS E 86 36.34 58.48 33.59
CA HIS E 86 37.22 59.34 32.79
C HIS E 86 38.65 59.45 33.35
N SER E 87 39.18 58.34 33.91
CA SER E 87 40.53 58.24 34.49
C SER E 87 41.02 56.80 34.46
N SER E 88 42.34 56.57 34.31
CA SER E 88 42.95 55.25 34.25
C SER E 88 43.30 54.69 35.64
N LEU E 89 43.43 53.33 35.75
CA LEU E 89 43.77 52.63 37.01
C LEU E 89 44.47 51.27 36.76
N ASN E 90 45.53 50.98 37.56
CA ASN E 90 46.36 49.77 37.52
C ASN E 90 45.72 48.61 38.31
N CYS E 91 46.01 47.35 37.91
CA CYS E 91 45.47 46.15 38.58
C CYS E 91 46.49 45.00 38.64
N GLN E 92 46.27 44.12 39.63
CA GLN E 92 47.01 42.89 39.94
C GLN E 92 46.01 41.88 40.55
N PRO E 93 45.45 40.95 39.72
CA PRO E 93 44.40 40.06 40.23
C PRO E 93 44.85 38.65 40.66
N HIS E 94 43.88 37.70 40.73
CA HIS E 94 44.12 36.29 41.09
C HIS E 94 43.76 35.38 39.90
N PHE E 95 44.32 34.15 39.87
CA PHE E 95 44.07 33.16 38.80
C PHE E 95 43.12 32.05 39.25
N GLY E 101 40.26 32.79 36.08
CA GLY E 101 40.88 34.01 36.59
C GLY E 101 39.86 34.98 37.15
N VAL E 102 40.16 35.58 38.31
CA VAL E 102 39.27 36.53 38.98
C VAL E 102 39.99 37.86 39.26
N VAL E 103 39.39 38.98 38.77
CA VAL E 103 39.87 40.35 38.95
C VAL E 103 38.92 41.12 39.90
N SER E 104 39.45 42.13 40.64
CA SER E 104 38.64 42.88 41.60
C SER E 104 39.07 44.33 41.82
N MET E 105 38.08 45.16 42.22
CA MET E 105 38.18 46.57 42.63
C MET E 105 37.27 46.73 43.84
N VAL E 106 37.88 46.81 45.03
CA VAL E 106 37.18 46.94 46.31
C VAL E 106 37.13 48.40 46.76
N ILE E 107 36.06 48.78 47.48
CA ILE E 107 35.88 50.16 47.95
C ILE E 107 35.37 50.20 49.39
N LEU E 108 35.96 51.09 50.18
CA LEU E 108 35.58 51.37 51.57
C LEU E 108 34.98 52.78 51.62
N LYS E 109 33.66 52.86 51.92
CA LYS E 109 32.84 54.08 51.97
C LYS E 109 32.79 54.75 50.58
N MET E 110 31.88 54.24 49.71
CA MET E 110 31.71 54.74 48.33
C MET E 110 31.02 56.10 48.31
N THR E 111 31.82 57.19 48.20
CA THR E 111 31.35 58.59 48.13
C THR E 111 30.64 58.84 46.79
N GLU E 112 29.82 59.90 46.70
CA GLU E 112 29.10 60.27 45.46
C GLU E 112 30.10 60.53 44.32
N THR E 113 31.36 60.77 44.69
CA THR E 113 32.51 60.97 43.80
C THR E 113 32.92 59.60 43.25
N GLN E 114 33.04 58.59 44.14
CA GLN E 114 33.42 57.21 43.80
C GLN E 114 32.19 56.40 43.32
N ALA E 115 31.59 56.82 42.18
CA ALA E 115 30.42 56.20 41.54
C ALA E 115 30.32 56.58 40.06
N GLY E 116 29.76 55.68 39.23
CA GLY E 116 29.61 55.92 37.81
C GLY E 116 30.10 54.83 36.87
N GLU E 117 30.65 55.23 35.71
CA GLU E 117 31.16 54.33 34.67
C GLU E 117 32.54 53.78 35.06
N TYR E 118 32.59 52.44 35.32
CA TYR E 118 33.84 51.73 35.67
C TYR E 118 34.02 50.48 34.77
N LEU E 119 34.99 50.56 33.83
CA LEU E 119 35.31 49.50 32.86
C LEU E 119 36.55 48.73 33.29
N LEU E 120 36.73 47.51 32.74
CA LEU E 120 37.87 46.64 33.02
C LEU E 120 38.25 45.84 31.76
N PHE E 121 39.33 46.27 31.06
CA PHE E 121 39.80 45.63 29.83
C PHE E 121 40.85 44.54 30.14
N ILE E 122 40.74 43.37 29.47
CA ILE E 122 41.61 42.21 29.69
C ILE E 122 42.26 41.76 28.36
N GLN E 123 43.42 41.07 28.46
CA GLN E 123 44.16 40.50 27.32
C GLN E 123 44.84 39.19 27.75
N SER E 124 44.65 38.09 26.95
CA SER E 124 45.19 36.74 27.20
C SER E 124 46.72 36.70 27.19
N THR E 127 43.29 36.52 23.18
CA THR E 127 42.05 37.17 23.58
C THR E 127 42.29 38.62 24.00
N ASN E 128 41.28 39.47 23.76
CA ASN E 128 41.25 40.90 24.10
C ASN E 128 39.80 41.27 24.46
N TYR E 129 39.45 41.12 25.77
CA TYR E 129 38.11 41.36 26.34
C TYR E 129 37.97 42.74 27.00
N THR E 130 36.71 43.16 27.31
CA THR E 130 36.36 44.42 27.97
C THR E 130 35.02 44.29 28.72
N ILE E 131 35.01 44.73 30.00
CA ILE E 131 33.83 44.71 30.90
C ILE E 131 33.47 46.18 31.28
N LEU E 132 32.19 46.45 31.62
CA LEU E 132 31.70 47.78 32.01
C LEU E 132 30.60 47.66 33.08
N PHE E 133 30.69 48.49 34.12
CA PHE E 133 29.74 48.52 35.25
C PHE E 133 29.21 49.93 35.50
N THR E 134 27.89 50.04 35.79
CA THR E 134 27.24 51.32 36.08
C THR E 134 26.91 51.38 37.57
N VAL E 135 27.73 52.12 38.34
CA VAL E 135 27.60 52.28 39.80
C VAL E 135 26.69 53.48 40.11
N SER E 136 25.47 53.18 40.60
CA SER E 136 24.45 54.14 40.99
C SER E 136 24.36 54.20 42.53
N ILE E 137 23.57 55.14 43.07
CA ILE E 137 23.41 55.35 44.52
C ILE E 137 21.90 55.20 44.92
N ARG E 138 21.64 54.77 46.18
CA ARG E 138 20.31 54.48 46.75
C ARG E 138 19.47 55.74 47.05
N THR E 144 10.55 54.19 43.94
CA THR E 144 9.28 54.39 43.20
C THR E 144 8.91 53.20 42.27
N LEU E 145 7.62 53.16 41.83
CA LEU E 145 7.06 52.14 40.94
C LEU E 145 5.85 52.70 40.15
N ARG E 146 6.13 53.52 39.13
CA ARG E 146 5.13 54.13 38.27
C ARG E 146 4.74 53.12 37.16
N ARG E 147 3.42 52.78 37.15
CA ARG E 147 2.71 51.85 36.25
C ARG E 147 3.10 51.98 34.77
N PRO E 148 3.05 50.89 33.96
CA PRO E 148 3.47 50.99 32.55
C PRO E 148 2.67 51.96 31.68
N TYR E 149 3.35 52.60 30.71
CA TYR E 149 2.81 53.51 29.68
C TYR E 149 3.10 52.87 28.32
N PHE E 150 2.41 53.28 27.23
CA PHE E 150 2.71 52.67 25.93
C PHE E 150 3.17 53.68 24.88
N ARG E 151 4.06 53.26 23.96
CA ARG E 151 4.56 54.06 22.85
C ARG E 151 4.78 53.17 21.63
N LYS E 152 4.18 53.52 20.47
CA LYS E 152 4.33 52.70 19.26
C LYS E 152 5.69 52.97 18.65
N MET E 153 6.51 51.89 18.44
CA MET E 153 7.84 52.00 17.84
C MET E 153 7.69 52.67 16.45
N GLU E 154 8.38 53.81 16.23
CA GLU E 154 8.31 54.61 14.99
C GLU E 154 8.84 53.83 13.78
N ASN E 155 9.69 52.81 14.05
CA ASN E 155 10.33 51.94 13.08
C ASN E 155 9.32 51.06 12.34
N GLN E 156 8.56 50.19 13.08
CA GLN E 156 7.59 49.26 12.48
C GLN E 156 6.21 49.22 13.22
N ASP E 157 5.37 48.24 12.86
CA ASP E 157 4.05 48.01 13.42
C ASP E 157 4.18 47.13 14.69
N ALA E 158 4.67 47.75 15.79
CA ALA E 158 4.89 47.11 17.09
C ALA E 158 4.84 48.13 18.26
N LEU E 159 4.33 47.68 19.43
CA LEU E 159 4.15 48.48 20.63
C LEU E 159 5.30 48.30 21.64
N VAL E 160 5.55 49.32 22.48
CA VAL E 160 6.64 49.33 23.46
C VAL E 160 6.13 49.81 24.81
N CYS E 161 6.51 49.08 25.87
CA CYS E 161 6.16 49.32 27.28
C CYS E 161 7.22 50.18 28.00
N ILE E 162 6.79 51.39 28.39
CA ILE E 162 7.57 52.42 29.08
C ILE E 162 7.07 52.50 30.54
N SER E 163 7.70 51.71 31.42
CA SER E 163 7.37 51.66 32.85
C SER E 163 8.49 52.31 33.66
N GLU E 164 8.15 53.24 34.58
CA GLU E 164 9.21 53.91 35.34
C GLU E 164 9.25 53.36 36.76
N SER E 165 10.46 53.29 37.38
CA SER E 165 10.63 52.76 38.73
C SER E 165 12.07 52.83 39.24
N VAL E 166 12.20 52.97 40.57
CA VAL E 166 13.46 52.96 41.31
C VAL E 166 13.33 51.88 42.41
N PRO E 167 13.97 50.68 42.32
CA PRO E 167 14.90 50.19 41.28
C PRO E 167 14.24 49.99 39.94
N GLU E 168 15.04 50.00 38.84
CA GLU E 168 14.55 49.74 37.48
C GLU E 168 13.85 48.36 37.43
N PRO E 169 12.64 48.23 36.82
CA PRO E 169 11.92 46.96 36.89
C PRO E 169 12.05 46.03 35.68
N ILE E 170 11.53 44.82 35.87
CA ILE E 170 11.38 43.80 34.85
C ILE E 170 10.10 44.16 34.10
N VAL E 171 10.20 44.38 32.79
CA VAL E 171 9.04 44.75 31.98
C VAL E 171 8.65 43.53 31.12
N GLU E 172 7.53 42.92 31.47
CA GLU E 172 7.07 41.72 30.80
C GLU E 172 5.69 41.90 30.21
N TRP E 173 5.57 41.53 28.94
CA TRP E 173 4.30 41.57 28.23
C TRP E 173 3.58 40.25 28.42
N VAL E 174 2.32 40.26 28.89
CA VAL E 174 1.59 39.00 29.04
C VAL E 174 0.32 39.01 28.19
N LEU E 175 0.26 38.07 27.20
CA LEU E 175 -0.86 37.86 26.28
C LEU E 175 -1.60 36.58 26.72
N CYS E 176 -2.79 36.74 27.34
CA CYS E 176 -3.56 35.63 27.89
C CYS E 176 -4.61 35.11 26.87
N VAL E 190 -2.60 31.49 29.54
CA VAL E 190 -1.83 32.74 29.50
C VAL E 190 -0.41 32.49 29.00
N VAL E 191 0.22 33.52 28.40
CA VAL E 191 1.59 33.43 27.89
C VAL E 191 2.37 34.69 28.25
N LYS E 192 3.49 34.53 28.95
CA LYS E 192 4.37 35.64 29.34
C LYS E 192 5.59 35.73 28.40
N LYS E 193 5.85 36.94 27.86
CA LYS E 193 6.96 37.26 26.96
C LYS E 193 7.62 38.54 27.44
N GLU E 194 8.66 38.37 28.28
CA GLU E 194 9.42 39.48 28.84
C GLU E 194 10.33 40.03 27.72
N GLU E 195 9.91 41.17 27.09
CA GLU E 195 10.63 41.75 25.96
C GLU E 195 10.70 43.30 25.95
N LYS E 196 9.75 44.00 26.64
CA LYS E 196 9.56 45.47 26.69
C LYS E 196 9.08 46.02 25.34
N VAL E 197 9.19 45.21 24.28
CA VAL E 197 8.79 45.48 22.90
C VAL E 197 7.97 44.30 22.40
N LEU E 198 6.68 44.50 22.16
CA LEU E 198 5.76 43.48 21.67
C LEU E 198 5.43 43.75 20.20
N HIS E 199 5.61 42.73 19.34
CA HIS E 199 5.30 42.85 17.91
C HIS E 199 4.08 41.99 17.55
N GLU E 200 3.83 40.89 18.33
CA GLU E 200 2.71 39.94 18.18
C GLU E 200 1.47 40.40 19.01
N LEU E 201 0.95 41.60 18.68
CA LEU E 201 -0.16 42.31 19.32
C LEU E 201 -1.56 41.74 19.06
N PHE E 202 -1.66 40.64 18.29
CA PHE E 202 -2.95 40.07 17.93
C PHE E 202 -3.65 39.35 19.07
N GLY E 203 -4.91 39.73 19.24
CA GLY E 203 -5.92 39.21 20.16
C GLY E 203 -5.54 38.87 21.58
N THR E 204 -6.42 38.05 22.22
CA THR E 204 -6.32 37.54 23.59
C THR E 204 -6.43 38.75 24.59
N ASP E 205 -5.87 38.64 25.85
CA ASP E 205 -5.86 39.71 26.87
C ASP E 205 -4.41 40.18 27.08
N ILE E 206 -4.04 41.31 26.43
CA ILE E 206 -2.70 41.90 26.44
C ILE E 206 -2.56 42.93 27.57
N ARG E 207 -1.61 42.66 28.49
CA ARG E 207 -1.32 43.50 29.65
C ARG E 207 0.17 43.51 29.94
N CYS E 208 0.77 44.71 30.08
CA CYS E 208 2.20 44.85 30.40
C CYS E 208 2.37 45.00 31.91
N CYS E 209 3.40 44.35 32.45
CA CYS E 209 3.67 44.39 33.88
C CYS E 209 5.08 44.78 34.19
N ALA E 210 5.21 45.67 35.20
CA ALA E 210 6.47 46.14 35.73
C ALA E 210 6.68 45.51 37.09
N ARG E 211 7.86 44.88 37.32
CA ARG E 211 8.18 44.21 38.58
C ARG E 211 9.56 44.62 39.09
N ASN E 212 9.62 45.30 40.25
CA ASN E 212 10.88 45.71 40.90
C ASN E 212 10.90 45.26 42.39
N GLU E 213 11.78 45.87 43.24
CA GLU E 213 11.88 45.59 44.67
C GLU E 213 10.55 45.94 45.38
N LEU E 214 9.91 47.06 44.98
CA LEU E 214 8.64 47.51 45.54
C LEU E 214 7.55 46.49 45.28
N GLY E 215 7.40 46.09 44.02
CA GLY E 215 6.38 45.11 43.63
C GLY E 215 6.05 45.11 42.16
N ARG E 216 4.79 44.77 41.83
CA ARG E 216 4.33 44.67 40.44
C ARG E 216 3.09 45.51 40.15
N GLU E 217 3.25 46.52 39.28
CA GLU E 217 2.16 47.37 38.81
C GLU E 217 1.93 47.05 37.33
N CYS E 218 0.65 46.90 36.91
CA CYS E 218 0.36 46.51 35.55
C CYS E 218 -0.64 47.42 34.85
N THR E 219 -0.40 47.68 33.56
CA THR E 219 -1.30 48.47 32.75
C THR E 219 -1.76 47.55 31.63
N ARG E 220 -3.09 47.32 31.57
CA ARG E 220 -3.70 46.46 30.57
C ARG E 220 -4.07 47.28 29.35
N LEU E 221 -3.79 46.75 28.16
CA LEU E 221 -4.14 47.46 26.95
C LEU E 221 -5.63 47.32 26.75
N PHE E 222 -6.32 48.46 26.68
CA PHE E 222 -7.77 48.50 26.51
C PHE E 222 -8.15 47.94 25.15
N THR E 223 -8.97 46.92 25.14
CA THR E 223 -9.35 46.30 23.89
C THR E 223 -10.85 46.32 23.70
N ILE E 224 -11.28 46.38 22.43
CA ILE E 224 -12.67 46.34 21.96
C ILE E 224 -12.71 45.24 20.91
N ASP E 225 -13.22 44.06 21.27
CA ASP E 225 -13.33 42.96 20.33
C ASP E 225 -14.73 42.95 19.72
N LEU E 226 -14.83 43.39 18.44
CA LEU E 226 -16.10 43.42 17.71
C LEU E 226 -16.52 42.02 17.37
N ASN E 227 -15.52 41.12 17.21
CA ASN E 227 -15.70 39.71 16.97
C ASN E 227 -16.37 39.05 18.19
N GLN E 228 -15.95 39.42 19.43
CA GLN E 228 -16.48 38.88 20.69
C GLN E 228 -17.87 39.46 21.10
N THR E 229 -18.56 38.78 22.06
CA THR E 229 -19.87 39.17 22.60
C THR E 229 -19.78 40.55 23.29
N PRO E 230 -20.85 41.35 23.28
CA PRO E 230 -20.76 42.68 23.89
C PRO E 230 -20.94 42.67 25.40
N GLN E 231 -20.13 43.49 26.06
CA GLN E 231 -20.18 43.67 27.51
C GLN E 231 -21.24 44.71 27.80
N THR E 232 -21.97 45.15 26.73
CA THR E 232 -23.02 46.18 26.71
C THR E 232 -23.22 46.80 28.13
N THR E 233 -22.33 47.75 28.46
CA THR E 233 -22.28 48.54 29.68
C THR E 233 -21.68 49.93 29.32
N LEU E 234 -21.45 50.19 27.98
CA LEU E 234 -20.82 51.38 27.40
C LEU E 234 -19.54 51.63 28.21
N PRO E 235 -18.57 50.68 28.18
CA PRO E 235 -17.39 50.75 29.04
C PRO E 235 -16.79 52.14 29.22
N GLN E 236 -16.42 52.49 30.48
CA GLN E 236 -15.84 53.78 30.87
C GLN E 236 -14.33 53.65 31.09
N LEU E 237 -13.54 54.46 30.36
CA LEU E 237 -12.08 54.49 30.41
C LEU E 237 -11.63 55.76 31.07
N PHE E 238 -11.00 55.67 32.25
CA PHE E 238 -10.54 56.86 32.94
C PHE E 238 -9.03 57.05 32.79
N LEU E 239 -8.56 58.33 32.69
CA LEU E 239 -7.12 58.67 32.66
C LEU E 239 -6.84 60.18 32.91
N LYS E 240 -5.75 60.46 33.67
CA LYS E 240 -5.35 61.82 34.04
C LYS E 240 -4.82 62.59 32.85
N VAL E 241 -5.17 63.90 32.76
CA VAL E 241 -4.73 64.77 31.67
C VAL E 241 -3.19 64.70 31.52
N GLY E 242 -2.74 64.41 30.29
CA GLY E 242 -1.32 64.28 29.93
C GLY E 242 -0.94 62.85 29.66
N GLU E 243 -1.69 61.87 30.22
CA GLU E 243 -1.43 60.42 30.07
C GLU E 243 -1.71 59.95 28.63
N PRO E 244 -1.07 58.86 28.13
CA PRO E 244 -1.36 58.42 26.75
C PRO E 244 -2.54 57.44 26.63
N LEU E 245 -3.51 57.78 25.76
CA LEU E 245 -4.70 56.95 25.52
C LEU E 245 -4.39 55.83 24.53
N TRP E 246 -4.82 54.59 24.83
CA TRP E 246 -4.59 53.43 23.97
C TRP E 246 -5.79 52.55 23.90
N ILE E 247 -6.39 52.45 22.71
CA ILE E 247 -7.58 51.63 22.49
C ILE E 247 -7.42 50.77 21.25
N ARG E 248 -7.22 49.45 21.45
CA ARG E 248 -7.06 48.51 20.35
C ARG E 248 -8.40 47.98 19.95
N CYS E 249 -8.74 48.10 18.67
CA CYS E 249 -9.97 47.56 18.17
C CYS E 249 -9.68 46.32 17.35
N LYS E 250 -10.08 45.13 17.85
CA LYS E 250 -9.84 43.85 17.18
C LYS E 250 -11.10 43.27 16.59
N ALA E 251 -11.03 42.82 15.34
CA ALA E 251 -12.18 42.20 14.68
C ALA E 251 -11.73 41.00 13.90
N VAL E 252 -12.45 39.88 14.02
CA VAL E 252 -12.11 38.67 13.28
C VAL E 252 -13.23 38.35 12.29
N HIS E 253 -12.83 38.15 11.01
CA HIS E 253 -13.75 37.84 9.92
C HIS E 253 -13.21 36.69 9.07
N VAL E 254 -14.12 35.94 8.39
CA VAL E 254 -13.86 34.79 7.50
C VAL E 254 -12.91 35.17 6.34
N ASN E 255 -13.36 36.06 5.44
CA ASN E 255 -12.55 36.55 4.32
C ASN E 255 -11.82 37.82 4.77
N HIS E 256 -10.85 38.30 3.99
CA HIS E 256 -10.14 39.54 4.32
C HIS E 256 -10.99 40.79 3.96
N GLY E 257 -12.11 40.55 3.29
CA GLY E 257 -13.04 41.60 2.85
C GLY E 257 -13.84 42.23 3.96
N PHE E 258 -13.22 43.22 4.64
CA PHE E 258 -13.76 44.03 5.74
C PHE E 258 -12.76 45.10 6.18
N GLY E 259 -13.30 46.21 6.64
CA GLY E 259 -12.53 47.32 7.16
C GLY E 259 -12.92 47.64 8.59
N LEU E 260 -12.20 48.59 9.22
CA LEU E 260 -12.43 49.06 10.59
C LEU E 260 -12.31 50.58 10.64
N THR E 261 -13.07 51.24 11.49
CA THR E 261 -13.00 52.69 11.59
C THR E 261 -13.26 53.15 12.99
N TRP E 262 -12.59 54.25 13.35
CA TRP E 262 -12.67 54.92 14.65
C TRP E 262 -13.42 56.24 14.55
N GLU E 263 -14.27 56.53 15.57
CA GLU E 263 -15.02 57.79 15.64
C GLU E 263 -15.07 58.30 17.09
N LEU E 264 -14.63 59.55 17.32
CA LEU E 264 -14.62 60.24 18.62
C LEU E 264 -16.06 60.66 19.00
N GLU E 265 -16.20 61.71 19.86
CA GLU E 265 -17.47 62.31 20.26
C GLU E 265 -18.02 63.04 19.02
N ASN E 266 -18.80 62.29 18.19
CA ASN E 266 -19.42 62.64 16.89
C ASN E 266 -18.34 62.81 15.80
N LYS E 267 -17.23 63.54 16.11
CA LYS E 267 -16.07 63.78 15.25
C LYS E 267 -15.39 62.44 14.90
N ALA E 268 -14.68 62.36 13.75
CA ALA E 268 -14.01 61.13 13.28
C ALA E 268 -12.76 60.83 14.12
N LEU E 269 -11.54 61.03 13.56
CA LEU E 269 -10.27 60.81 14.29
C LEU E 269 -9.07 61.35 13.51
N GLU E 270 -8.15 62.04 14.25
CA GLU E 270 -6.89 62.62 13.76
C GLU E 270 -6.04 61.56 13.07
N GLU E 271 -5.32 61.95 11.97
CA GLU E 271 -4.45 61.07 11.16
C GLU E 271 -3.28 60.46 11.97
N GLY E 272 -2.79 61.23 12.97
CA GLY E 272 -1.72 60.84 13.88
C GLY E 272 -2.25 60.39 15.23
N ASN E 273 -3.35 59.64 15.19
CA ASN E 273 -4.06 59.06 16.31
C ASN E 273 -4.64 57.66 15.95
N TYR E 274 -4.25 57.09 14.76
CA TYR E 274 -4.73 55.79 14.28
C TYR E 274 -3.62 54.96 13.64
N PHE E 275 -3.72 53.62 13.76
CA PHE E 275 -2.81 52.64 13.14
C PHE E 275 -3.49 51.25 12.91
N GLU E 276 -3.28 50.64 11.70
CA GLU E 276 -3.88 49.38 11.27
C GLU E 276 -2.88 48.27 10.95
N MET E 277 -2.99 47.14 11.69
CA MET E 277 -2.22 45.89 11.55
C MET E 277 -3.17 44.78 11.16
N SER E 278 -2.67 43.73 10.49
CA SER E 278 -3.53 42.63 10.01
C SER E 278 -2.76 41.34 9.84
N THR E 279 -3.38 40.19 10.18
CA THR E 279 -2.73 38.88 9.96
C THR E 279 -3.82 37.81 9.70
N TYR E 280 -3.38 36.60 9.35
CA TYR E 280 -4.27 35.48 9.05
C TYR E 280 -4.37 34.48 10.20
N SER E 281 -5.50 33.78 10.28
CA SER E 281 -5.76 32.80 11.31
C SER E 281 -6.35 31.57 10.69
N THR E 282 -6.35 30.46 11.47
CA THR E 282 -6.87 29.11 11.17
C THR E 282 -7.17 28.85 9.65
N ASN E 283 -8.43 28.54 9.31
CA ASN E 283 -8.81 28.23 7.94
C ASN E 283 -8.97 29.54 7.15
N ARG E 284 -7.84 30.13 6.72
CA ARG E 284 -7.74 31.36 5.92
C ARG E 284 -8.57 32.56 6.49
N THR E 285 -8.65 32.66 7.82
CA THR E 285 -9.36 33.72 8.53
C THR E 285 -8.52 34.98 8.52
N MET E 286 -9.13 36.15 8.79
CA MET E 286 -8.37 37.39 8.89
C MET E 286 -8.75 38.15 10.15
N ILE E 287 -7.71 38.61 10.90
CA ILE E 287 -7.83 39.40 12.13
C ILE E 287 -7.28 40.78 11.84
N ARG E 288 -8.06 41.81 12.20
CA ARG E 288 -7.66 43.19 11.99
C ARG E 288 -7.58 43.95 13.32
N ILE E 289 -6.48 44.70 13.52
CA ILE E 289 -6.22 45.56 14.69
C ILE E 289 -6.19 47.01 14.22
N LEU E 290 -7.17 47.82 14.59
CA LEU E 290 -7.19 49.24 14.23
C LEU E 290 -7.15 50.01 15.53
N PHE E 291 -5.95 50.28 16.04
CA PHE E 291 -5.87 50.94 17.32
C PHE E 291 -5.75 52.44 17.19
N ALA E 292 -6.33 53.14 18.18
CA ALA E 292 -6.31 54.59 18.29
C ALA E 292 -5.53 54.98 19.52
N PHE E 293 -4.77 56.08 19.40
CA PHE E 293 -3.93 56.54 20.50
C PHE E 293 -3.82 58.06 20.59
N VAL E 294 -3.57 58.53 21.81
CA VAL E 294 -3.32 59.94 22.10
C VAL E 294 -1.98 59.97 22.81
N SER E 295 -1.06 60.83 22.35
CA SER E 295 0.28 60.96 22.92
C SER E 295 0.20 61.48 24.39
N SER E 296 -0.50 62.59 24.57
CA SER E 296 -0.73 63.21 25.86
C SER E 296 -2.14 63.70 25.85
N VAL E 297 -2.99 63.17 26.74
CA VAL E 297 -4.41 63.54 26.75
C VAL E 297 -4.66 64.91 27.38
N ALA E 298 -5.88 65.46 27.16
CA ALA E 298 -6.39 66.73 27.67
C ALA E 298 -7.92 66.66 27.77
N ARG E 299 -8.58 67.73 28.24
CA ARG E 299 -10.05 67.77 28.34
C ARG E 299 -10.70 67.62 26.95
N ASN E 300 -10.05 68.22 25.93
CA ASN E 300 -10.38 68.20 24.51
C ASN E 300 -10.62 66.76 23.99
N ASP E 301 -9.77 65.79 24.43
CA ASP E 301 -9.78 64.37 24.00
C ASP E 301 -10.81 63.51 24.76
N THR E 302 -11.38 63.98 25.89
CA THR E 302 -12.42 63.22 26.63
C THR E 302 -13.69 63.12 25.77
N GLY E 303 -14.32 61.95 25.73
CA GLY E 303 -15.53 61.74 24.92
C GLY E 303 -15.86 60.30 24.58
N TYR E 304 -17.01 60.06 23.91
CA TYR E 304 -17.46 58.71 23.55
C TYR E 304 -16.85 58.22 22.22
N TYR E 305 -15.91 57.23 22.31
CA TYR E 305 -15.20 56.59 21.17
C TYR E 305 -15.92 55.32 20.74
N THR E 306 -16.00 55.10 19.42
CA THR E 306 -16.67 53.92 18.88
C THR E 306 -15.92 53.34 17.69
N CYS E 307 -15.89 52.01 17.65
CA CYS E 307 -15.25 51.29 16.58
C CYS E 307 -16.27 50.48 15.80
N SER E 308 -16.30 50.66 14.47
CA SER E 308 -17.24 49.95 13.59
C SER E 308 -16.49 49.21 12.49
N SER E 309 -16.93 47.98 12.15
CA SER E 309 -16.29 47.20 11.08
C SER E 309 -17.24 46.95 9.92
N SER E 310 -16.70 46.95 8.68
CA SER E 310 -17.40 46.71 7.42
C SER E 310 -17.68 45.18 7.22
N LYS E 311 -18.26 44.58 8.27
CA LYS E 311 -18.69 43.19 8.42
C LYS E 311 -18.89 42.89 9.93
N HIS E 312 -18.98 43.95 10.80
CA HIS E 312 -19.15 43.79 12.25
C HIS E 312 -19.98 44.90 12.96
N PRO E 313 -20.57 44.64 14.16
CA PRO E 313 -21.37 45.68 14.82
C PRO E 313 -20.51 46.71 15.56
N SER E 314 -20.84 48.00 15.41
CA SER E 314 -20.11 49.11 16.03
C SER E 314 -20.17 49.09 17.60
N GLN E 315 -19.06 48.71 18.27
CA GLN E 315 -19.03 48.72 19.74
C GLN E 315 -18.30 49.98 20.23
N SER E 316 -18.77 50.55 21.36
CA SER E 316 -18.21 51.81 21.86
C SER E 316 -17.73 51.74 23.33
N ALA E 317 -16.95 52.78 23.73
CA ALA E 317 -16.38 53.01 25.05
C ALA E 317 -16.14 54.52 25.26
N LEU E 318 -16.61 55.10 26.39
CA LEU E 318 -16.47 56.52 26.71
C LEU E 318 -15.21 56.79 27.51
N VAL E 319 -14.49 57.85 27.15
CA VAL E 319 -13.24 58.24 27.78
C VAL E 319 -13.46 59.46 28.69
N THR E 320 -13.21 59.26 30.00
CA THR E 320 -13.33 60.24 31.04
C THR E 320 -11.95 60.71 31.43
N ILE E 321 -11.71 61.98 31.15
CA ILE E 321 -10.46 62.66 31.46
C ILE E 321 -10.59 63.13 32.92
N VAL E 322 -9.58 62.80 33.74
CA VAL E 322 -9.65 63.18 35.14
C VAL E 322 -8.58 64.22 35.47
N GLY E 325 -5.22 62.06 41.49
CA GLY E 325 -5.89 60.81 41.88
C GLY E 325 -7.15 61.07 42.68
N PHE E 326 -8.17 60.20 42.52
CA PHE E 326 -9.46 60.40 43.19
C PHE E 326 -10.12 59.11 43.69
N ILE E 327 -11.03 59.24 44.68
CA ILE E 327 -11.85 58.16 45.26
C ILE E 327 -13.30 58.66 45.40
N ASN E 328 -14.23 58.08 44.63
CA ASN E 328 -15.62 58.49 44.74
C ASN E 328 -16.42 57.35 45.31
N ALA E 329 -17.00 57.61 46.48
CA ALA E 329 -17.82 56.71 47.29
C ALA E 329 -18.57 57.46 48.40
N THR E 330 -19.74 56.96 48.79
CA THR E 330 -20.57 57.53 49.82
C THR E 330 -20.01 57.14 51.18
N ASN E 331 -19.47 58.12 51.90
CA ASN E 331 -18.88 57.91 53.22
C ASN E 331 -19.82 58.36 54.33
N SER E 332 -21.13 58.12 54.14
CA SER E 332 -22.20 58.51 55.06
C SER E 332 -22.05 57.90 56.47
N SER E 333 -21.19 56.85 56.61
CA SER E 333 -20.94 56.07 57.82
C SER E 333 -22.24 55.35 58.16
N GLU E 334 -22.44 54.13 57.60
CA GLU E 334 -23.70 53.36 57.71
C GLU E 334 -23.77 52.47 58.94
N ASP E 335 -24.97 52.39 59.55
CA ASP E 335 -25.19 51.59 60.74
C ASP E 335 -26.00 50.33 60.38
N TYR E 336 -25.68 49.21 61.04
CA TYR E 336 -26.27 47.89 60.83
C TYR E 336 -26.47 47.12 62.16
N GLU E 337 -27.24 46.01 62.12
CA GLU E 337 -27.52 45.15 63.28
C GLU E 337 -28.06 43.81 62.84
N ILE E 338 -27.48 42.70 63.33
CA ILE E 338 -27.93 41.33 62.99
C ILE E 338 -27.71 40.36 64.18
N ASP E 339 -28.52 39.26 64.22
CA ASP E 339 -28.47 38.19 65.23
C ASP E 339 -27.65 37.01 64.68
N GLN E 340 -26.68 36.48 65.49
CA GLN E 340 -25.74 35.39 65.19
C GLN E 340 -26.48 34.12 64.73
N TYR E 341 -27.04 34.22 63.52
CA TYR E 341 -27.85 33.23 62.81
C TYR E 341 -28.03 33.67 61.34
N GLU E 342 -27.70 34.94 61.03
CA GLU E 342 -27.80 35.56 59.70
C GLU E 342 -26.43 35.55 58.95
N GLU E 343 -26.43 35.25 57.61
CA GLU E 343 -25.26 35.25 56.71
C GLU E 343 -25.20 36.59 55.95
N PHE E 344 -24.18 37.43 56.28
CA PHE E 344 -24.03 38.79 55.75
C PHE E 344 -22.58 39.23 55.52
N CYS E 345 -22.42 40.09 54.48
CA CYS E 345 -21.17 40.72 54.03
C CYS E 345 -21.33 42.23 53.88
N PHE E 346 -20.43 43.00 54.52
CA PHE E 346 -20.36 44.46 54.41
C PHE E 346 -19.92 44.82 52.99
N SER E 347 -20.48 45.90 52.40
CA SER E 347 -20.12 46.28 51.04
C SER E 347 -19.77 47.75 50.92
N VAL E 348 -18.96 48.12 49.90
CA VAL E 348 -18.53 49.50 49.55
C VAL E 348 -18.32 49.61 48.04
N ARG E 349 -19.21 50.33 47.33
CA ARG E 349 -19.08 50.55 45.89
C ARG E 349 -18.30 51.85 45.68
N PHE E 350 -17.27 51.83 44.80
CA PHE E 350 -16.44 53.02 44.58
C PHE E 350 -15.81 53.07 43.20
N LYS E 351 -15.76 54.28 42.62
CA LYS E 351 -15.11 54.55 41.35
C LYS E 351 -13.91 55.37 41.73
N ALA E 352 -12.72 54.73 41.66
CA ALA E 352 -11.47 55.37 42.08
C ALA E 352 -10.29 55.06 41.16
N TYR E 353 -9.45 56.09 40.89
CA TYR E 353 -8.25 55.95 40.06
C TYR E 353 -7.07 56.74 40.67
N PRO E 354 -5.85 56.14 40.77
CA PRO E 354 -5.47 54.77 40.37
C PRO E 354 -6.03 53.73 41.34
N GLN E 355 -5.94 52.42 40.99
CA GLN E 355 -6.42 51.32 41.84
C GLN E 355 -5.97 51.58 43.29
N ILE E 356 -6.95 51.65 44.21
CA ILE E 356 -6.72 52.02 45.61
C ILE E 356 -6.23 50.86 46.50
N ARG E 357 -5.47 51.21 47.55
CA ARG E 357 -5.00 50.30 48.58
C ARG E 357 -6.05 50.37 49.69
N CYS E 358 -6.75 49.26 49.95
CA CYS E 358 -7.82 49.26 50.93
C CYS E 358 -7.46 48.46 52.19
N THR E 359 -8.08 48.82 53.33
CA THR E 359 -7.89 48.18 54.62
C THR E 359 -9.15 48.23 55.48
N TRP E 360 -9.61 47.06 55.95
CA TRP E 360 -10.78 46.94 56.82
C TRP E 360 -10.29 46.75 58.26
N THR E 361 -10.34 47.81 59.09
CA THR E 361 -9.87 47.75 60.48
C THR E 361 -11.04 47.77 61.48
N PHE E 362 -10.92 47.02 62.60
CA PHE E 362 -11.95 46.93 63.67
C PHE E 362 -11.29 46.59 65.02
N SER E 363 -11.55 47.44 66.06
CA SER E 363 -11.03 47.34 67.44
C SER E 363 -9.48 47.09 67.44
N ARG E 364 -8.76 47.83 66.54
CA ARG E 364 -7.32 47.84 66.24
C ARG E 364 -6.93 46.73 65.25
N LYS E 365 -7.60 45.54 65.31
CA LYS E 365 -7.33 44.39 64.43
C LYS E 365 -7.73 44.71 62.97
N SER E 366 -6.71 44.88 62.09
CA SER E 366 -6.92 45.25 60.69
C SER E 366 -6.66 44.09 59.74
N PHE E 367 -7.61 43.87 58.81
CA PHE E 367 -7.55 42.84 57.77
C PHE E 367 -7.68 43.47 56.37
N PRO E 368 -6.84 43.07 55.36
CA PRO E 368 -6.96 43.68 54.01
C PRO E 368 -8.21 43.20 53.26
N CYS E 369 -8.47 43.75 52.05
CA CYS E 369 -9.68 43.43 51.29
C CYS E 369 -9.44 42.94 49.89
N GLU E 370 -10.46 42.22 49.38
CA GLU E 370 -10.55 41.73 48.02
C GLU E 370 -11.25 42.86 47.24
N GLN E 371 -10.47 43.91 46.88
CA GLN E 371 -10.93 45.12 46.16
C GLN E 371 -11.28 44.80 44.68
N LYS E 372 -12.23 43.86 44.49
CA LYS E 372 -12.72 43.37 43.18
C LYS E 372 -13.54 44.40 42.43
N GLY E 373 -13.65 44.23 41.12
CA GLY E 373 -14.43 45.11 40.26
C GLY E 373 -15.84 44.60 39.97
N LEU E 374 -16.83 45.53 39.95
CA LEU E 374 -18.24 45.27 39.66
C LEU E 374 -18.55 45.45 38.15
N ASP E 375 -17.54 45.95 37.38
CA ASP E 375 -17.53 46.19 35.93
C ASP E 375 -18.62 47.16 35.44
N ASN E 376 -19.63 47.49 36.27
CA ASN E 376 -20.74 48.39 35.95
C ASN E 376 -20.26 49.81 35.66
N GLY E 377 -19.20 50.20 36.36
CA GLY E 377 -18.57 51.52 36.27
C GLY E 377 -17.96 51.91 37.60
N TYR E 378 -17.80 50.89 38.47
CA TYR E 378 -17.25 51.00 39.82
C TYR E 378 -16.72 49.63 40.30
N SER E 379 -15.91 49.64 41.36
CA SER E 379 -15.36 48.47 42.01
C SER E 379 -16.03 48.34 43.37
N ILE E 380 -16.52 47.13 43.73
CA ILE E 380 -17.21 46.89 45.00
C ILE E 380 -16.40 46.01 45.93
N SER E 381 -15.88 46.58 47.03
CA SER E 381 -15.12 45.83 48.04
C SER E 381 -16.07 45.23 49.07
N LYS E 382 -15.80 43.98 49.48
CA LYS E 382 -16.63 43.25 50.43
C LYS E 382 -15.84 42.75 51.63
N PHE E 383 -16.54 42.55 52.77
CA PHE E 383 -15.97 42.03 54.01
C PHE E 383 -16.99 41.09 54.61
N CYS E 384 -16.60 39.83 54.84
CA CYS E 384 -17.56 38.87 55.35
C CYS E 384 -17.25 38.37 56.76
N ASN E 385 -15.94 38.18 57.12
CA ASN E 385 -15.49 37.65 58.40
C ASN E 385 -15.84 38.59 59.60
N HIS E 386 -17.16 38.85 59.78
CA HIS E 386 -17.77 39.67 60.84
C HIS E 386 -17.55 39.05 62.20
N LYS E 387 -17.59 37.68 62.24
CA LYS E 387 -17.43 36.80 63.41
C LYS E 387 -18.49 37.14 64.46
N HIS E 388 -19.70 37.57 63.99
CA HIS E 388 -20.85 38.00 64.77
C HIS E 388 -20.44 39.02 65.89
N GLN E 389 -19.19 39.56 65.80
CA GLN E 389 -18.59 40.54 66.72
C GLN E 389 -19.22 41.94 66.50
N PRO E 390 -19.79 42.58 67.56
CA PRO E 390 -20.45 43.87 67.37
C PRO E 390 -19.51 45.08 67.47
N GLY E 391 -19.90 46.19 66.83
CA GLY E 391 -19.14 47.43 66.87
C GLY E 391 -18.80 48.12 65.55
N GLU E 392 -17.77 48.98 65.62
CA GLU E 392 -17.26 49.82 64.56
C GLU E 392 -16.26 49.11 63.62
N TYR E 393 -16.70 48.85 62.34
CA TYR E 393 -15.90 48.30 61.24
C TYR E 393 -15.59 49.45 60.27
N ILE E 394 -14.33 49.96 60.27
CA ILE E 394 -13.93 51.13 59.46
C ILE E 394 -13.14 50.69 58.23
N PHE E 395 -13.58 51.17 57.07
CA PHE E 395 -12.99 50.90 55.77
C PHE E 395 -12.22 52.11 55.29
N HIS E 396 -10.88 52.00 55.29
CA HIS E 396 -9.99 53.07 54.85
C HIS E 396 -9.34 52.66 53.56
N ALA E 397 -9.59 53.45 52.51
CA ALA E 397 -9.03 53.20 51.19
C ALA E 397 -8.30 54.44 50.66
N GLU E 398 -7.09 54.28 50.11
CA GLU E 398 -6.33 55.42 49.61
C GLU E 398 -5.43 55.05 48.44
N ASN E 399 -5.25 56.01 47.52
CA ASN E 399 -4.35 55.90 46.37
C ASN E 399 -3.24 56.95 46.52
N ASP E 400 -2.27 56.97 45.59
CA ASP E 400 -1.14 57.90 45.60
C ASP E 400 -1.54 59.39 45.87
N ASP E 401 -2.59 59.90 45.22
CA ASP E 401 -2.98 61.31 45.40
C ASP E 401 -4.37 61.50 46.06
N ALA E 402 -4.90 60.48 46.78
CA ALA E 402 -6.23 60.59 47.46
C ALA E 402 -6.43 59.58 48.60
N GLN E 403 -7.24 59.95 49.62
CA GLN E 403 -7.55 59.15 50.81
C GLN E 403 -9.07 59.06 51.05
N PHE E 404 -9.51 58.09 51.89
CA PHE E 404 -10.94 57.82 52.22
C PHE E 404 -11.10 56.89 53.46
N THR E 405 -12.27 57.02 54.14
CA THR E 405 -12.66 56.21 55.28
C THR E 405 -14.20 56.23 55.43
N LYS E 406 -14.83 55.04 55.69
CA LYS E 406 -16.28 54.85 55.92
C LYS E 406 -16.52 53.98 57.17
N MET E 407 -17.27 54.51 58.20
CA MET E 407 -17.57 53.93 59.52
C MET E 407 -18.85 53.10 59.53
N PHE E 408 -18.72 51.80 59.75
CA PHE E 408 -19.86 50.87 59.73
C PHE E 408 -20.20 50.33 61.13
N THR E 409 -21.30 50.85 61.73
CA THR E 409 -21.77 50.42 63.07
C THR E 409 -22.45 49.06 62.94
N LEU E 410 -22.31 48.21 63.99
CA LEU E 410 -22.94 46.87 64.01
C LEU E 410 -23.53 46.52 65.43
N ASN E 411 -24.79 46.00 65.45
CA ASN E 411 -25.44 45.59 66.69
C ASN E 411 -26.25 44.29 66.49
N ARG E 414 -31.90 39.68 69.14
CA ARG E 414 -32.00 38.33 69.76
C ARG E 414 -32.75 38.40 71.05
N LYS E 415 -32.99 37.22 71.65
CA LYS E 415 -33.67 37.16 72.91
C LYS E 415 -32.74 37.75 73.89
N PRO E 416 -33.27 38.44 74.85
CA PRO E 416 -32.40 39.00 75.83
C PRO E 416 -31.85 37.88 76.64
N GLN E 417 -30.59 38.00 77.10
CA GLN E 417 -30.06 36.94 77.90
C GLN E 417 -29.55 37.59 79.13
N VAL E 418 -29.78 36.98 80.30
CA VAL E 418 -29.23 37.62 81.45
C VAL E 418 -27.81 37.19 81.51
N LEU E 419 -26.89 38.12 81.16
CA LEU E 419 -25.51 37.73 81.13
C LEU E 419 -25.16 37.32 82.51
N ALA E 420 -25.51 38.16 83.50
CA ALA E 420 -25.19 37.75 84.82
C ALA E 420 -26.12 38.42 85.77
N GLU E 421 -26.71 37.64 86.70
CA GLU E 421 -27.49 38.25 87.72
C GLU E 421 -26.77 37.91 88.98
N ALA E 422 -25.58 38.50 89.13
CA ALA E 422 -24.78 38.28 90.30
C ALA E 422 -25.23 39.29 91.29
N SER E 423 -24.73 39.18 92.53
CA SER E 423 -25.06 40.22 93.45
C SER E 423 -23.81 41.03 93.59
N ALA E 427 -27.09 44.24 95.33
CA ALA E 427 -27.60 43.24 94.41
C ALA E 427 -28.19 43.90 93.18
N SER E 428 -27.87 43.40 91.90
CA SER E 428 -28.25 43.89 90.56
C SER E 428 -28.35 42.77 89.51
N CYS E 429 -28.87 43.07 88.28
CA CYS E 429 -29.11 42.08 87.22
C CYS E 429 -28.83 42.68 85.84
N PHE E 430 -28.09 41.96 84.97
CA PHE E 430 -27.64 42.48 83.68
C PHE E 430 -28.16 41.58 82.59
N SER E 431 -28.63 42.16 81.45
CA SER E 431 -29.08 41.35 80.34
C SER E 431 -28.63 41.97 79.06
N ASP E 432 -28.42 41.13 78.02
CA ASP E 432 -27.95 41.60 76.75
C ASP E 432 -28.91 41.15 75.70
N GLY E 433 -29.18 42.02 74.72
CA GLY E 433 -30.05 41.64 73.65
C GLY E 433 -30.09 42.73 72.63
N TYR E 434 -30.72 42.44 71.49
CA TYR E 434 -30.93 43.38 70.42
C TYR E 434 -32.37 43.27 70.07
N PRO E 435 -33.13 44.33 70.04
CA PRO E 435 -32.67 45.65 70.40
C PRO E 435 -32.62 45.75 71.88
N LEU E 436 -32.56 46.99 72.42
CA LEU E 436 -32.42 47.26 73.82
C LEU E 436 -33.39 46.40 74.59
N PRO E 437 -32.84 45.63 75.48
CA PRO E 437 -33.66 44.79 76.31
C PRO E 437 -34.28 45.63 77.39
N SER E 438 -35.56 45.41 77.69
CA SER E 438 -36.19 46.22 78.69
C SER E 438 -36.07 45.48 79.99
N TRP E 439 -35.66 46.20 81.05
CA TRP E 439 -35.56 45.54 82.31
C TRP E 439 -36.70 45.98 83.17
N THR E 440 -37.54 45.00 83.57
CA THR E 440 -38.63 45.28 84.45
C THR E 440 -38.35 44.49 85.69
N TRP E 441 -38.71 45.05 86.87
CA TRP E 441 -38.42 44.38 88.10
C TRP E 441 -39.70 44.04 88.82
N LYS E 442 -39.66 42.95 89.59
CA LYS E 442 -40.74 42.54 90.43
C LYS E 442 -40.11 42.07 91.69
N LYS E 443 -40.75 42.23 92.88
CA LYS E 443 -40.02 41.71 94.00
C LYS E 443 -40.88 40.95 94.96
N CYS E 444 -42.23 41.03 94.86
CA CYS E 444 -43.02 40.39 95.87
C CYS E 444 -42.71 38.93 95.89
N SER E 445 -42.89 38.30 97.06
CA SER E 445 -42.52 36.94 97.23
C SER E 445 -43.39 36.09 96.37
N CYS E 451 -50.07 34.48 93.63
CA CYS E 451 -49.78 35.84 93.99
C CYS E 451 -48.32 36.13 93.85
N THR E 452 -47.99 37.01 92.88
CA THR E 452 -46.66 37.51 92.76
C THR E 452 -46.84 38.99 92.64
N GLU E 453 -46.50 39.74 93.69
CA GLU E 453 -46.68 41.16 93.58
C GLU E 453 -45.42 41.73 93.04
N GLU E 454 -45.48 42.99 92.56
CA GLU E 454 -44.31 43.58 92.00
C GLU E 454 -44.14 44.96 92.55
N ILE E 455 -42.87 45.39 92.67
CA ILE E 455 -42.59 46.74 93.08
C ILE E 455 -41.73 47.25 91.98
N THR E 456 -41.73 48.57 91.74
CA THR E 456 -40.90 49.06 90.67
C THR E 456 -39.93 50.04 91.24
N GLU E 457 -38.69 50.08 90.68
CA GLU E 457 -37.69 51.02 91.14
C GLU E 457 -36.35 50.58 90.56
N GLY E 458 -35.37 51.52 90.40
CA GLY E 458 -34.04 51.17 89.96
C GLY E 458 -33.48 52.15 88.97
N VAL E 459 -32.15 52.13 88.80
CA VAL E 459 -31.44 52.98 87.88
C VAL E 459 -30.85 52.10 86.83
N TRP E 460 -30.79 52.59 85.59
CA TRP E 460 -30.31 51.75 84.53
C TRP E 460 -29.36 52.51 83.68
N ASN E 461 -28.19 51.89 83.39
CA ASN E 461 -27.25 52.48 82.48
C ASN E 461 -26.75 51.39 81.56
N ARG E 462 -26.91 51.60 80.24
CA ARG E 462 -26.45 50.67 79.26
C ARG E 462 -25.16 51.22 78.75
N TRP E 472 -26.85 45.19 72.59
CA TRP E 472 -26.68 46.14 73.65
C TRP E 472 -26.87 45.44 74.95
N VAL E 473 -26.05 45.82 75.94
CA VAL E 473 -26.09 45.22 77.24
C VAL E 473 -26.64 46.25 78.18
N SER E 474 -27.52 45.81 79.10
CA SER E 474 -28.16 46.75 79.97
C SER E 474 -27.91 46.31 81.37
N SER E 475 -27.58 47.27 82.26
CA SER E 475 -27.36 46.92 83.62
C SER E 475 -28.30 47.73 84.44
N SER E 476 -29.28 47.06 85.06
CA SER E 476 -30.22 47.78 85.85
C SER E 476 -30.22 47.14 87.18
N THR E 477 -30.29 47.97 88.22
CA THR E 477 -30.23 47.40 89.53
C THR E 477 -31.26 48.07 90.39
N LEU E 478 -31.49 47.47 91.56
CA LEU E 478 -32.40 48.00 92.55
C LEU E 478 -31.76 47.73 93.87
N ASN E 479 -31.67 48.75 94.75
CA ASN E 479 -31.05 48.56 96.03
C ASN E 479 -31.82 47.52 96.76
N MET E 480 -31.11 46.61 97.47
CA MET E 480 -31.82 45.61 98.23
C MET E 480 -31.82 45.98 99.67
N SER E 481 -32.67 46.97 100.01
CA SER E 481 -32.82 47.30 101.40
C SER E 481 -34.26 47.02 101.64
N GLU E 482 -34.56 45.83 102.19
CA GLU E 482 -35.95 45.51 102.33
C GLU E 482 -36.34 45.48 103.77
N ALA E 483 -37.50 46.11 104.04
CA ALA E 483 -38.11 46.13 105.33
C ALA E 483 -38.56 44.74 105.67
N ILE E 484 -39.00 43.99 104.63
CA ILE E 484 -39.57 42.67 104.77
C ILE E 484 -38.67 41.68 104.12
N LYS E 485 -38.79 40.39 104.52
CA LYS E 485 -37.88 39.37 104.06
C LYS E 485 -38.64 38.12 103.69
N GLY E 486 -37.89 37.10 103.21
CA GLY E 486 -38.49 35.83 102.88
C GLY E 486 -39.27 35.92 101.61
N PHE E 487 -38.68 36.57 100.59
CA PHE E 487 -39.35 36.75 99.33
C PHE E 487 -38.38 36.35 98.24
N LEU E 488 -38.87 36.33 96.98
CA LEU E 488 -37.99 36.10 95.87
C LEU E 488 -38.19 37.26 94.94
N VAL E 489 -37.10 37.78 94.34
CA VAL E 489 -37.29 38.82 93.36
C VAL E 489 -36.90 38.26 92.04
N LYS E 490 -37.49 38.84 90.97
CA LYS E 490 -37.18 38.34 89.68
C LYS E 490 -36.88 39.48 88.75
N CYS E 491 -35.80 39.32 87.94
CA CYS E 491 -35.47 40.34 86.98
C CYS E 491 -35.95 39.90 85.65
N CYS E 492 -36.61 40.83 84.92
CA CYS E 492 -37.17 40.45 83.66
C CYS E 492 -36.59 41.32 82.60
N ALA E 493 -36.06 40.69 81.52
CA ALA E 493 -35.56 41.44 80.40
C ALA E 493 -36.47 41.15 79.27
N TYR E 494 -37.07 42.21 78.68
CA TYR E 494 -38.03 42.00 77.66
C TYR E 494 -37.51 42.55 76.37
N ASN E 495 -37.86 41.88 75.26
CA ASN E 495 -37.50 42.31 73.94
C ASN E 495 -38.66 41.92 73.10
N SER E 496 -38.86 42.62 71.97
CA SER E 496 -40.01 42.33 71.16
C SER E 496 -39.95 40.89 70.76
N LEU E 497 -38.72 40.38 70.51
CA LEU E 497 -38.61 39.02 70.09
C LEU E 497 -38.92 38.04 71.20
N GLY E 498 -38.41 38.26 72.44
CA GLY E 498 -38.67 37.25 73.45
C GLY E 498 -38.35 37.79 74.81
N THR E 499 -38.52 36.96 75.85
CA THR E 499 -38.27 37.40 77.19
C THR E 499 -37.56 36.32 77.96
N SER E 500 -36.80 36.74 79.00
CA SER E 500 -36.09 35.81 79.84
C SER E 500 -36.05 36.42 81.21
N CYS E 501 -35.82 35.59 82.26
CA CYS E 501 -35.79 36.17 83.57
C CYS E 501 -35.02 35.26 84.50
N GLU E 502 -34.57 35.81 85.64
CA GLU E 502 -33.85 35.07 86.63
C GLU E 502 -34.43 35.44 87.96
N THR E 503 -34.30 34.53 88.96
CA THR E 503 -34.87 34.82 90.24
C THR E 503 -33.77 34.84 91.25
N ILE E 504 -33.95 35.63 92.33
CA ILE E 504 -32.94 35.65 93.34
C ILE E 504 -33.63 35.30 94.62
N LEU E 505 -32.87 34.95 95.66
CA LEU E 505 -33.49 34.60 96.91
C LEU E 505 -33.20 35.66 97.91
N LEU E 506 -34.11 35.77 98.90
CA LEU E 506 -33.97 36.70 99.98
C LEU E 506 -34.09 35.91 101.23
N THR F 144 -13.38 -2.34 43.20
CA THR F 144 -11.95 -2.61 43.45
C THR F 144 -11.00 -1.64 42.70
N LEU F 145 -9.71 -1.60 43.13
CA LEU F 145 -8.64 -0.77 42.56
C LEU F 145 -7.24 -1.40 42.83
N ARG F 146 -6.92 -2.46 42.08
CA ARG F 146 -5.65 -3.16 42.17
C ARG F 146 -4.59 -2.41 41.34
N ARG F 147 -3.51 -1.97 42.04
CA ARG F 147 -2.33 -1.22 41.58
C ARG F 147 -1.74 -1.74 40.25
N PRO F 148 -1.13 -0.87 39.41
CA PRO F 148 -0.61 -1.32 38.11
C PRO F 148 0.47 -2.41 38.18
N TYR F 149 0.47 -3.31 37.17
CA TYR F 149 1.45 -4.39 36.93
C TYR F 149 2.10 -4.11 35.58
N PHE F 150 3.28 -4.70 35.26
CA PHE F 150 3.88 -4.45 33.95
C PHE F 150 4.07 -5.72 33.12
N ARG F 151 3.96 -5.59 31.78
CA ARG F 151 4.18 -6.68 30.82
C ARG F 151 4.82 -6.11 29.55
N LYS F 152 5.97 -6.68 29.11
CA LYS F 152 6.65 -6.19 27.92
C LYS F 152 5.93 -6.71 26.69
N MET F 153 5.50 -5.77 25.78
CA MET F 153 4.80 -6.14 24.53
C MET F 153 5.71 -7.10 23.74
N GLU F 154 5.21 -8.31 23.42
CA GLU F 154 5.96 -9.36 22.71
C GLU F 154 6.33 -8.94 21.28
N ASN F 155 5.58 -7.97 20.73
CA ASN F 155 5.74 -7.40 19.41
C ASN F 155 7.06 -6.63 19.25
N GLN F 156 7.27 -5.56 20.06
CA GLN F 156 8.47 -4.71 19.99
C GLN F 156 9.12 -4.40 21.36
N ASP F 157 10.08 -3.45 21.37
CA ASP F 157 10.81 -2.98 22.54
C ASP F 157 10.00 -1.85 23.22
N ALA F 158 8.89 -2.23 23.90
CA ALA F 158 7.98 -1.33 24.60
C ALA F 158 7.23 -2.03 25.77
N LEU F 159 6.94 -1.28 26.85
CA LEU F 159 6.29 -1.76 28.07
C LEU F 159 4.80 -1.43 28.09
N VAL F 160 4.00 -2.25 28.82
CA VAL F 160 2.54 -2.12 28.90
C VAL F 160 2.09 -2.23 30.35
N CYS F 161 1.19 -1.30 30.74
CA CYS F 161 0.61 -1.18 32.08
C CYS F 161 -0.74 -1.92 32.19
N ILE F 162 -0.73 -2.98 33.03
CA ILE F 162 -1.85 -3.87 33.32
C ILE F 162 -2.35 -3.57 34.75
N SER F 163 -3.33 -2.64 34.85
CA SER F 163 -3.94 -2.24 36.13
C SER F 163 -5.35 -2.77 36.21
N GLU F 164 -5.73 -3.42 37.33
CA GLU F 164 -7.08 -3.98 37.44
C GLU F 164 -7.93 -3.12 38.35
N SER F 165 -9.25 -3.02 38.07
CA SER F 165 -10.17 -2.19 38.86
C SER F 165 -11.62 -2.26 38.40
N VAL F 166 -12.54 -2.09 39.35
CA VAL F 166 -13.98 -2.03 39.15
C VAL F 166 -14.46 -0.70 39.81
N PRO F 167 -14.82 0.39 39.07
CA PRO F 167 -14.89 0.53 37.59
C PRO F 167 -13.53 0.47 36.93
N GLU F 168 -13.49 0.13 35.61
CA GLU F 168 -12.26 0.11 34.82
C GLU F 168 -11.57 1.50 34.89
N PRO F 169 -10.25 1.57 35.12
CA PRO F 169 -9.62 2.89 35.31
C PRO F 169 -8.90 3.49 34.09
N ILE F 170 -8.50 4.75 34.27
CA ILE F 170 -7.69 5.51 33.35
C ILE F 170 -6.24 5.10 33.64
N VAL F 171 -5.54 4.56 32.64
CA VAL F 171 -4.17 4.12 32.82
C VAL F 171 -3.25 5.12 32.11
N GLU F 172 -2.52 5.90 32.92
CA GLU F 172 -1.65 6.93 32.39
C GLU F 172 -0.23 6.74 32.84
N TRP F 173 0.68 6.81 31.86
CA TRP F 173 2.11 6.70 32.10
C TRP F 173 2.66 8.09 32.37
N VAL F 174 3.37 8.29 33.49
CA VAL F 174 3.95 9.61 33.75
C VAL F 174 5.49 9.51 33.88
N LEU F 175 6.20 10.19 32.94
CA LEU F 175 7.66 10.28 32.89
C LEU F 175 8.08 11.67 33.35
N CYS F 176 8.62 11.76 34.59
CA CYS F 176 9.00 13.03 35.21
C CYS F 176 10.47 13.40 34.95
N VAL F 190 7.55 17.36 34.90
CA VAL F 190 6.88 16.08 34.70
C VAL F 190 6.07 16.08 33.40
N VAL F 191 5.86 14.89 32.80
CA VAL F 191 5.09 14.74 31.56
C VAL F 191 4.17 13.52 31.65
N LYS F 192 2.87 13.76 31.46
CA LYS F 192 1.84 12.71 31.49
C LYS F 192 1.45 12.29 30.06
N LYS F 193 1.47 10.97 29.78
CA LYS F 193 1.12 10.37 28.51
C LYS F 193 0.20 9.18 28.77
N GLU F 194 -1.11 9.45 28.73
CA GLU F 194 -2.14 8.44 28.95
C GLU F 194 -2.22 7.57 27.68
N GLU F 195 -1.60 6.36 27.73
CA GLU F 195 -1.53 5.47 26.57
C GLU F 195 -1.71 3.97 26.90
N LYS F 196 -1.42 3.53 28.16
CA LYS F 196 -1.43 2.13 28.66
C LYS F 196 -0.26 1.32 28.06
N VAL F 197 0.36 1.84 26.99
CA VAL F 197 1.49 1.28 26.25
C VAL F 197 2.53 2.39 26.09
N LEU F 198 3.68 2.24 26.75
CA LEU F 198 4.79 3.19 26.69
C LEU F 198 5.93 2.62 25.83
N HIS F 199 6.39 3.38 24.83
CA HIS F 199 7.49 2.96 23.97
C HIS F 199 8.73 3.81 24.24
N GLU F 200 8.55 5.08 24.72
CA GLU F 200 9.61 6.06 25.05
C GLU F 200 10.03 5.91 26.55
N LEU F 201 10.55 4.71 26.89
CA LEU F 201 10.98 4.27 28.22
C LEU F 201 12.30 4.89 28.75
N PHE F 202 12.93 5.77 27.97
CA PHE F 202 14.21 6.35 28.34
C PHE F 202 14.13 7.38 29.46
N GLY F 203 14.99 7.16 30.44
CA GLY F 203 15.27 7.96 31.63
C GLY F 203 14.14 8.60 32.39
N THR F 204 14.50 9.60 33.21
CA THR F 204 13.62 10.40 34.08
C THR F 204 13.01 9.49 35.20
N ASP F 205 11.83 9.84 35.77
CA ASP F 205 11.11 9.04 36.80
C ASP F 205 9.81 8.52 36.20
N ILE F 206 9.81 7.24 35.74
CA ILE F 206 8.69 6.56 35.08
C ILE F 206 7.82 5.82 36.09
N ARG F 207 6.53 6.21 36.14
CA ARG F 207 5.53 5.64 37.05
C ARG F 207 4.17 5.58 36.36
N CYS F 208 3.52 4.39 36.39
CA CYS F 208 2.19 4.22 35.80
C CYS F 208 1.11 4.41 36.88
N CYS F 209 0.02 5.09 36.50
CA CYS F 209 -1.06 5.36 37.43
C CYS F 209 -2.39 4.93 36.91
N ALA F 210 -3.18 4.30 37.80
CA ALA F 210 -4.54 3.86 37.55
C ALA F 210 -5.47 4.78 38.31
N ARG F 211 -6.49 5.33 37.61
CA ARG F 211 -7.47 6.25 38.21
C ARG F 211 -8.90 5.86 37.85
N ASN F 212 -9.70 5.47 38.86
CA ASN F 212 -11.12 5.13 38.68
C ASN F 212 -12.02 5.92 39.70
N GLU F 213 -13.27 5.44 39.96
CA GLU F 213 -14.20 6.05 40.91
C GLU F 213 -13.61 5.99 42.34
N LEU F 214 -12.95 4.87 42.68
CA LEU F 214 -12.32 4.66 43.99
C LEU F 214 -11.22 5.68 44.22
N GLY F 215 -10.31 5.78 43.26
CA GLY F 215 -9.18 6.72 43.35
C GLY F 215 -8.02 6.40 42.43
N ARG F 216 -6.79 6.76 42.87
CA ARG F 216 -5.58 6.57 42.07
C ARG F 216 -4.50 5.80 42.81
N GLU F 217 -4.18 4.61 42.29
CA GLU F 217 -3.10 3.75 42.79
C GLU F 217 -1.99 3.74 41.73
N CYS F 218 -0.72 3.89 42.16
CA CYS F 218 0.38 3.97 41.21
C CYS F 218 1.52 3.01 41.50
N THR F 219 2.09 2.45 40.44
CA THR F 219 3.23 1.56 40.55
C THR F 219 4.36 2.22 39.78
N ARG F 220 5.46 2.54 40.48
CA ARG F 220 6.62 3.19 39.89
C ARG F 220 7.58 2.14 39.38
N LEU F 221 8.13 2.36 38.18
CA LEU F 221 9.08 1.41 37.65
C LEU F 221 10.39 1.63 38.37
N PHE F 222 10.89 0.56 39.01
CA PHE F 222 12.14 0.61 39.76
C PHE F 222 13.31 0.86 38.82
N THR F 223 14.05 1.92 39.08
CA THR F 223 15.15 2.25 38.21
C THR F 223 16.45 2.32 38.99
N ILE F 224 17.56 1.99 38.30
CA ILE F 224 18.94 2.04 38.78
C ILE F 224 19.71 2.86 37.76
N ASP F 225 19.97 4.13 38.06
CA ASP F 225 20.72 4.99 37.14
C ASP F 225 22.20 4.96 37.53
N LEU F 226 23.03 4.26 36.73
CA LEU F 226 24.46 4.15 36.95
C LEU F 226 25.11 5.46 36.62
N ASN F 227 24.50 6.21 35.69
CA ASN F 227 24.90 7.54 35.27
C ASN F 227 24.74 8.52 36.44
N GLN F 228 23.62 8.42 37.22
CA GLN F 228 23.32 9.30 38.37
C GLN F 228 24.12 8.94 39.66
N THR F 229 24.13 9.88 40.65
CA THR F 229 24.81 9.74 41.95
C THR F 229 24.21 8.56 42.73
N PRO F 230 24.99 7.87 43.58
CA PRO F 230 24.45 6.71 44.30
C PRO F 230 23.68 7.10 45.55
N GLN F 231 22.57 6.40 45.75
CA GLN F 231 21.71 6.56 46.92
C GLN F 231 22.29 5.71 48.04
N THR F 232 23.48 5.09 47.77
CA THR F 232 24.23 4.19 48.64
C THR F 232 23.49 3.93 49.99
N THR F 233 22.51 3.02 49.91
CA THR F 233 21.67 2.53 51.00
C THR F 233 21.30 1.05 50.68
N LEU F 234 21.91 0.48 49.59
CA LEU F 234 21.67 -0.87 49.05
C LEU F 234 20.14 -1.04 48.95
N PRO F 235 19.48 -0.20 48.12
CA PRO F 235 18.01 -0.17 48.07
C PRO F 235 17.32 -1.53 48.17
N GLN F 236 16.24 -1.60 48.98
CA GLN F 236 15.44 -2.80 49.23
C GLN F 236 14.12 -2.75 48.44
N LEU F 237 13.88 -3.78 47.60
CA LEU F 237 12.69 -3.91 46.77
C LEU F 237 11.84 -5.03 47.29
N PHE F 238 10.63 -4.71 47.77
CA PHE F 238 9.75 -5.75 48.31
C PHE F 238 8.64 -6.09 47.33
N LEU F 239 8.22 -7.40 47.27
CA LEU F 239 7.08 -7.85 46.44
C LEU F 239 6.58 -9.27 46.83
N LYS F 240 5.24 -9.47 46.80
CA LYS F 240 4.59 -10.72 47.16
C LYS F 240 4.83 -11.80 46.12
N VAL F 241 5.06 -13.05 46.58
CA VAL F 241 5.31 -14.20 45.68
C VAL F 241 4.19 -14.29 44.61
N GLY F 242 4.60 -14.33 43.34
CA GLY F 242 3.71 -14.41 42.19
C GLY F 242 3.68 -13.12 41.40
N GLU F 243 4.02 -11.98 42.05
CA GLU F 243 4.02 -10.64 41.43
C GLU F 243 5.15 -10.49 40.40
N PRO F 244 5.04 -9.60 39.38
CA PRO F 244 6.13 -9.48 38.40
C PRO F 244 7.22 -8.46 38.80
N LEU F 245 8.50 -8.92 38.81
CA LEU F 245 9.65 -8.07 39.15
C LEU F 245 10.10 -7.24 37.95
N TRP F 246 10.35 -5.94 38.14
CA TRP F 246 10.77 -5.04 37.08
C TRP F 246 11.84 -4.10 37.54
N ILE F 247 13.05 -4.23 36.98
CA ILE F 247 14.18 -3.39 37.35
C ILE F 247 14.88 -2.85 36.10
N ARG F 248 14.71 -1.56 35.82
CA ARG F 248 15.32 -0.91 34.67
C ARG F 248 16.67 -0.38 35.05
N CYS F 249 17.70 -0.77 34.32
CA CYS F 249 19.03 -0.26 34.56
C CYS F 249 19.39 0.72 33.47
N LYS F 250 19.49 2.03 33.81
CA LYS F 250 19.80 3.08 32.85
C LYS F 250 21.20 3.61 33.03
N ALA F 251 21.96 3.76 31.93
CA ALA F 251 23.31 4.30 31.99
C ALA F 251 23.52 5.24 30.83
N VAL F 252 24.12 6.40 31.11
CA VAL F 252 24.39 7.38 30.05
C VAL F 252 25.89 7.55 29.90
N HIS F 253 26.39 7.41 28.64
CA HIS F 253 27.79 7.53 28.30
C HIS F 253 27.98 8.40 27.05
N VAL F 254 29.16 9.05 26.91
CA VAL F 254 29.59 9.93 25.81
C VAL F 254 29.52 9.20 24.44
N ASN F 255 30.35 8.17 24.25
CA ASN F 255 30.35 7.37 23.03
C ASN F 255 29.40 6.18 23.23
N HIS F 256 29.08 5.45 22.15
CA HIS F 256 28.22 4.27 22.26
C HIS F 256 28.99 3.04 22.80
N GLY F 257 30.31 3.20 22.92
CA GLY F 257 31.24 2.18 23.39
C GLY F 257 31.14 1.89 24.87
N PHE F 258 30.15 1.03 25.25
CA PHE F 258 29.85 0.56 26.60
C PHE F 258 28.71 -0.46 26.58
N GLY F 259 28.78 -1.38 27.53
CA GLY F 259 27.76 -2.41 27.71
C GLY F 259 27.17 -2.33 29.11
N LEU F 260 26.15 -3.18 29.38
CA LEU F 260 25.45 -3.29 30.67
C LEU F 260 25.20 -4.75 30.98
N THR F 261 25.25 -5.13 32.25
CA THR F 261 25.01 -6.52 32.63
C THR F 261 24.33 -6.62 33.96
N TRP F 262 23.48 -7.65 34.08
CA TRP F 262 22.71 -7.98 35.28
C TRP F 262 23.26 -9.23 35.97
N GLU F 263 23.30 -9.20 37.32
CA GLU F 263 23.74 -10.34 38.12
C GLU F 263 22.85 -10.48 39.38
N LEU F 264 22.28 -11.68 39.59
CA LEU F 264 21.43 -12.04 40.73
C LEU F 264 22.29 -12.24 41.99
N GLU F 265 21.79 -13.03 42.97
CA GLU F 265 22.50 -13.41 44.19
C GLU F 265 23.64 -14.37 43.76
N ASN F 266 24.82 -13.76 43.42
CA ASN F 266 26.07 -14.36 42.91
C ASN F 266 25.87 -14.87 41.46
N LYS F 267 24.75 -15.60 41.19
CA LYS F 267 24.33 -16.13 39.89
C LYS F 267 24.11 -14.97 38.90
N ALA F 268 24.26 -15.23 37.57
CA ALA F 268 24.11 -14.21 36.52
C ALA F 268 22.63 -13.83 36.33
N LEU F 269 21.99 -14.25 35.21
CA LEU F 269 20.58 -13.98 34.94
C LEU F 269 20.05 -14.78 33.75
N GLU F 270 18.83 -15.35 33.91
CA GLU F 270 18.09 -16.14 32.91
C GLU F 270 17.91 -15.35 31.61
N GLU F 271 17.98 -16.03 30.45
CA GLU F 271 17.86 -15.45 29.09
C GLU F 271 16.48 -14.78 28.85
N GLY F 272 15.44 -15.32 29.48
CA GLY F 272 14.06 -14.82 29.44
C GLY F 272 13.70 -14.03 30.68
N ASN F 273 14.65 -13.20 31.13
CA ASN F 273 14.57 -12.33 32.28
C ASN F 273 15.38 -11.01 32.02
N TYR F 274 15.82 -10.77 30.76
CA TYR F 274 16.60 -9.58 30.37
C TYR F 274 16.18 -9.03 29.02
N PHE F 275 16.29 -7.68 28.85
CA PHE F 275 16.03 -6.96 27.60
C PHE F 275 16.81 -5.61 27.51
N GLU F 276 17.42 -5.33 26.33
CA GLU F 276 18.26 -4.15 26.07
C GLU F 276 17.76 -3.23 24.94
N MET F 277 17.48 -1.96 25.30
CA MET F 277 17.05 -0.84 24.44
C MET F 277 18.13 0.22 24.46
N SER F 278 18.23 1.03 23.39
CA SER F 278 19.28 2.06 23.29
C SER F 278 18.88 3.20 22.40
N THR F 279 19.26 4.45 22.75
CA THR F 279 18.99 5.61 21.88
C THR F 279 20.08 6.67 22.09
N TYR F 280 20.06 7.73 21.27
CA TYR F 280 21.03 8.82 21.32
C TYR F 280 20.48 10.06 22.03
N SER F 281 21.37 10.85 22.60
CA SER F 281 21.03 12.06 23.32
C SER F 281 21.98 13.16 22.91
N THR F 282 21.60 14.42 23.22
CA THR F 282 22.29 15.71 22.99
C THR F 282 23.47 15.62 21.96
N ASN F 283 24.70 15.94 22.40
CA ASN F 283 25.86 15.96 21.52
C ASN F 283 26.37 14.52 21.33
N ARG F 284 25.68 13.75 20.45
CA ARG F 284 25.99 12.36 20.08
C ARG F 284 26.21 11.41 21.30
N THR F 285 25.44 11.62 22.37
CA THR F 285 25.50 10.82 23.60
C THR F 285 24.73 9.53 23.39
N MET F 286 24.97 8.52 24.23
CA MET F 286 24.20 7.27 24.14
C MET F 286 23.67 6.86 25.51
N ILE F 287 22.36 6.51 25.56
CA ILE F 287 21.64 6.04 26.74
C ILE F 287 21.28 4.60 26.53
N ARG F 288 21.61 3.75 27.51
CA ARG F 288 21.30 2.32 27.44
C ARG F 288 20.37 1.90 28.57
N ILE F 289 19.32 1.12 28.23
CA ILE F 289 18.34 0.55 29.18
C ILE F 289 18.48 -0.97 29.13
N LEU F 290 18.96 -1.59 30.21
CA LEU F 290 19.08 -3.05 30.28
C LEU F 290 18.22 -3.49 31.42
N PHE F 291 16.93 -3.74 31.14
CA PHE F 291 16.02 -4.08 32.22
C PHE F 291 15.90 -5.58 32.40
N ALA F 292 15.69 -5.96 33.67
CA ALA F 292 15.51 -7.34 34.09
C ALA F 292 14.10 -7.51 34.63
N PHE F 293 13.49 -8.66 34.36
CA PHE F 293 12.13 -8.92 34.78
C PHE F 293 11.86 -10.38 35.15
N VAL F 294 10.89 -10.57 36.03
CA VAL F 294 10.39 -11.87 36.43
C VAL F 294 8.91 -11.86 36.16
N SER F 295 8.39 -12.87 35.46
CA SER F 295 6.97 -12.98 35.11
C SER F 295 6.11 -13.13 36.39
N SER F 296 6.45 -14.11 37.21
CA SER F 296 5.80 -14.38 38.48
C SER F 296 6.89 -14.74 39.44
N VAL F 297 7.06 -13.95 40.51
CA VAL F 297 8.15 -14.18 41.47
C VAL F 297 7.85 -15.35 42.43
N ALA F 298 8.91 -15.82 43.12
CA ALA F 298 8.90 -16.88 44.12
C ALA F 298 10.06 -16.67 45.11
N ARG F 299 10.20 -17.55 46.13
CA ARG F 299 11.29 -17.43 47.11
C ARG F 299 12.67 -17.56 46.41
N ASN F 300 12.72 -18.42 45.38
CA ASN F 300 13.87 -18.72 44.50
C ASN F 300 14.47 -17.43 43.91
N ASP F 301 13.61 -16.45 43.51
CA ASP F 301 13.99 -15.18 42.85
C ASP F 301 14.42 -14.08 43.83
N THR F 302 14.14 -14.22 45.16
CA THR F 302 14.56 -13.24 46.16
C THR F 302 16.10 -13.23 46.27
N GLY F 303 16.72 -12.05 46.35
CA GLY F 303 18.19 -11.93 46.42
C GLY F 303 18.76 -10.59 46.02
N TYR F 304 20.09 -10.43 46.15
CA TYR F 304 20.78 -9.16 45.82
C TYR F 304 21.15 -9.04 44.34
N TYR F 305 20.43 -8.15 43.59
CA TYR F 305 20.61 -7.86 42.15
C TYR F 305 21.55 -6.67 41.96
N THR F 306 22.43 -6.75 40.95
CA THR F 306 23.38 -5.69 40.67
C THR F 306 23.55 -5.46 39.18
N CYS F 307 23.66 -4.19 38.82
CA CYS F 307 23.86 -3.80 37.44
C CYS F 307 25.21 -3.11 37.29
N SER F 308 26.02 -3.60 36.34
CA SER F 308 27.36 -3.03 36.06
C SER F 308 27.50 -2.64 34.59
N SER F 309 28.15 -1.49 34.32
CA SER F 309 28.35 -1.04 32.94
C SER F 309 29.84 -0.98 32.58
N SER F 310 30.15 -1.34 31.30
CA SER F 310 31.50 -1.34 30.71
C SER F 310 31.97 0.11 30.39
N LYS F 311 31.82 1.00 31.39
CA LYS F 311 32.17 2.41 31.43
C LYS F 311 31.44 3.08 32.62
N HIS F 312 30.91 2.26 33.59
CA HIS F 312 30.17 2.77 34.75
C HIS F 312 30.32 1.94 36.06
N PRO F 313 30.06 2.52 37.27
CA PRO F 313 30.21 1.72 38.49
C PRO F 313 29.01 0.83 38.78
N SER F 314 29.25 -0.42 39.17
CA SER F 314 28.21 -1.41 39.47
C SER F 314 27.31 -1.02 40.69
N GLN F 315 26.05 -0.59 40.43
CA GLN F 315 25.13 -0.25 41.53
C GLN F 315 24.16 -1.41 41.75
N SER F 316 23.79 -1.67 43.03
CA SER F 316 22.94 -2.81 43.37
C SER F 316 21.69 -2.45 44.18
N ALA F 317 20.74 -3.41 44.25
CA ALA F 317 19.46 -3.39 44.97
C ALA F 317 19.03 -4.82 45.33
N LEU F 318 18.67 -5.07 46.61
CA LEU F 318 18.25 -6.39 47.10
C LEU F 318 16.75 -6.56 47.00
N VAL F 319 16.32 -7.73 46.55
CA VAL F 319 14.91 -8.07 46.37
C VAL F 319 14.43 -9.02 47.48
N THR F 320 13.46 -8.53 48.26
CA THR F 320 12.83 -9.24 49.36
C THR F 320 11.47 -9.71 48.93
N ILE F 321 11.36 -11.03 48.87
CA ILE F 321 10.13 -11.71 48.52
C ILE F 321 9.31 -11.82 49.80
N VAL F 322 8.04 -11.39 49.74
CA VAL F 322 7.21 -11.43 50.93
C VAL F 322 6.08 -12.45 50.78
N GLY F 325 1.28 -9.40 53.49
CA GLY F 325 1.53 -7.98 53.74
C GLY F 325 2.04 -7.73 55.14
N PHE F 326 2.92 -6.71 55.32
CA PHE F 326 3.52 -6.43 56.63
C PHE F 326 3.69 -4.92 56.92
N ILE F 327 3.80 -4.59 58.23
CA ILE F 327 4.05 -3.24 58.75
C ILE F 327 5.11 -3.32 59.86
N ASN F 328 6.31 -2.77 59.62
CA ASN F 328 7.34 -2.79 60.64
C ASN F 328 7.58 -1.40 61.12
N ALA F 329 7.31 -1.20 62.43
CA ALA F 329 7.44 0.05 63.19
C ALA F 329 7.35 -0.20 64.70
N THR F 330 8.02 0.65 65.48
CA THR F 330 8.04 0.57 66.93
C THR F 330 6.75 1.15 67.48
N ASN F 331 5.90 0.30 68.04
CA ASN F 331 4.62 0.70 68.60
C ASN F 331 4.68 0.78 70.13
N SER F 332 5.81 1.25 70.66
CA SER F 332 6.09 1.39 72.09
C SER F 332 5.09 2.29 72.83
N SER F 333 4.30 3.10 72.08
CA SER F 333 3.33 4.09 72.56
C SER F 333 4.12 5.16 73.30
N GLU F 334 4.60 6.20 72.59
CA GLU F 334 5.49 7.24 73.12
C GLU F 334 4.76 8.42 73.77
N ASP F 335 5.32 8.92 74.88
CA ASP F 335 4.75 10.04 75.62
C ASP F 335 5.57 11.32 75.37
N TYR F 336 4.88 12.46 75.29
CA TYR F 336 5.44 13.78 75.02
C TYR F 336 4.76 14.89 75.85
N GLU F 337 5.36 16.09 75.88
CA GLU F 337 4.83 17.27 76.60
C GLU F 337 5.51 18.54 76.11
N ILE F 338 4.71 19.58 75.77
CA ILE F 338 5.24 20.87 75.30
C ILE F 338 4.31 22.04 75.71
N ASP F 339 4.88 23.27 75.82
CA ASP F 339 4.19 24.53 76.17
C ASP F 339 3.86 25.30 74.89
N GLN F 340 2.58 25.77 74.75
CA GLN F 340 2.01 26.51 73.60
C GLN F 340 2.84 27.74 73.25
N TYR F 341 4.03 27.47 72.72
CA TYR F 341 5.10 28.40 72.31
C TYR F 341 6.15 27.66 71.47
N GLU F 342 6.12 26.30 71.50
CA GLU F 342 7.04 25.41 70.78
C GLU F 342 6.42 24.90 69.43
N GLU F 343 7.26 24.83 68.34
CA GLU F 343 6.90 24.34 67.00
C GLU F 343 7.35 22.88 66.86
N PHE F 344 6.37 21.93 66.82
CA PHE F 344 6.62 20.48 66.82
C PHE F 344 5.62 19.66 65.95
N CYS F 345 6.16 18.55 65.40
CA CYS F 345 5.49 17.56 64.56
C CYS F 345 5.75 16.15 65.05
N PHE F 346 4.66 15.37 65.29
CA PHE F 346 4.71 13.96 65.67
C PHE F 346 5.25 13.15 64.49
N SER F 347 6.08 12.13 64.76
CA SER F 347 6.65 11.32 63.67
C SER F 347 6.48 9.83 63.88
N VAL F 348 6.50 9.04 62.79
CA VAL F 348 6.42 7.55 62.77
C VAL F 348 7.19 7.01 61.57
N ARG F 349 8.34 6.37 61.81
CA ARG F 349 9.14 5.75 60.74
C ARG F 349 8.69 4.30 60.57
N PHE F 350 8.42 3.85 59.33
CA PHE F 350 7.95 2.49 59.10
C PHE F 350 8.30 1.93 57.73
N LYS F 351 8.66 0.64 57.71
CA LYS F 351 8.94 -0.09 56.47
C LYS F 351 7.79 -1.04 56.34
N ALA F 352 6.88 -0.75 55.40
CA ALA F 352 5.66 -1.51 55.21
C ALA F 352 5.30 -1.74 53.73
N TYR F 353 4.83 -2.98 53.41
CA TYR F 353 4.40 -3.34 52.05
C TYR F 353 3.11 -4.20 52.10
N PRO F 354 2.08 -3.90 51.26
CA PRO F 354 1.99 -2.79 50.29
C PRO F 354 1.82 -1.44 50.96
N GLN F 355 1.93 -0.33 50.20
CA GLN F 355 1.74 1.03 50.71
C GLN F 355 0.50 1.06 51.63
N ILE F 356 0.69 1.46 52.89
CA ILE F 356 -0.35 1.42 53.93
C ILE F 356 -1.30 2.62 53.90
N ARG F 357 -2.55 2.38 54.36
CA ARG F 357 -3.57 3.40 54.54
C ARG F 357 -3.44 3.86 55.99
N CYS F 358 -3.08 5.13 56.20
CA CYS F 358 -2.85 5.63 57.54
C CYS F 358 -3.93 6.62 57.99
N THR F 359 -4.14 6.72 59.32
CA THR F 359 -5.12 7.61 59.95
C THR F 359 -4.64 8.07 61.33
N TRP F 360 -4.61 9.40 61.53
CA TRP F 360 -4.23 10.03 62.80
C TRP F 360 -5.52 10.46 63.53
N THR F 361 -5.97 9.69 64.53
CA THR F 361 -7.20 10.00 65.27
C THR F 361 -6.90 10.50 66.69
N PHE F 362 -7.71 11.48 67.19
CA PHE F 362 -7.57 12.07 68.54
C PHE F 362 -8.93 12.58 69.05
N SER F 363 -9.35 12.10 70.26
CA SER F 363 -10.62 12.44 70.94
C SER F 363 -11.83 12.32 69.97
N ARG F 364 -11.83 11.21 69.16
CA ARG F 364 -12.77 10.79 68.10
C ARG F 364 -12.49 11.49 66.76
N LYS F 365 -12.02 12.78 66.77
CA LYS F 365 -11.72 13.57 65.57
C LYS F 365 -10.50 12.97 64.83
N SER F 366 -10.75 12.36 63.65
CA SER F 366 -9.71 11.70 62.87
C SER F 366 -9.34 12.48 61.62
N PHE F 367 -8.03 12.67 61.38
CA PHE F 367 -7.45 13.36 60.22
C PHE F 367 -6.48 12.43 59.48
N PRO F 368 -6.51 12.35 58.11
CA PRO F 368 -5.57 11.46 57.40
C PRO F 368 -4.13 12.00 57.40
N CYS F 369 -3.17 11.24 56.83
CA CYS F 369 -1.75 11.63 56.87
C CYS F 369 -1.09 11.67 55.51
N GLU F 370 0.01 12.46 55.47
CA GLU F 370 0.91 12.58 54.35
C GLU F 370 1.97 11.48 54.56
N GLN F 371 1.62 10.22 54.20
CA GLN F 371 2.44 9.02 54.36
C GLN F 371 3.63 9.02 53.36
N LYS F 372 4.48 10.07 53.44
CA LYS F 372 5.66 10.31 52.58
C LYS F 372 6.79 9.33 52.86
N GLY F 373 7.69 9.18 51.88
CA GLY F 373 8.86 8.32 52.00
C GLY F 373 10.13 9.05 52.43
N LEU F 374 10.94 8.39 53.31
CA LEU F 374 12.22 8.90 53.81
C LEU F 374 13.40 8.42 52.93
N ASP F 375 13.11 7.51 51.96
CA ASP F 375 14.00 6.92 50.95
C ASP F 375 15.18 6.13 51.55
N ASN F 376 15.47 6.28 52.87
CA ASN F 376 16.56 5.61 53.58
C ASN F 376 16.39 4.08 53.58
N GLY F 377 15.14 3.65 53.62
CA GLY F 377 14.73 2.25 53.65
C GLY F 377 13.44 2.09 54.42
N TYR F 378 12.74 3.23 54.62
CA TYR F 378 11.49 3.35 55.34
C TYR F 378 10.74 4.62 54.92
N SER F 379 9.44 4.70 55.24
CA SER F 379 8.58 5.84 55.00
C SER F 379 8.26 6.48 56.35
N ILE F 380 8.38 7.82 56.47
CA ILE F 380 8.14 8.52 57.73
C ILE F 380 6.89 9.39 57.65
N SER F 381 5.82 9.03 58.37
CA SER F 381 4.57 9.81 58.42
C SER F 381 4.68 10.86 59.52
N LYS F 382 4.17 12.07 59.24
CA LYS F 382 4.23 13.19 60.16
C LYS F 382 2.85 13.79 60.42
N PHE F 383 2.69 14.43 61.59
CA PHE F 383 1.45 15.12 62.00
C PHE F 383 1.85 16.39 62.71
N CYS F 384 1.38 17.53 62.23
CA CYS F 384 1.79 18.79 62.82
C CYS F 384 0.66 19.55 63.50
N ASN F 385 -0.59 19.51 62.95
CA ASN F 385 -1.76 20.24 63.46
C ASN F 385 -2.20 19.74 64.88
N HIS F 386 -1.27 19.86 65.86
CA HIS F 386 -1.42 19.50 67.28
C HIS F 386 -2.47 20.39 67.95
N LYS F 387 -2.49 21.69 67.53
CA LYS F 387 -3.36 22.77 67.99
C LYS F 387 -3.17 22.98 69.50
N HIS F 388 -1.92 22.73 69.99
CA HIS F 388 -1.49 22.80 71.39
C HIS F 388 -2.49 22.04 72.33
N GLN F 389 -3.40 21.22 71.74
CA GLN F 389 -4.41 20.39 72.41
C GLN F 389 -3.75 19.16 73.11
N PRO F 390 -3.95 18.98 74.43
CA PRO F 390 -3.28 17.86 75.12
C PRO F 390 -4.04 16.54 75.07
N GLY F 391 -3.32 15.44 75.21
CA GLY F 391 -3.92 14.10 75.23
C GLY F 391 -3.34 13.04 74.30
N GLU F 392 -4.17 12.00 74.06
CA GLU F 392 -3.88 10.82 73.27
C GLU F 392 -4.11 11.02 71.74
N TYR F 393 -2.98 11.03 70.97
CA TYR F 393 -2.93 11.09 69.50
C TYR F 393 -2.54 9.68 69.00
N ILE F 394 -3.52 8.90 68.45
CA ILE F 394 -3.29 7.50 68.02
C ILE F 394 -3.18 7.41 66.50
N PHE F 395 -2.09 6.77 66.06
CA PHE F 395 -1.76 6.56 64.67
C PHE F 395 -2.04 5.12 64.29
N HIS F 396 -3.09 4.90 63.49
CA HIS F 396 -3.49 3.59 63.02
C HIS F 396 -3.21 3.47 61.55
N ALA F 397 -2.33 2.52 61.18
CA ALA F 397 -1.96 2.29 59.79
C ALA F 397 -2.17 0.82 59.42
N GLU F 398 -2.78 0.55 58.25
CA GLU F 398 -3.05 -0.82 57.83
C GLU F 398 -3.04 -0.99 56.33
N ASN F 399 -2.58 -2.17 55.88
CA ASN F 399 -2.58 -2.58 54.47
C ASN F 399 -3.51 -3.78 54.31
N ASP F 400 -3.69 -4.26 53.07
CA ASP F 400 -4.57 -5.39 52.74
C ASP F 400 -4.39 -6.63 53.69
N ASP F 401 -3.14 -7.05 54.00
CA ASP F 401 -2.92 -8.21 54.84
C ASP F 401 -2.24 -7.90 56.20
N ALA F 402 -2.28 -6.64 56.69
CA ALA F 402 -1.66 -6.25 57.99
C ALA F 402 -2.24 -4.96 58.60
N GLN F 403 -2.23 -4.86 59.94
CA GLN F 403 -2.74 -3.73 60.73
C GLN F 403 -1.70 -3.23 61.74
N PHE F 404 -1.90 -2.00 62.29
CA PHE F 404 -0.99 -1.32 63.26
C PHE F 404 -1.65 -0.11 63.95
N THR F 405 -1.16 0.22 65.17
CA THR F 405 -1.57 1.38 65.96
C THR F 405 -0.47 1.75 66.96
N LYS F 406 -0.16 3.08 67.10
CA LYS F 406 0.84 3.65 68.05
C LYS F 406 0.22 4.85 68.81
N MET F 407 0.19 4.79 70.19
CA MET F 407 -0.42 5.75 71.14
C MET F 407 0.57 6.81 71.59
N PHE F 408 0.29 8.07 71.22
CA PHE F 408 1.16 9.20 71.55
C PHE F 408 0.56 10.15 72.59
N THR F 409 1.06 10.07 73.86
CA THR F 409 0.59 10.93 74.97
C THR F 409 1.17 12.33 74.79
N LEU F 410 0.40 13.37 75.18
CA LEU F 410 0.83 14.77 75.11
C LEU F 410 0.41 15.60 76.37
N ASN F 411 1.36 16.39 76.93
CA ASN F 411 1.10 17.25 78.09
C ASN F 411 1.82 18.61 77.95
N ARG F 414 1.71 25.50 82.06
CA ARG F 414 1.23 26.90 82.29
C ARG F 414 1.59 27.37 83.66
N LYS F 415 1.30 28.65 83.93
CA LYS F 415 1.57 29.22 85.22
C LYS F 415 0.64 28.54 86.15
N PRO F 416 1.09 28.29 87.35
CA PRO F 416 0.20 27.66 88.27
C PRO F 416 -0.86 28.65 88.62
N GLN F 417 -2.09 28.19 88.87
CA GLN F 417 -3.12 29.11 89.23
C GLN F 417 -3.70 28.59 90.48
N VAL F 418 -3.99 29.47 91.46
CA VAL F 418 -4.60 28.92 92.63
C VAL F 418 -6.05 28.81 92.31
N LEU F 419 -6.51 27.56 92.07
CA LEU F 419 -7.89 27.41 91.69
C LEU F 419 -8.70 27.92 92.82
N ALA F 420 -8.38 27.49 94.05
CA ALA F 420 -9.14 28.02 95.13
C ALA F 420 -8.33 27.93 96.37
N GLU F 421 -8.29 29.05 97.13
CA GLU F 421 -7.65 28.99 98.41
C GLU F 421 -8.74 29.28 99.38
N ALA F 422 -9.69 28.35 99.47
CA ALA F 422 -10.79 28.50 100.37
C ALA F 422 -10.34 27.94 101.67
N SER F 423 -11.16 28.12 102.71
CA SER F 423 -10.78 27.48 103.93
C SER F 423 -11.70 26.31 104.07
N ALA F 427 -8.18 24.94 107.19
CA ALA F 427 -7.78 25.85 106.14
C ALA F 427 -6.71 25.20 105.27
N SER F 428 -6.82 25.29 103.87
CA SER F 428 -5.98 24.70 102.81
C SER F 428 -5.95 25.55 101.53
N CYS F 429 -5.05 25.21 100.52
CA CYS F 429 -4.86 25.98 99.30
C CYS F 429 -4.57 25.06 98.13
N PHE F 430 -5.23 25.27 96.96
CA PHE F 430 -5.16 24.37 95.82
C PHE F 430 -4.67 25.15 94.61
N SER F 431 -3.76 24.57 93.79
CA SER F 431 -3.31 25.25 92.59
C SER F 431 -3.19 24.25 91.49
N ASP F 432 -3.37 24.73 90.23
CA ASP F 432 -3.31 23.88 89.08
C ASP F 432 -2.31 24.42 88.13
N GLY F 433 -1.53 23.52 87.50
CA GLY F 433 -0.57 23.98 86.55
C GLY F 433 0.07 22.78 85.90
N TYR F 434 0.87 23.05 84.85
CA TYR F 434 1.62 22.06 84.14
C TYR F 434 3.00 22.60 84.03
N PRO F 435 4.02 21.91 84.44
CA PRO F 435 3.92 20.62 85.06
C PRO F 435 3.50 20.81 86.49
N LEU F 436 3.68 19.76 87.32
CA LEU F 436 3.28 19.76 88.70
C LEU F 436 3.70 21.04 89.36
N PRO F 437 2.72 21.72 89.88
CA PRO F 437 2.99 22.95 90.58
C PRO F 437 3.54 22.64 91.94
N SER F 438 4.57 23.37 92.39
CA SER F 438 5.12 23.06 93.67
C SER F 438 4.45 23.94 94.67
N TRP F 439 4.02 23.36 95.79
CA TRP F 439 3.39 24.18 96.79
C TRP F 439 4.35 24.37 97.91
N THR F 440 4.69 25.65 98.18
CA THR F 440 5.55 25.96 99.28
C THR F 440 4.74 26.84 100.18
N TRP F 441 4.91 26.69 101.50
CA TRP F 441 4.13 27.45 102.43
C TRP F 441 5.00 28.36 103.23
N LYS F 442 4.43 29.50 103.64
CA LYS F 442 5.08 30.43 104.51
C LYS F 442 4.02 30.89 105.47
N LYS F 443 4.35 31.21 106.74
CA LYS F 443 3.22 31.66 107.53
C LYS F 443 3.52 32.85 108.37
N CYS F 444 4.81 33.25 108.53
CA CYS F 444 5.07 34.32 109.45
C CYS F 444 4.34 35.53 109.00
N SER F 445 4.00 36.41 109.96
CA SER F 445 3.20 37.55 109.67
C SER F 445 3.96 38.47 108.78
N CYS F 451 10.30 41.79 106.92
CA CYS F 451 10.36 40.53 107.59
C CYS F 451 9.16 39.70 107.28
N THR F 452 9.37 38.59 106.56
CA THR F 452 8.35 37.63 106.35
C THR F 452 8.99 36.32 106.69
N GLU F 453 8.63 35.73 107.83
CA GLU F 453 9.26 34.48 108.16
C GLU F 453 8.43 33.39 107.58
N GLU F 454 8.99 32.18 107.49
CA GLU F 454 8.25 31.10 106.92
C GLU F 454 8.37 29.90 107.79
N ILE F 455 7.31 29.06 107.81
CA ILE F 455 7.36 27.83 108.52
C ILE F 455 7.01 26.82 107.47
N THR F 456 7.48 25.57 107.62
CA THR F 456 7.15 24.61 106.60
C THR F 456 6.41 23.47 107.24
N GLU F 457 5.43 22.88 106.51
CA GLU F 457 4.69 21.76 107.03
C GLU F 457 3.49 21.55 106.12
N GLY F 458 2.91 20.31 106.05
CA GLY F 458 1.71 20.05 105.31
C GLY F 458 1.76 18.76 104.55
N VAL F 459 0.56 18.27 104.15
CA VAL F 459 0.42 17.05 103.40
C VAL F 459 -0.11 17.43 102.06
N TRP F 460 0.32 16.69 101.02
CA TRP F 460 -0.10 17.08 99.69
C TRP F 460 -0.53 15.87 98.93
N ASN F 461 -1.70 15.95 98.28
CA ASN F 461 -2.14 14.90 97.41
C ASN F 461 -2.68 15.51 96.16
N ARG F 462 -2.13 15.10 95.01
CA ARG F 462 -2.58 15.60 93.74
C ARG F 462 -3.45 14.52 93.17
N TRP F 472 -2.13 19.38 85.97
CA TRP F 472 -2.26 18.65 87.20
C TRP F 472 -2.65 19.62 88.27
N VAL F 473 -3.55 19.18 89.18
CA VAL F 473 -4.04 20.01 90.24
C VAL F 473 -3.47 19.46 91.50
N SER F 474 -3.04 20.36 92.40
CA SER F 474 -2.40 19.91 93.60
C SER F 474 -3.13 20.51 94.76
N SER F 475 -3.37 19.70 95.81
CA SER F 475 -4.04 20.22 96.96
C SER F 475 -3.15 19.99 98.12
N SER F 476 -2.61 21.07 98.69
CA SER F 476 -1.73 20.93 99.80
C SER F 476 -2.30 21.77 100.88
N THR F 477 -2.24 21.26 102.11
CA THR F 477 -2.81 22.03 103.16
C THR F 477 -1.91 21.97 104.35
N LEU F 478 -2.18 22.83 105.34
CA LEU F 478 -1.45 22.87 106.58
C LEU F 478 -2.46 23.14 107.63
N ASN F 479 -2.46 22.37 108.73
CA ASN F 479 -3.42 22.59 109.76
C ASN F 479 -3.22 23.96 110.31
N MET F 480 -4.35 24.67 110.59
CA MET F 480 -4.20 25.99 111.15
C MET F 480 -4.46 25.94 112.61
N SER F 481 -3.48 25.42 113.37
CA SER F 481 -3.60 25.45 114.79
C SER F 481 -2.43 26.29 115.20
N GLU F 482 -2.67 27.59 115.44
CA GLU F 482 -1.53 28.41 115.72
C GLU F 482 -1.56 28.87 117.14
N ALA F 483 -0.38 28.78 117.78
CA ALA F 483 -0.16 29.24 119.11
C ALA F 483 -0.26 30.73 119.12
N ILE F 484 0.19 31.37 118.01
CA ILE F 484 0.27 32.79 117.88
C ILE F 484 -0.70 33.24 116.82
N LYS F 485 -1.07 34.55 116.85
CA LYS F 485 -2.10 35.04 115.97
C LYS F 485 -1.70 36.38 115.41
N GLY F 486 -2.56 36.95 114.54
CA GLY F 486 -2.31 38.26 113.98
C GLY F 486 -1.24 38.19 112.93
N PHE F 487 -1.31 37.17 112.06
CA PHE F 487 -0.31 37.00 111.03
C PHE F 487 -1.03 36.79 109.73
N LEU F 488 -0.27 36.74 108.61
CA LEU F 488 -0.84 36.40 107.34
C LEU F 488 -0.06 35.23 106.83
N VAL F 489 -0.74 34.24 106.21
CA VAL F 489 0.00 33.17 105.62
C VAL F 489 -0.17 33.26 104.16
N LYS F 490 0.82 32.72 103.41
CA LYS F 490 0.73 32.81 101.99
C LYS F 490 1.05 31.47 101.39
N CYS F 491 0.23 31.06 100.38
CA CYS F 491 0.48 29.82 99.71
C CYS F 491 1.15 30.12 98.41
N CYS F 492 2.22 29.38 98.10
CA CYS F 492 2.95 29.67 96.91
C CYS F 492 2.96 28.45 96.05
N ALA F 493 2.57 28.61 94.77
CA ALA F 493 2.63 27.52 93.83
C ALA F 493 3.68 27.88 92.84
N TYR F 494 4.70 27.01 92.70
CA TYR F 494 5.79 27.35 91.83
C TYR F 494 5.82 26.39 90.68
N ASN F 495 6.22 26.91 89.51
CA ASN F 495 6.37 26.12 88.33
C ASN F 495 7.54 26.72 87.63
N SER F 496 8.24 25.94 86.79
CA SER F 496 9.42 26.44 86.15
C SER F 496 9.02 27.65 85.36
N LEU F 497 7.81 27.62 84.76
CA LEU F 497 7.39 28.75 83.97
C LEU F 497 7.08 29.97 84.80
N GLY F 498 6.37 29.84 85.93
CA GLY F 498 6.03 31.05 86.65
C GLY F 498 5.55 30.71 88.02
N THR F 499 5.17 31.74 88.81
CA THR F 499 4.72 31.53 90.15
C THR F 499 3.55 32.41 90.44
N SER F 500 2.70 31.97 91.39
CA SER F 500 1.55 32.72 91.81
C SER F 500 1.34 32.43 93.27
N CYS F 501 0.61 33.31 93.99
CA CYS F 501 0.40 33.05 95.38
C CYS F 501 -0.82 33.78 95.86
N GLU F 502 -1.36 33.35 97.02
CA GLU F 502 -2.52 33.96 97.61
C GLU F 502 -2.22 34.11 99.07
N THR F 503 -2.88 35.08 99.74
CA THR F 503 -2.61 35.29 101.12
C THR F 503 -3.88 35.08 101.89
N ILE F 504 -3.75 34.64 103.15
CA ILE F 504 -4.94 34.47 103.94
C ILE F 504 -4.74 35.29 105.17
N LEU F 505 -5.83 35.55 105.93
CA LEU F 505 -5.69 36.34 107.11
C LEU F 505 -5.89 35.48 108.31
N LEU F 506 -5.30 35.90 109.42
CA LEU F 506 -5.42 35.23 110.68
C LEU F 506 -5.89 36.25 111.66
N ALA G 56 2.86 -47.27 8.50
CA ALA G 56 1.97 -48.32 8.98
C ALA G 56 0.64 -48.35 8.20
N ALA G 57 0.20 -47.17 7.70
CA ALA G 57 -1.02 -46.99 6.92
C ALA G 57 -0.75 -47.19 5.43
N VAL G 58 -1.46 -48.15 4.81
CA VAL G 58 -1.30 -48.51 3.40
C VAL G 58 -2.50 -48.03 2.60
N GLU G 59 -2.25 -47.37 1.45
CA GLU G 59 -3.28 -46.89 0.53
C GLU G 59 -3.18 -47.64 -0.80
N VAL G 60 -4.14 -48.55 -1.06
CA VAL G 60 -4.15 -49.38 -2.28
C VAL G 60 -5.06 -48.76 -3.34
N ASP G 61 -4.48 -48.39 -4.48
CA ASP G 61 -5.24 -47.83 -5.59
C ASP G 61 -5.63 -48.93 -6.58
N VAL G 62 -6.95 -49.28 -6.62
CA VAL G 62 -7.60 -50.29 -7.48
C VAL G 62 -6.94 -51.69 -7.31
N SER G 63 -7.13 -52.60 -8.28
CA SER G 63 -6.52 -53.93 -8.24
C SER G 63 -5.05 -53.81 -8.64
N ALA G 64 -4.24 -53.25 -7.73
CA ALA G 64 -2.81 -52.99 -7.92
C ALA G 64 -1.94 -54.19 -7.54
N SER G 65 -0.80 -54.30 -8.23
CA SER G 65 0.18 -55.37 -8.02
C SER G 65 1.47 -54.77 -7.45
N ILE G 66 1.63 -54.81 -6.11
CA ILE G 66 2.82 -54.28 -5.41
C ILE G 66 3.33 -55.28 -4.34
N THR G 67 4.59 -55.10 -3.92
CA THR G 67 5.24 -55.91 -2.89
C THR G 67 5.35 -55.14 -1.57
N LEU G 68 5.18 -55.87 -0.44
CA LEU G 68 5.28 -55.26 0.89
C LEU G 68 6.39 -55.93 1.68
N GLN G 69 7.55 -55.26 1.78
CA GLN G 69 8.73 -55.76 2.50
C GLN G 69 9.19 -54.81 3.60
N VAL G 70 9.76 -55.38 4.68
CA VAL G 70 10.32 -54.64 5.82
C VAL G 70 11.64 -55.27 6.25
N LEU G 71 12.65 -54.43 6.50
CA LEU G 71 13.99 -54.86 6.88
C LEU G 71 14.41 -54.29 8.24
N VAL G 72 15.06 -55.13 9.06
CA VAL G 72 15.59 -54.77 10.39
C VAL G 72 17.13 -54.98 10.35
N ASP G 73 17.89 -53.97 10.79
CA ASP G 73 19.36 -53.96 10.81
C ASP G 73 19.93 -54.96 11.84
N ALA G 74 19.89 -56.27 11.48
CA ALA G 74 20.39 -57.43 12.25
C ALA G 74 20.25 -58.75 11.43
N PRO G 75 20.92 -58.93 10.25
CA PRO G 75 20.73 -60.19 9.50
C PRO G 75 21.41 -61.38 10.20
N GLY G 76 20.57 -62.33 10.60
CA GLY G 76 20.98 -63.57 11.28
C GLY G 76 19.93 -64.65 11.18
N ASN G 77 20.18 -65.83 11.82
CA ASN G 77 19.28 -66.99 11.81
C ASN G 77 18.02 -66.71 12.67
N ILE G 78 17.11 -65.91 12.10
CA ILE G 78 15.86 -65.42 12.70
C ILE G 78 14.66 -65.94 11.84
N SER G 79 13.53 -66.29 12.50
CA SER G 79 12.34 -66.82 11.83
C SER G 79 11.10 -65.92 11.99
N CYS G 80 10.27 -65.85 10.91
CA CYS G 80 9.03 -65.06 10.89
C CYS G 80 7.78 -65.98 10.89
N LEU G 81 6.58 -65.34 10.89
CA LEU G 81 5.23 -65.93 10.84
C LEU G 81 4.21 -64.83 10.50
N TRP G 82 3.59 -64.92 9.31
CA TRP G 82 2.61 -63.93 8.85
C TRP G 82 1.24 -64.21 9.47
N VAL G 83 0.58 -63.15 9.99
CA VAL G 83 -0.73 -63.19 10.63
C VAL G 83 -1.70 -62.29 9.84
N PHE G 84 -2.34 -62.85 8.81
CA PHE G 84 -3.28 -62.15 7.94
C PHE G 84 -4.62 -61.84 8.63
N LYS G 85 -5.54 -61.20 7.89
CA LYS G 85 -6.88 -60.88 8.35
C LYS G 85 -7.58 -62.16 8.87
N HIS G 86 -7.58 -62.34 10.21
CA HIS G 86 -8.16 -63.45 10.99
C HIS G 86 -7.82 -64.83 10.40
N SER G 87 -6.59 -65.01 9.86
CA SER G 87 -6.08 -66.25 9.27
C SER G 87 -4.56 -66.28 9.32
N SER G 88 -3.97 -67.48 9.46
CA SER G 88 -2.51 -67.67 9.53
C SER G 88 -1.85 -67.81 8.15
N LEU G 89 -0.51 -67.52 8.06
CA LEU G 89 0.27 -67.61 6.82
C LEU G 89 1.78 -67.88 7.08
N ASN G 90 2.38 -68.80 6.27
CA ASN G 90 3.79 -69.22 6.34
C ASN G 90 4.71 -68.26 5.57
N CYS G 91 5.99 -68.16 5.98
CA CYS G 91 6.98 -67.28 5.35
C CYS G 91 8.39 -67.89 5.29
N GLN G 92 9.18 -67.40 4.31
CA GLN G 92 10.57 -67.75 4.03
C GLN G 92 11.24 -66.47 3.46
N PRO G 93 11.96 -65.68 4.29
CA PRO G 93 12.50 -64.39 3.82
C PRO G 93 13.99 -64.40 3.41
N HIS G 94 14.61 -63.20 3.36
CA HIS G 94 16.02 -62.99 3.03
C HIS G 94 16.77 -62.39 4.23
N PHE G 95 18.12 -62.56 4.29
CA PHE G 95 18.96 -62.04 5.37
C PHE G 95 19.74 -60.80 4.95
N GLY G 101 18.13 -58.34 8.15
CA GLY G 101 17.17 -59.29 7.61
C GLY G 101 15.94 -58.60 7.05
N VAL G 102 15.48 -59.04 5.87
CA VAL G 102 14.31 -58.48 5.20
C VAL G 102 13.26 -59.55 4.87
N VAL G 103 12.02 -59.32 5.35
CA VAL G 103 10.84 -60.19 5.15
C VAL G 103 9.84 -59.50 4.20
N SER G 104 9.05 -60.29 3.43
CA SER G 104 8.10 -59.72 2.47
C SER G 104 6.86 -60.57 2.20
N MET G 105 5.76 -59.86 1.81
CA MET G 105 4.46 -60.36 1.37
C MET G 105 4.05 -59.53 0.17
N VAL G 106 4.17 -60.13 -1.03
CA VAL G 106 3.86 -59.47 -2.31
C VAL G 106 2.46 -59.86 -2.77
N ILE G 107 1.78 -58.94 -3.49
CA ILE G 107 0.42 -59.17 -3.98
C ILE G 107 0.24 -58.67 -5.41
N LEU G 108 -0.42 -59.49 -6.24
CA LEU G 108 -0.77 -59.19 -7.63
C LEU G 108 -2.29 -59.03 -7.69
N LYS G 109 -2.76 -57.79 -7.98
CA LYS G 109 -4.18 -57.37 -8.04
C LYS G 109 -4.85 -57.54 -6.66
N MET G 110 -4.65 -56.54 -5.77
CA MET G 110 -5.19 -56.56 -4.41
C MET G 110 -6.70 -56.30 -4.40
N THR G 111 -7.51 -57.40 -4.32
CA THR G 111 -8.98 -57.37 -4.27
C THR G 111 -9.44 -56.78 -2.93
N GLU G 112 -10.70 -56.32 -2.84
CA GLU G 112 -11.28 -55.76 -1.60
C GLU G 112 -11.26 -56.81 -0.47
N THR G 113 -11.11 -58.09 -0.87
CA THR G 113 -10.96 -59.25 0.00
C THR G 113 -9.54 -59.24 0.58
N GLN G 114 -8.52 -59.05 -0.29
CA GLN G 114 -7.10 -59.00 0.06
C GLN G 114 -6.70 -57.60 0.58
N ALA G 115 -7.30 -57.17 1.71
CA ALA G 115 -7.07 -55.87 2.37
C ALA G 115 -7.49 -55.91 3.85
N GLY G 116 -6.81 -55.13 4.70
CA GLY G 116 -7.10 -55.08 6.12
C GLY G 116 -5.92 -55.23 7.07
N GLU G 117 -6.16 -55.91 8.22
CA GLU G 117 -5.16 -56.13 9.27
C GLU G 117 -4.21 -57.28 8.89
N TYR G 118 -2.92 -56.93 8.64
CA TYR G 118 -1.86 -57.90 8.28
C TYR G 118 -0.63 -57.72 9.20
N LEU G 119 -0.43 -58.67 10.13
CA LEU G 119 0.66 -58.67 11.12
C LEU G 119 1.78 -59.62 10.69
N LEU G 120 2.99 -59.44 11.26
CA LEU G 120 4.17 -60.27 10.98
C LEU G 120 5.02 -60.41 12.26
N PHE G 121 4.93 -61.58 12.93
CA PHE G 121 5.67 -61.87 14.17
C PHE G 121 7.01 -62.53 13.86
N ILE G 122 8.09 -62.08 14.55
CA ILE G 122 9.47 -62.56 14.36
C ILE G 122 10.07 -63.06 15.69
N GLN G 123 11.08 -63.96 15.58
CA GLN G 123 11.82 -64.53 16.71
C GLN G 123 13.29 -64.76 16.31
N SER G 124 14.27 -64.27 17.12
CA SER G 124 15.72 -64.38 16.90
C SER G 124 16.22 -65.83 16.89
N THR G 127 15.30 -62.58 20.95
CA THR G 127 14.32 -61.57 20.55
C THR G 127 13.02 -62.23 20.09
N ASN G 128 11.89 -61.53 20.34
CA ASN G 128 10.53 -61.92 19.98
C ASN G 128 9.74 -60.64 19.61
N TYR G 129 9.80 -60.25 18.31
CA TYR G 129 9.18 -59.03 17.76
C TYR G 129 7.83 -59.30 17.06
N THR G 130 7.06 -58.21 16.76
CA THR G 130 5.75 -58.25 16.09
C THR G 130 5.49 -56.92 15.36
N ILE G 131 5.08 -57.01 14.07
CA ILE G 131 4.76 -55.88 13.18
C ILE G 131 3.26 -55.95 12.78
N LEU G 132 2.63 -54.80 12.45
CA LEU G 132 1.21 -54.73 12.04
C LEU G 132 1.02 -53.63 10.99
N PHE G 133 0.26 -53.95 9.92
CA PHE G 133 -0.03 -53.04 8.82
C PHE G 133 -1.54 -52.94 8.55
N THR G 134 -2.02 -51.71 8.27
CA THR G 134 -3.44 -51.46 7.97
C THR G 134 -3.58 -51.15 6.47
N VAL G 135 -4.02 -52.14 5.69
CA VAL G 135 -4.20 -52.03 4.23
C VAL G 135 -5.62 -51.53 3.91
N SER G 136 -5.68 -50.26 3.44
CA SER G 136 -6.90 -49.57 3.03
C SER G 136 -6.96 -49.48 1.50
N ILE G 137 -8.09 -48.99 0.95
CA ILE G 137 -8.31 -48.88 -0.50
C ILE G 137 -8.62 -47.39 -0.89
N ARG G 138 -8.27 -46.99 -2.13
CA ARG G 138 -8.39 -45.64 -2.68
C ARG G 138 -9.83 -45.20 -2.99
N THR G 144 -14.30 -39.38 -9.11
CA THR G 144 -15.48 -38.69 -9.69
C THR G 144 -15.12 -37.45 -10.54
N LEU G 145 -16.10 -36.98 -11.36
CA LEU G 145 -15.99 -35.80 -12.24
C LEU G 145 -17.39 -35.19 -12.51
N ARG G 146 -17.92 -34.48 -11.51
CA ARG G 146 -19.22 -33.81 -11.61
C ARG G 146 -19.03 -32.43 -12.30
N ARG G 147 -19.75 -32.28 -13.45
CA ARG G 147 -19.81 -31.13 -14.38
C ARG G 147 -19.91 -29.76 -13.66
N PRO G 148 -19.36 -28.66 -14.25
CA PRO G 148 -19.40 -27.36 -13.56
C PRO G 148 -20.79 -26.82 -13.26
N TYR G 149 -20.92 -26.09 -12.13
CA TYR G 149 -22.12 -25.38 -11.64
C TYR G 149 -21.75 -23.89 -11.56
N PHE G 150 -22.72 -22.95 -11.51
CA PHE G 150 -22.34 -21.54 -11.40
C PHE G 150 -22.90 -20.87 -10.16
N ARG G 151 -22.15 -19.88 -9.61
CA ARG G 151 -22.55 -19.08 -8.45
C ARG G 151 -22.03 -17.65 -8.62
N LYS G 152 -22.92 -16.63 -8.53
CA LYS G 152 -22.50 -15.23 -8.70
C LYS G 152 -21.82 -14.77 -7.42
N MET G 153 -20.55 -14.27 -7.52
CA MET G 153 -19.79 -13.76 -6.38
C MET G 153 -20.61 -12.64 -5.72
N GLU G 154 -20.93 -12.80 -4.40
CA GLU G 154 -21.75 -11.85 -3.63
C GLU G 154 -21.08 -10.48 -3.49
N ASN G 155 -19.75 -10.46 -3.65
CA ASN G 155 -18.88 -9.28 -3.57
C ASN G 155 -19.16 -8.28 -4.71
N GLN G 156 -18.98 -8.71 -5.99
CA GLN G 156 -19.15 -7.83 -7.17
C GLN G 156 -19.97 -8.48 -8.32
N ASP G 157 -19.98 -7.82 -9.49
CA ASP G 157 -20.66 -8.24 -10.71
C ASP G 157 -19.74 -9.19 -11.50
N ALA G 158 -19.59 -10.45 -10.98
CA ALA G 158 -18.75 -11.49 -11.58
C ALA G 158 -19.25 -12.91 -11.19
N LEU G 159 -19.08 -13.89 -12.12
CA LEU G 159 -19.52 -15.28 -11.98
C LEU G 159 -18.39 -16.20 -11.55
N VAL G 160 -18.73 -17.32 -10.89
CA VAL G 160 -17.77 -18.29 -10.34
C VAL G 160 -18.20 -19.71 -10.69
N CYS G 161 -17.22 -20.51 -11.16
CA CYS G 161 -17.38 -21.90 -11.57
C CYS G 161 -17.06 -22.88 -10.43
N ILE G 162 -18.10 -23.61 -10.00
CA ILE G 162 -18.09 -24.60 -8.92
C ILE G 162 -18.23 -26.00 -9.55
N SER G 163 -17.08 -26.63 -9.85
CA SER G 163 -17.00 -27.96 -10.44
C SER G 163 -16.49 -28.95 -9.41
N GLU G 164 -17.16 -30.10 -9.24
CA GLU G 164 -16.73 -31.07 -8.22
C GLU G 164 -16.04 -32.25 -8.89
N SER G 165 -15.03 -32.86 -8.25
CA SER G 165 -14.28 -33.99 -8.80
C SER G 165 -13.20 -34.52 -7.87
N VAL G 166 -12.94 -35.84 -8.00
CA VAL G 166 -11.90 -36.57 -7.29
C VAL G 166 -11.05 -37.30 -8.37
N PRO G 167 -9.81 -36.87 -8.72
CA PRO G 167 -9.01 -35.76 -8.14
C PRO G 167 -9.61 -34.38 -8.44
N GLU G 168 -9.25 -33.37 -7.62
CA GLU G 168 -9.70 -31.98 -7.82
C GLU G 168 -9.27 -31.51 -9.24
N PRO G 169 -10.16 -30.85 -10.00
CA PRO G 169 -9.81 -30.51 -11.39
C PRO G 169 -9.33 -29.08 -11.65
N ILE G 170 -8.86 -28.88 -12.87
CA ILE G 170 -8.47 -27.60 -13.44
C ILE G 170 -9.77 -26.96 -13.91
N VAL G 171 -10.11 -25.78 -13.38
CA VAL G 171 -11.34 -25.09 -13.75
C VAL G 171 -10.95 -23.89 -14.65
N GLU G 172 -11.28 -24.01 -15.93
CA GLU G 172 -10.93 -22.99 -16.90
C GLU G 172 -12.15 -22.45 -17.60
N TRP G 173 -12.24 -21.13 -17.65
CA TRP G 173 -13.31 -20.42 -18.34
C TRP G 173 -12.90 -20.19 -19.79
N VAL G 174 -13.71 -20.60 -20.75
CA VAL G 174 -13.36 -20.36 -22.16
C VAL G 174 -14.44 -19.50 -22.84
N LEU G 175 -14.04 -18.29 -23.28
CA LEU G 175 -14.88 -17.32 -24.00
C LEU G 175 -14.46 -17.33 -25.48
N CYS G 176 -15.30 -17.94 -26.34
CA CYS G 176 -15.01 -18.10 -27.77
C CYS G 176 -15.59 -16.95 -28.61
N VAL G 190 -11.22 -18.46 -30.28
CA VAL G 190 -11.51 -18.81 -28.89
C VAL G 190 -10.42 -18.30 -27.95
N VAL G 191 -10.77 -18.05 -26.67
CA VAL G 191 -9.83 -17.57 -25.66
C VAL G 191 -10.07 -18.32 -24.34
N LYS G 192 -9.01 -18.96 -23.82
CA LYS G 192 -9.06 -19.70 -22.56
C LYS G 192 -8.43 -18.87 -21.42
N LYS G 193 -9.16 -18.73 -20.30
CA LYS G 193 -8.76 -18.00 -19.10
C LYS G 193 -9.04 -18.84 -17.89
N GLU G 194 -8.03 -19.63 -17.47
CA GLU G 194 -8.12 -20.51 -16.31
C GLU G 194 -8.06 -19.64 -15.04
N GLU G 195 -9.25 -19.37 -14.42
CA GLU G 195 -9.34 -18.49 -13.26
C GLU G 195 -10.33 -18.96 -12.18
N LYS G 196 -11.35 -19.79 -12.52
CA LYS G 196 -12.46 -20.28 -11.66
C LYS G 196 -13.44 -19.15 -11.31
N VAL G 197 -13.02 -17.89 -11.54
CA VAL G 197 -13.76 -16.65 -11.30
C VAL G 197 -13.64 -15.79 -12.57
N LEU G 198 -14.74 -15.60 -13.27
CA LEU G 198 -14.81 -14.79 -14.49
C LEU G 198 -15.51 -13.46 -14.20
N HIS G 199 -14.87 -12.34 -14.56
CA HIS G 199 -15.44 -11.01 -14.37
C HIS G 199 -15.80 -10.38 -15.72
N GLU G 200 -15.10 -10.78 -16.82
CA GLU G 200 -15.28 -10.31 -18.21
C GLU G 200 -16.32 -11.22 -18.95
N LEU G 201 -17.56 -11.24 -18.42
CA LEU G 201 -18.71 -12.04 -18.87
C LEU G 201 -19.37 -11.58 -20.17
N PHE G 202 -18.86 -10.52 -20.80
CA PHE G 202 -19.47 -9.96 -22.01
C PHE G 202 -19.26 -10.82 -23.26
N GLY G 203 -20.39 -11.06 -23.92
CA GLY G 203 -20.58 -11.75 -25.19
C GLY G 203 -19.80 -13.02 -25.49
N THR G 204 -19.76 -13.35 -26.81
CA THR G 204 -19.08 -14.51 -27.40
C THR G 204 -19.79 -15.83 -26.89
N ASP G 205 -19.07 -16.99 -26.87
CA ASP G 205 -19.58 -18.29 -26.38
C ASP G 205 -18.82 -18.68 -25.10
N ILE G 206 -19.44 -18.41 -23.93
CA ILE G 206 -18.88 -18.64 -22.59
C ILE G 206 -19.25 -20.02 -22.06
N ARG G 207 -18.21 -20.84 -21.78
CA ARG G 207 -18.36 -22.21 -21.28
C ARG G 207 -17.24 -22.53 -20.30
N CYS G 208 -17.59 -23.04 -19.10
CA CYS G 208 -16.60 -23.43 -18.10
C CYS G 208 -16.29 -24.92 -18.23
N CYS G 209 -15.01 -25.27 -18.06
CA CYS G 209 -14.56 -26.64 -18.19
C CYS G 209 -13.76 -27.10 -17.01
N ALA G 210 -14.07 -28.33 -16.56
CA ALA G 210 -13.37 -29.01 -15.48
C ALA G 210 -12.54 -30.13 -16.09
N ARG G 211 -11.25 -30.19 -15.74
CA ARG G 211 -10.32 -31.20 -16.25
C ARG G 211 -9.50 -31.84 -15.13
N ASN G 212 -9.70 -33.15 -14.91
CA ASN G 212 -8.94 -33.92 -13.90
C ASN G 212 -8.33 -35.22 -14.54
N GLU G 213 -7.96 -36.23 -13.71
CA GLU G 213 -7.42 -37.52 -14.17
C GLU G 213 -8.47 -38.27 -15.02
N LEU G 214 -9.76 -38.19 -14.63
CA LEU G 214 -10.86 -38.83 -15.34
C LEU G 214 -11.00 -38.25 -16.73
N GLY G 215 -11.09 -36.92 -16.81
CA GLY G 215 -11.23 -36.23 -18.08
C GLY G 215 -11.75 -34.82 -17.98
N ARG G 216 -12.50 -34.36 -19.01
CA ARG G 216 -13.03 -33.00 -19.07
C ARG G 216 -14.53 -32.95 -19.31
N GLU G 217 -15.25 -32.43 -18.32
CA GLU G 217 -16.70 -32.21 -18.38
C GLU G 217 -16.93 -30.69 -18.41
N CYS G 218 -17.82 -30.22 -19.31
CA CYS G 218 -18.04 -28.78 -19.46
C CYS G 218 -19.49 -28.37 -19.38
N THR G 219 -19.73 -27.23 -18.74
CA THR G 219 -21.08 -26.66 -18.63
C THR G 219 -21.02 -25.31 -19.32
N ARG G 220 -21.81 -25.14 -20.38
CA ARG G 220 -21.87 -23.91 -21.17
C ARG G 220 -22.91 -23.00 -20.58
N LEU G 221 -22.59 -21.70 -20.48
CA LEU G 221 -23.55 -20.76 -19.95
C LEU G 221 -24.55 -20.49 -21.04
N PHE G 222 -25.83 -20.75 -20.74
CA PHE G 222 -26.92 -20.55 -21.68
C PHE G 222 -27.07 -19.07 -22.00
N THR G 223 -26.98 -18.74 -23.27
CA THR G 223 -27.08 -17.35 -23.66
C THR G 223 -28.20 -17.14 -24.65
N ILE G 224 -28.79 -15.94 -24.62
CA ILE G 224 -29.85 -15.43 -25.50
C ILE G 224 -29.35 -14.10 -26.04
N ASP G 225 -28.85 -14.08 -27.27
CA ASP G 225 -28.36 -12.84 -27.87
C ASP G 225 -29.48 -12.23 -28.71
N LEU G 226 -30.09 -11.14 -28.19
CA LEU G 226 -31.16 -10.42 -28.88
C LEU G 226 -30.58 -9.66 -30.04
N ASN G 227 -29.30 -9.27 -29.91
CA ASN G 227 -28.52 -8.60 -30.94
C ASN G 227 -28.33 -9.54 -32.14
N GLN G 228 -28.03 -10.85 -31.88
CA GLN G 228 -27.80 -11.88 -32.92
C GLN G 228 -29.11 -12.40 -33.59
N THR G 229 -28.97 -13.09 -34.76
CA THR G 229 -30.06 -13.70 -35.53
C THR G 229 -30.78 -14.77 -34.70
N PRO G 230 -32.10 -14.97 -34.90
CA PRO G 230 -32.81 -15.96 -34.08
C PRO G 230 -32.63 -17.39 -34.56
N GLN G 231 -32.48 -18.29 -33.61
CA GLN G 231 -32.36 -19.72 -33.86
C GLN G 231 -33.77 -20.27 -33.96
N THR G 232 -34.78 -19.38 -33.92
CA THR G 232 -36.22 -19.65 -33.95
C THR G 232 -36.52 -21.18 -34.02
N THR G 233 -36.45 -21.79 -32.82
CA THR G 233 -36.72 -23.21 -32.53
C THR G 233 -37.28 -23.30 -31.09
N LEU G 234 -37.55 -22.10 -30.44
CA LEU G 234 -38.02 -21.92 -29.05
C LEU G 234 -37.12 -22.81 -28.18
N PRO G 235 -35.79 -22.51 -28.15
CA PRO G 235 -34.82 -23.39 -27.48
C PRO G 235 -35.30 -24.00 -26.15
N GLN G 236 -35.03 -25.32 -25.96
CA GLN G 236 -35.41 -26.09 -24.78
C GLN G 236 -34.19 -26.30 -23.85
N LEU G 237 -34.32 -25.87 -22.59
CA LEU G 237 -33.27 -25.96 -21.57
C LEU G 237 -33.68 -26.99 -20.54
N PHE G 238 -32.94 -28.10 -20.43
CA PHE G 238 -33.29 -29.13 -19.47
C PHE G 238 -32.36 -29.10 -18.26
N LEU G 239 -32.91 -29.39 -17.03
CA LEU G 239 -32.11 -29.50 -15.79
C LEU G 239 -32.88 -30.21 -14.64
N LYS G 240 -32.15 -31.04 -13.86
CA LYS G 240 -32.69 -31.82 -12.74
C LYS G 240 -33.07 -30.92 -11.57
N VAL G 241 -34.21 -31.24 -10.92
CA VAL G 241 -34.70 -30.46 -9.76
C VAL G 241 -33.57 -30.34 -8.70
N GLY G 242 -33.29 -29.09 -8.30
CA GLY G 242 -32.26 -28.76 -7.32
C GLY G 242 -31.08 -28.06 -7.94
N GLU G 243 -30.85 -28.29 -9.26
CA GLU G 243 -29.72 -27.71 -10.02
C GLU G 243 -29.88 -26.19 -10.20
N PRO G 244 -28.79 -25.41 -10.38
CA PRO G 244 -28.96 -23.95 -10.55
C PRO G 244 -29.17 -23.50 -12.01
N LEU G 245 -30.27 -22.75 -12.26
CA LEU G 245 -30.61 -22.24 -13.59
C LEU G 245 -29.82 -20.97 -13.91
N TRP G 246 -29.24 -20.87 -15.10
CA TRP G 246 -28.45 -19.72 -15.53
C TRP G 246 -28.74 -19.35 -16.95
N ILE G 247 -29.32 -18.16 -17.16
CA ILE G 247 -29.67 -17.68 -18.50
C ILE G 247 -29.21 -16.24 -18.68
N ARG G 248 -28.15 -16.03 -19.47
CA ARG G 248 -27.62 -14.71 -19.73
C ARG G 248 -28.29 -14.13 -20.94
N CYS G 249 -28.86 -12.94 -20.80
CA CYS G 249 -29.48 -12.27 -21.91
C CYS G 249 -28.59 -11.11 -22.35
N LYS G 250 -27.98 -11.22 -23.55
CA LYS G 250 -27.07 -10.21 -24.08
C LYS G 250 -27.70 -9.44 -25.23
N ALA G 251 -27.59 -8.11 -25.19
CA ALA G 251 -28.12 -7.27 -26.25
C ALA G 251 -27.13 -6.16 -26.57
N VAL G 252 -26.89 -5.93 -27.86
CA VAL G 252 -25.97 -4.87 -28.28
C VAL G 252 -26.74 -3.80 -29.03
N HIS G 253 -26.57 -2.53 -28.60
CA HIS G 253 -27.23 -1.37 -29.20
C HIS G 253 -26.24 -0.23 -29.39
N VAL G 254 -26.52 0.67 -30.38
CA VAL G 254 -25.73 1.85 -30.77
C VAL G 254 -25.53 2.83 -29.57
N ASN G 255 -26.62 3.43 -29.08
CA ASN G 255 -26.59 4.31 -27.93
C ASN G 255 -26.83 3.49 -26.66
N HIS G 256 -26.61 4.07 -25.48
CA HIS G 256 -26.87 3.36 -24.21
C HIS G 256 -28.38 3.34 -23.88
N GLY G 257 -29.17 4.08 -24.66
CA GLY G 257 -30.60 4.22 -24.51
C GLY G 257 -31.39 2.98 -24.89
N PHE G 258 -31.49 2.03 -23.94
CA PHE G 258 -32.21 0.75 -24.05
C PHE G 258 -32.12 -0.02 -22.72
N GLY G 259 -33.17 -0.78 -22.45
CA GLY G 259 -33.26 -1.64 -21.29
C GLY G 259 -33.48 -3.08 -21.68
N LEU G 260 -33.49 -3.99 -20.68
CA LEU G 260 -33.70 -5.43 -20.83
C LEU G 260 -34.62 -5.94 -19.74
N THR G 261 -35.45 -6.93 -20.03
CA THR G 261 -36.35 -7.46 -19.02
C THR G 261 -36.58 -8.93 -19.21
N TRP G 262 -36.76 -9.62 -18.08
CA TRP G 262 -37.03 -11.05 -18.00
C TRP G 262 -38.47 -11.35 -17.60
N GLU G 263 -39.08 -12.37 -18.24
CA GLU G 263 -40.46 -12.80 -17.92
C GLU G 263 -40.55 -14.34 -17.96
N LEU G 264 -41.03 -14.95 -16.86
CA LEU G 264 -41.24 -16.39 -16.70
C LEU G 264 -42.48 -16.85 -17.49
N GLU G 265 -43.11 -17.97 -17.09
CA GLU G 265 -44.34 -18.51 -17.66
C GLU G 265 -45.47 -17.54 -17.27
N ASN G 266 -45.68 -16.49 -18.13
CA ASN G 266 -46.60 -15.35 -18.01
C ASN G 266 -46.16 -14.38 -16.89
N LYS G 267 -45.80 -14.93 -15.70
CA LYS G 267 -45.29 -14.21 -14.53
C LYS G 267 -43.98 -13.50 -14.87
N ALA G 268 -43.64 -12.39 -14.17
CA ALA G 268 -42.44 -11.59 -14.41
C ALA G 268 -41.17 -12.34 -13.93
N LEU G 269 -40.53 -11.89 -12.83
CA LEU G 269 -39.34 -12.55 -12.26
C LEU G 269 -38.99 -12.01 -10.87
N GLU G 270 -38.66 -12.94 -9.94
CA GLU G 270 -38.25 -12.69 -8.54
C GLU G 270 -37.05 -11.73 -8.50
N GLU G 271 -37.01 -10.82 -7.48
CA GLU G 271 -35.96 -9.81 -7.28
C GLU G 271 -34.56 -10.43 -7.05
N GLY G 272 -34.53 -11.62 -6.43
CA GLY G 272 -33.33 -12.41 -6.15
C GLY G 272 -33.14 -13.54 -7.15
N ASN G 273 -33.43 -13.23 -8.42
CA ASN G 273 -33.33 -14.13 -9.57
C ASN G 273 -32.88 -13.33 -10.84
N TYR G 274 -32.44 -12.05 -10.67
CA TYR G 274 -32.01 -11.18 -11.77
C TYR G 274 -30.79 -10.34 -11.41
N PHE G 275 -29.93 -10.06 -12.42
CA PHE G 275 -28.74 -9.19 -12.31
C PHE G 275 -28.34 -8.54 -13.66
N GLU G 276 -28.01 -7.21 -13.64
CA GLU G 276 -27.68 -6.40 -14.81
C GLU G 276 -26.26 -5.79 -14.79
N MET G 277 -25.44 -6.14 -15.80
CA MET G 277 -24.08 -5.66 -16.08
C MET G 277 -24.09 -4.93 -17.41
N SER G 278 -23.16 -3.98 -17.60
CA SER G 278 -23.12 -3.18 -18.83
C SER G 278 -21.75 -2.65 -19.13
N THR G 279 -21.34 -2.61 -20.42
CA THR G 279 -20.04 -2.02 -20.80
C THR G 279 -20.15 -1.42 -22.22
N TYR G 280 -19.10 -0.73 -22.66
CA TYR G 280 -19.04 -0.08 -23.97
C TYR G 280 -18.21 -0.87 -24.98
N SER G 281 -18.54 -0.71 -26.25
CA SER G 281 -17.87 -1.40 -27.35
C SER G 281 -17.58 -0.41 -28.45
N THR G 282 -16.69 -0.81 -29.38
CA THR G 282 -16.20 -0.11 -30.59
C THR G 282 -16.52 1.42 -30.61
N ASN G 283 -17.30 1.88 -31.62
CA ASN G 283 -17.62 3.28 -31.78
C ASN G 283 -18.77 3.65 -30.82
N ARG G 284 -18.43 3.85 -29.53
CA ARG G 284 -19.35 4.23 -28.44
C ARG G 284 -20.64 3.35 -28.35
N THR G 285 -20.50 2.05 -28.64
CA THR G 285 -21.59 1.08 -28.59
C THR G 285 -21.84 0.68 -27.14
N MET G 286 -23.01 0.10 -26.84
CA MET G 286 -23.28 -0.39 -25.49
C MET G 286 -23.82 -1.82 -25.54
N ILE G 287 -23.24 -2.70 -24.68
CA ILE G 287 -23.61 -4.11 -24.52
C ILE G 287 -24.21 -4.27 -23.14
N ARG G 288 -25.39 -4.88 -23.07
CA ARG G 288 -26.08 -5.11 -21.80
C ARG G 288 -26.27 -6.61 -21.55
N ILE G 289 -25.95 -7.06 -20.31
CA ILE G 289 -26.13 -8.45 -19.83
C ILE G 289 -27.16 -8.43 -18.71
N LEU G 290 -28.34 -9.01 -18.94
CA LEU G 290 -29.37 -9.10 -17.90
C LEU G 290 -29.61 -10.55 -17.66
N PHE G 291 -28.83 -11.15 -16.76
CA PHE G 291 -28.97 -12.59 -16.56
C PHE G 291 -29.93 -12.92 -15.42
N ALA G 292 -30.62 -14.05 -15.59
CA ALA G 292 -31.55 -14.60 -14.64
C ALA G 292 -31.03 -15.90 -14.09
N PHE G 293 -31.26 -16.15 -12.80
CA PHE G 293 -30.75 -17.35 -12.16
C PHE G 293 -31.67 -17.91 -11.09
N VAL G 294 -31.58 -19.21 -10.87
CA VAL G 294 -32.29 -19.92 -9.81
C VAL G 294 -31.21 -20.65 -9.01
N SER G 295 -31.22 -20.49 -7.69
CA SER G 295 -30.24 -21.12 -6.79
C SER G 295 -30.36 -22.65 -6.84
N SER G 296 -31.57 -23.16 -6.62
CA SER G 296 -31.91 -24.56 -6.66
C SER G 296 -33.24 -24.66 -7.32
N VAL G 297 -33.32 -25.32 -8.48
CA VAL G 297 -34.59 -25.41 -9.23
C VAL G 297 -35.57 -26.43 -8.62
N ALA G 298 -36.84 -26.33 -9.04
CA ALA G 298 -37.96 -27.20 -8.67
C ALA G 298 -39.00 -27.22 -9.80
N ARG G 299 -40.10 -27.98 -9.65
CA ARG G 299 -41.15 -28.06 -10.67
C ARG G 299 -41.79 -26.67 -10.90
N ASN G 300 -41.92 -25.88 -9.81
CA ASN G 300 -42.42 -24.52 -9.72
C ASN G 300 -41.72 -23.59 -10.74
N ASP G 301 -40.38 -23.74 -10.91
CA ASP G 301 -39.52 -22.91 -11.77
C ASP G 301 -39.51 -23.32 -13.25
N THR G 302 -40.03 -24.53 -13.60
CA THR G 302 -40.12 -24.99 -15.00
C THR G 302 -41.13 -24.11 -15.75
N GLY G 303 -40.80 -23.69 -16.98
CA GLY G 303 -41.68 -22.83 -17.79
C GLY G 303 -41.01 -22.07 -18.91
N TYR G 304 -41.80 -21.32 -19.71
CA TYR G 304 -41.28 -20.56 -20.85
C TYR G 304 -40.77 -19.16 -20.46
N TYR G 305 -39.42 -18.96 -20.48
CA TYR G 305 -38.70 -17.72 -20.16
C TYR G 305 -38.45 -16.89 -21.41
N THR G 306 -38.61 -15.57 -21.32
CA THR G 306 -38.41 -14.68 -22.45
C THR G 306 -37.70 -13.39 -22.05
N CYS G 307 -36.79 -12.96 -22.91
CA CYS G 307 -36.06 -11.73 -22.70
C CYS G 307 -36.39 -10.73 -23.79
N SER G 308 -36.79 -9.50 -23.37
CA SER G 308 -37.16 -8.42 -24.30
C SER G 308 -36.34 -7.16 -24.02
N SER G 309 -35.89 -6.46 -25.09
CA SER G 309 -35.12 -5.24 -24.92
C SER G 309 -35.85 -4.02 -25.48
N SER G 310 -35.70 -2.86 -24.79
CA SER G 310 -36.28 -1.56 -25.17
C SER G 310 -35.51 -0.90 -26.35
N LYS G 311 -35.30 -1.71 -27.40
CA LYS G 311 -34.65 -1.42 -28.68
C LYS G 311 -34.29 -2.76 -29.36
N HIS G 312 -34.91 -3.91 -28.92
CA HIS G 312 -34.64 -5.24 -29.49
C HIS G 312 -35.84 -6.23 -29.48
N PRO G 313 -35.86 -7.28 -30.35
CA PRO G 313 -37.00 -8.20 -30.36
C PRO G 313 -36.95 -9.24 -29.24
N SER G 314 -38.07 -9.47 -28.55
CA SER G 314 -38.18 -10.42 -27.45
C SER G 314 -37.91 -11.91 -27.87
N GLN G 315 -36.74 -12.46 -27.50
CA GLN G 315 -36.43 -13.87 -27.82
C GLN G 315 -36.66 -14.73 -26.58
N SER G 316 -37.17 -15.97 -26.78
CA SER G 316 -37.50 -16.84 -25.66
C SER G 316 -36.85 -18.23 -25.71
N ALA G 317 -36.89 -18.95 -24.56
CA ALA G 317 -36.40 -20.31 -24.31
C ALA G 317 -37.20 -20.96 -23.16
N LEU G 318 -37.70 -22.20 -23.37
CA LEU G 318 -38.50 -22.93 -22.38
C LEU G 318 -37.63 -23.80 -21.51
N VAL G 319 -37.90 -23.81 -20.21
CA VAL G 319 -37.14 -24.56 -19.22
C VAL G 319 -37.94 -25.79 -18.76
N THR G 320 -37.37 -26.98 -19.02
CA THR G 320 -37.92 -28.27 -18.68
C THR G 320 -37.18 -28.83 -17.50
N ILE G 321 -37.92 -28.94 -16.40
CA ILE G 321 -37.41 -29.48 -15.15
C ILE G 321 -37.54 -31.00 -15.26
N VAL G 322 -36.44 -31.71 -14.98
CA VAL G 322 -36.48 -33.17 -15.09
C VAL G 322 -36.35 -33.83 -13.71
N GLY G 325 -32.25 -37.75 -15.10
CA GLY G 325 -31.59 -37.78 -16.40
C GLY G 325 -32.35 -38.62 -17.41
N PHE G 326 -32.32 -38.24 -18.71
CA PHE G 326 -33.08 -38.95 -19.74
C PHE G 326 -32.35 -39.07 -21.09
N ILE G 327 -32.76 -40.07 -21.91
CA ILE G 327 -32.26 -40.33 -23.27
C ILE G 327 -33.47 -40.60 -24.18
N ASN G 328 -33.75 -39.70 -25.14
CA ASN G 328 -34.86 -39.94 -26.05
C ASN G 328 -34.31 -40.18 -27.42
N ALA G 329 -34.59 -41.39 -27.95
CA ALA G 329 -34.19 -41.91 -29.25
C ALA G 329 -34.95 -43.19 -29.60
N THR G 330 -35.16 -43.43 -30.90
CA THR G 330 -35.86 -44.60 -31.40
C THR G 330 -34.91 -45.79 -31.39
N ASN G 331 -35.18 -46.75 -30.52
CA ASN G 331 -34.37 -47.95 -30.36
C ASN G 331 -35.01 -49.15 -31.04
N SER G 332 -35.65 -48.91 -32.21
CA SER G 332 -36.35 -49.91 -33.01
C SER G 332 -35.47 -51.08 -33.45
N SER G 333 -34.12 -50.92 -33.37
CA SER G 333 -33.09 -51.86 -33.80
C SER G 333 -33.21 -51.99 -35.32
N GLU G 334 -32.52 -51.11 -36.08
CA GLU G 334 -32.64 -51.02 -37.55
C GLU G 334 -31.71 -51.96 -38.31
N ASP G 335 -32.21 -52.52 -39.42
CA ASP G 335 -31.44 -53.44 -40.24
C ASP G 335 -31.03 -52.75 -41.55
N TYR G 336 -29.82 -53.07 -42.03
CA TYR G 336 -29.19 -52.50 -43.23
C TYR G 336 -28.41 -53.55 -44.04
N GLU G 337 -28.01 -53.22 -45.28
CA GLU G 337 -27.24 -54.10 -46.17
C GLU G 337 -26.62 -53.29 -47.30
N ILE G 338 -25.31 -53.45 -47.55
CA ILE G 338 -24.60 -52.74 -48.63
C ILE G 338 -23.44 -53.62 -49.19
N ASP G 339 -23.05 -53.35 -50.47
CA ASP G 339 -21.96 -54.01 -51.20
C ASP G 339 -20.68 -53.15 -51.12
N GLN G 340 -19.52 -53.77 -50.77
CA GLN G 340 -18.19 -53.17 -50.58
C GLN G 340 -17.75 -52.38 -51.82
N TYR G 341 -18.44 -51.25 -52.03
CA TYR G 341 -18.31 -50.30 -53.13
C TYR G 341 -19.09 -49.01 -52.79
N GLU G 342 -19.97 -49.07 -51.75
CA GLU G 342 -20.80 -47.96 -51.27
C GLU G 342 -20.16 -47.24 -50.05
N GLU G 343 -20.25 -45.86 -50.01
CA GLU G 343 -19.76 -44.98 -48.93
C GLU G 343 -20.93 -44.63 -47.99
N PHE G 344 -20.91 -45.18 -46.74
CA PHE G 344 -22.00 -45.06 -45.77
C PHE G 344 -21.54 -44.94 -44.30
N CYS G 345 -22.35 -44.19 -43.52
CA CYS G 345 -22.21 -43.92 -42.10
C CYS G 345 -23.51 -44.19 -41.33
N PHE G 346 -23.44 -45.03 -40.28
CA PHE G 346 -24.54 -45.32 -39.37
C PHE G 346 -24.90 -44.07 -38.58
N SER G 347 -26.19 -43.80 -38.33
CA SER G 347 -26.60 -42.60 -37.61
C SER G 347 -27.55 -42.90 -36.47
N VAL G 348 -27.60 -42.01 -35.44
CA VAL G 348 -28.50 -42.06 -34.27
C VAL G 348 -28.81 -40.64 -33.79
N ARG G 349 -30.06 -40.18 -33.99
CA ARG G 349 -30.48 -38.86 -33.53
C ARG G 349 -31.08 -39.00 -32.12
N PHE G 350 -30.66 -38.16 -31.17
CA PHE G 350 -31.14 -38.26 -29.79
C PHE G 350 -31.13 -36.94 -29.03
N LYS G 351 -32.18 -36.73 -28.21
CA LYS G 351 -32.30 -35.58 -27.34
C LYS G 351 -32.13 -36.16 -25.96
N ALA G 352 -30.96 -35.92 -25.35
CA ALA G 352 -30.61 -36.49 -24.05
C ALA G 352 -29.90 -35.50 -23.12
N TYR G 353 -30.26 -35.52 -21.81
CA TYR G 353 -29.63 -34.68 -20.79
C TYR G 353 -29.41 -35.48 -19.48
N PRO G 354 -28.20 -35.39 -18.85
CA PRO G 354 -27.01 -34.63 -19.26
C PRO G 354 -26.32 -35.27 -20.46
N GLN G 355 -25.34 -34.57 -21.07
CA GLN G 355 -24.55 -35.07 -22.21
C GLN G 355 -24.16 -36.54 -21.94
N ILE G 356 -24.58 -37.45 -22.82
CA ILE G 356 -24.40 -38.91 -22.66
C ILE G 356 -23.02 -39.41 -23.06
N ARG G 357 -22.60 -40.52 -22.42
CA ARG G 357 -21.38 -41.26 -22.72
C ARG G 357 -21.79 -42.34 -23.70
N CYS G 358 -21.29 -42.28 -24.94
CA CYS G 358 -21.69 -43.23 -25.96
C CYS G 358 -20.56 -44.22 -26.33
N THR G 359 -20.95 -45.42 -26.80
CA THR G 359 -20.04 -46.48 -27.21
C THR G 359 -20.63 -47.31 -28.34
N TRP G 360 -19.88 -47.45 -29.45
CA TRP G 360 -20.26 -48.25 -30.61
C TRP G 360 -19.49 -49.58 -30.55
N THR G 361 -20.16 -50.67 -30.12
CA THR G 361 -19.52 -51.99 -30.00
C THR G 361 -19.99 -52.96 -31.08
N PHE G 362 -19.07 -53.83 -31.60
CA PHE G 362 -19.36 -54.84 -32.64
C PHE G 362 -18.40 -56.03 -32.52
N SER G 363 -18.98 -57.27 -32.41
CA SER G 363 -18.26 -58.56 -32.27
C SER G 363 -17.16 -58.48 -31.16
N ARG G 364 -17.53 -57.82 -30.01
CA ARG G 364 -16.76 -57.52 -28.80
C ARG G 364 -15.89 -56.26 -28.96
N LYS G 365 -15.35 -55.99 -30.17
CA LYS G 365 -14.50 -54.81 -30.47
C LYS G 365 -15.33 -53.51 -30.37
N SER G 366 -15.06 -52.71 -29.32
CA SER G 366 -15.79 -51.47 -29.05
C SER G 366 -14.96 -50.23 -29.36
N PHE G 367 -15.56 -49.27 -30.09
CA PHE G 367 -14.97 -47.99 -30.47
C PHE G 367 -15.86 -46.83 -29.99
N PRO G 368 -15.30 -45.74 -29.38
CA PRO G 368 -16.14 -44.62 -28.92
C PRO G 368 -16.68 -43.77 -30.08
N CYS G 369 -17.54 -42.77 -29.78
CA CYS G 369 -18.18 -41.97 -30.83
C CYS G 369 -17.99 -40.48 -30.69
N GLU G 370 -18.14 -39.80 -31.84
CA GLU G 370 -18.14 -38.34 -31.97
C GLU G 370 -19.60 -37.92 -31.77
N GLN G 371 -20.04 -37.86 -30.49
CA GLN G 371 -21.41 -37.52 -30.06
C GLN G 371 -21.71 -36.01 -30.29
N LYS G 372 -21.59 -35.57 -31.56
CA LYS G 372 -21.80 -34.19 -32.02
C LYS G 372 -23.27 -33.76 -31.98
N GLY G 373 -23.49 -32.45 -31.96
CA GLY G 373 -24.83 -31.87 -31.96
C GLY G 373 -25.34 -31.47 -33.34
N LEU G 374 -26.64 -31.72 -33.61
CA LEU G 374 -27.34 -31.38 -34.85
C LEU G 374 -28.00 -29.99 -34.76
N ASP G 375 -27.99 -29.38 -33.54
CA ASP G 375 -28.49 -28.04 -33.17
C ASP G 375 -30.00 -27.86 -33.42
N ASN G 376 -30.65 -28.76 -34.19
CA ASN G 376 -32.09 -28.71 -34.52
C ASN G 376 -32.97 -28.84 -33.28
N GLY G 377 -32.49 -29.60 -32.30
CA GLY G 377 -33.15 -29.88 -31.04
C GLY G 377 -32.79 -31.26 -30.54
N TYR G 378 -31.71 -31.82 -31.12
CA TYR G 378 -31.16 -33.13 -30.83
C TYR G 378 -29.69 -33.20 -31.26
N SER G 379 -28.96 -34.22 -30.76
CA SER G 379 -27.57 -34.51 -31.09
C SER G 379 -27.55 -35.79 -31.92
N ILE G 380 -26.82 -35.80 -33.06
CA ILE G 380 -26.75 -36.95 -33.95
C ILE G 380 -25.37 -37.59 -33.94
N SER G 381 -25.25 -38.81 -33.37
CA SER G 381 -23.99 -39.56 -33.35
C SER G 381 -23.85 -40.38 -34.62
N LYS G 382 -22.64 -40.43 -35.17
CA LYS G 382 -22.34 -41.14 -36.41
C LYS G 382 -21.20 -42.14 -36.24
N PHE G 383 -21.20 -43.18 -37.10
CA PHE G 383 -20.17 -44.22 -37.14
C PHE G 383 -19.90 -44.54 -38.59
N CYS G 384 -18.64 -44.41 -39.02
CA CYS G 384 -18.35 -44.64 -40.43
C CYS G 384 -17.45 -45.84 -40.68
N ASN G 385 -16.45 -46.12 -39.78
CA ASN G 385 -15.48 -47.22 -39.92
C ASN G 385 -16.14 -48.62 -39.87
N HIS G 386 -17.06 -48.88 -40.82
CA HIS G 386 -17.83 -50.13 -41.01
C HIS G 386 -16.89 -51.26 -41.41
N LYS G 387 -15.85 -50.91 -42.22
CA LYS G 387 -14.80 -51.79 -42.77
C LYS G 387 -15.44 -52.90 -43.61
N HIS G 388 -16.59 -52.58 -44.26
CA HIS G 388 -17.44 -53.47 -45.07
C HIS G 388 -17.71 -54.81 -44.35
N GLN G 389 -17.43 -54.87 -43.01
CA GLN G 389 -17.62 -56.02 -42.12
C GLN G 389 -19.12 -56.22 -41.80
N PRO G 390 -19.70 -57.41 -42.06
CA PRO G 390 -21.14 -57.61 -41.83
C PRO G 390 -21.50 -58.03 -40.41
N GLY G 391 -22.74 -57.72 -40.00
CA GLY G 391 -23.25 -58.11 -38.68
C GLY G 391 -23.88 -57.04 -37.81
N GLU G 392 -23.93 -57.34 -36.50
CA GLU G 392 -24.53 -56.54 -35.44
C GLU G 392 -23.60 -55.43 -34.89
N TYR G 393 -23.95 -54.15 -35.19
CA TYR G 393 -23.31 -52.92 -34.69
C TYR G 393 -24.24 -52.32 -33.62
N ILE G 394 -23.91 -52.45 -32.32
CA ILE G 394 -24.76 -51.98 -31.20
C ILE G 394 -24.23 -50.68 -30.61
N PHE G 395 -25.14 -49.70 -30.51
CA PHE G 395 -24.88 -48.38 -29.98
C PHE G 395 -25.46 -48.25 -28.60
N HIS G 396 -24.60 -48.22 -27.58
CA HIS G 396 -25.01 -48.09 -26.19
C HIS G 396 -24.61 -46.72 -25.68
N ALA G 397 -25.61 -45.94 -25.27
CA ALA G 397 -25.39 -44.60 -24.74
C ALA G 397 -26.05 -44.44 -23.37
N GLU G 398 -25.34 -43.84 -22.40
CA GLU G 398 -25.88 -43.69 -21.05
C GLU G 398 -25.34 -42.46 -20.35
N ASN G 399 -26.19 -41.83 -19.52
CA ASN G 399 -25.83 -40.70 -18.66
C ASN G 399 -25.97 -41.13 -17.20
N ASP G 400 -25.63 -40.23 -16.26
CA ASP G 400 -25.67 -40.49 -14.82
C ASP G 400 -27.00 -41.17 -14.33
N ASP G 401 -28.19 -40.69 -14.80
CA ASP G 401 -29.44 -41.27 -14.34
C ASP G 401 -30.26 -41.97 -15.46
N ALA G 402 -29.63 -42.39 -16.59
CA ALA G 402 -30.33 -43.07 -17.70
C ALA G 402 -29.39 -43.89 -18.62
N GLN G 403 -29.93 -44.98 -19.22
CA GLN G 403 -29.22 -45.89 -20.13
C GLN G 403 -29.99 -46.10 -21.43
N PHE G 404 -29.31 -46.64 -22.48
CA PHE G 404 -29.85 -46.90 -23.83
C PHE G 404 -28.95 -47.82 -24.69
N THR G 405 -29.57 -48.53 -25.67
CA THR G 405 -28.91 -49.40 -26.63
C THR G 405 -29.80 -49.56 -27.88
N LYS G 406 -29.20 -49.47 -29.11
CA LYS G 406 -29.85 -49.65 -30.43
C LYS G 406 -29.02 -50.61 -31.31
N MET G 407 -29.65 -51.76 -31.77
CA MET G 407 -29.05 -52.86 -32.56
C MET G 407 -29.17 -52.65 -34.06
N PHE G 408 -28.03 -52.49 -34.74
CA PHE G 408 -27.98 -52.23 -36.17
C PHE G 408 -27.44 -53.42 -36.99
N THR G 409 -28.36 -54.15 -37.67
CA THR G 409 -27.99 -55.32 -38.52
C THR G 409 -27.36 -54.82 -39.80
N LEU G 410 -26.38 -55.58 -40.35
CA LEU G 410 -25.71 -55.24 -41.62
C LEU G 410 -25.45 -56.50 -42.52
N ASN G 411 -25.79 -56.39 -43.84
CA ASN G 411 -25.57 -57.47 -44.79
C ASN G 411 -25.08 -56.92 -46.15
N ARG G 414 -23.71 -62.65 -53.12
CA ARG G 414 -22.64 -63.16 -54.00
C ARG G 414 -23.22 -63.92 -55.16
N LYS G 415 -22.34 -64.35 -56.07
CA LYS G 415 -22.76 -65.11 -57.21
C LYS G 415 -23.22 -66.41 -56.67
N PRO G 416 -24.23 -66.97 -57.25
CA PRO G 416 -24.66 -68.24 -56.77
C PRO G 416 -23.62 -69.23 -57.13
N GLN G 417 -23.41 -70.25 -56.28
CA GLN G 417 -22.43 -71.24 -56.61
C GLN G 417 -23.12 -72.54 -56.50
N VAL G 418 -22.87 -73.46 -57.44
CA VAL G 418 -23.53 -74.72 -57.27
C VAL G 418 -22.68 -75.48 -56.32
N LEU G 419 -23.15 -75.61 -55.06
CA LEU G 419 -22.33 -76.27 -54.08
C LEU G 419 -22.14 -77.65 -54.57
N ALA G 420 -23.24 -78.31 -54.97
CA ALA G 420 -23.03 -79.63 -55.47
C ALA G 420 -24.16 -79.99 -56.37
N GLU G 421 -23.82 -80.53 -57.56
CA GLU G 421 -24.85 -81.02 -58.41
C GLU G 421 -24.57 -82.47 -58.53
N ALA G 422 -24.76 -83.19 -57.40
CA ALA G 422 -24.53 -84.59 -57.38
C ALA G 422 -25.81 -85.22 -57.77
N SER G 423 -25.82 -86.54 -57.97
CA SER G 423 -27.07 -87.15 -58.25
C SER G 423 -27.44 -87.86 -56.98
N ALA G 427 -31.84 -87.69 -59.15
CA ALA G 427 -30.88 -86.66 -59.54
C ALA G 427 -31.44 -85.28 -59.21
N SER G 428 -30.59 -84.35 -58.58
CA SER G 428 -30.89 -82.99 -58.09
C SER G 428 -29.68 -82.05 -58.15
N CYS G 429 -29.86 -80.71 -57.89
CA CYS G 429 -28.81 -79.70 -58.00
C CYS G 429 -28.99 -78.62 -56.93
N PHE G 430 -27.89 -78.24 -56.22
CA PHE G 430 -27.95 -77.33 -55.09
C PHE G 430 -27.06 -76.14 -55.36
N SER G 431 -27.51 -74.91 -55.01
CA SER G 431 -26.68 -73.74 -55.19
C SER G 431 -26.83 -72.82 -54.02
N ASP G 432 -25.77 -72.06 -53.71
CA ASP G 432 -25.78 -71.17 -52.59
C ASP G 432 -25.46 -69.79 -53.06
N GLY G 433 -26.15 -68.79 -52.49
CA GLY G 433 -25.85 -67.44 -52.88
C GLY G 433 -26.67 -66.52 -52.03
N TYR G 434 -26.36 -65.20 -52.14
CA TYR G 434 -27.06 -64.15 -51.47
C TYR G 434 -27.37 -63.13 -52.51
N PRO G 435 -28.59 -62.72 -52.70
CA PRO G 435 -29.72 -63.23 -51.98
C PRO G 435 -30.12 -64.54 -52.56
N LEU G 436 -31.34 -65.01 -52.26
CA LEU G 436 -31.84 -66.29 -52.67
C LEU G 436 -31.54 -66.49 -54.12
N PRO G 437 -30.83 -67.57 -54.38
CA PRO G 437 -30.51 -67.90 -55.73
C PRO G 437 -31.70 -68.52 -56.39
N SER G 438 -31.99 -68.15 -57.65
CA SER G 438 -33.15 -68.69 -58.28
C SER G 438 -32.71 -69.90 -59.05
N TRP G 439 -33.46 -71.00 -58.91
CA TRP G 439 -33.09 -72.17 -59.65
C TRP G 439 -34.05 -72.34 -60.79
N THR G 440 -33.50 -72.31 -62.02
CA THR G 440 -34.30 -72.53 -63.19
C THR G 440 -33.74 -73.76 -63.83
N TRP G 441 -34.63 -74.60 -64.42
CA TRP G 441 -34.17 -75.83 -65.01
C TRP G 441 -34.43 -75.82 -66.46
N LYS G 442 -33.57 -76.54 -67.22
CA LYS G 442 -33.74 -76.73 -68.62
C LYS G 442 -33.36 -78.17 -68.86
N LYS G 443 -33.97 -78.88 -69.84
CA LYS G 443 -33.49 -80.23 -69.96
C LYS G 443 -33.27 -80.65 -71.38
N CYS G 444 -33.76 -79.89 -72.38
CA CYS G 444 -33.65 -80.40 -73.73
C CYS G 444 -32.21 -80.60 -74.05
N SER G 445 -31.94 -81.55 -74.96
CA SER G 445 -30.60 -81.91 -75.28
C SER G 445 -29.92 -80.76 -75.92
N CYS G 451 -30.06 -75.11 -80.70
CA CYS G 451 -31.30 -75.54 -80.10
C CYS G 451 -31.05 -76.12 -78.75
N THR G 452 -31.55 -75.43 -77.72
CA THR G 452 -31.54 -75.97 -76.39
C THR G 452 -32.94 -75.74 -75.91
N GLU G 453 -33.75 -76.81 -75.80
CA GLU G 453 -35.09 -76.59 -75.35
C GLU G 453 -35.08 -76.72 -73.87
N GLU G 454 -36.16 -76.25 -73.21
CA GLU G 454 -36.20 -76.32 -71.79
C GLU G 454 -37.53 -76.85 -71.36
N ILE G 455 -37.53 -77.58 -70.23
CA ILE G 455 -38.77 -78.04 -69.67
C ILE G 455 -38.72 -77.50 -68.27
N THR G 456 -39.89 -77.26 -67.64
CA THR G 456 -39.83 -76.73 -66.32
C THR G 456 -40.55 -77.68 -65.40
N GLU G 457 -40.06 -77.81 -64.14
CA GLU G 457 -40.68 -78.68 -63.17
C GLU G 457 -39.73 -78.84 -62.01
N GLY G 458 -40.23 -79.16 -60.78
CA GLY G 458 -39.37 -79.44 -59.64
C GLY G 458 -39.90 -78.83 -58.37
N VAL G 459 -39.39 -79.35 -57.22
CA VAL G 459 -39.75 -78.89 -55.92
C VAL G 459 -38.52 -78.28 -55.32
N TRP G 460 -38.70 -77.21 -54.52
CA TRP G 460 -37.54 -76.55 -54.00
C TRP G 460 -37.74 -76.26 -52.54
N ASN G 461 -36.73 -76.60 -51.72
CA ASN G 461 -36.76 -76.25 -50.33
C ASN G 461 -35.41 -75.73 -49.95
N ARG G 462 -35.38 -74.50 -49.40
CA ARG G 462 -34.17 -73.89 -48.95
C ARG G 462 -34.13 -74.06 -47.48
N TRP G 472 -27.84 -68.01 -48.45
CA TRP G 472 -28.90 -68.99 -48.41
C TRP G 472 -28.58 -70.05 -49.41
N VAL G 473 -28.88 -71.31 -49.05
CA VAL G 473 -28.61 -72.43 -49.90
C VAL G 473 -29.93 -72.95 -50.35
N SER G 474 -30.01 -73.33 -51.64
CA SER G 474 -31.27 -73.74 -52.16
C SER G 474 -31.08 -75.09 -52.78
N SER G 475 -32.04 -76.01 -52.53
CA SER G 475 -31.92 -77.31 -53.11
C SER G 475 -33.15 -77.55 -53.90
N SER G 476 -33.00 -77.62 -55.23
CA SER G 476 -34.12 -77.82 -56.07
C SER G 476 -33.82 -79.00 -56.90
N THR G 477 -34.83 -79.86 -57.10
CA THR G 477 -34.55 -81.03 -57.86
C THR G 477 -35.69 -81.25 -58.81
N LEU G 478 -35.47 -82.18 -59.76
CA LEU G 478 -36.46 -82.58 -60.72
C LEU G 478 -36.29 -84.05 -60.90
N ASN G 479 -37.38 -84.83 -60.82
CA ASN G 479 -37.26 -86.25 -60.97
C ASN G 479 -36.71 -86.54 -62.33
N MET G 480 -35.79 -87.52 -62.42
CA MET G 480 -35.26 -87.85 -63.71
C MET G 480 -35.91 -89.10 -64.22
N SER G 481 -37.16 -88.97 -64.66
CA SER G 481 -37.82 -90.08 -65.28
C SER G 481 -38.09 -89.60 -66.66
N GLU G 482 -37.20 -89.94 -67.61
CA GLU G 482 -37.40 -89.39 -68.91
C GLU G 482 -37.80 -90.45 -69.88
N ALA G 483 -38.81 -90.11 -70.69
CA ALA G 483 -39.30 -90.93 -71.75
C ALA G 483 -38.25 -91.02 -72.81
N ILE G 484 -37.48 -89.92 -72.99
CA ILE G 484 -36.49 -89.80 -74.03
C ILE G 484 -35.13 -89.71 -73.39
N LYS G 485 -34.07 -90.01 -74.18
CA LYS G 485 -32.75 -90.09 -73.63
C LYS G 485 -31.77 -89.42 -74.57
N GLY G 486 -30.48 -89.39 -74.15
CA GLY G 486 -29.44 -88.84 -74.98
C GLY G 486 -29.50 -87.34 -75.00
N PHE G 487 -29.70 -86.73 -73.81
CA PHE G 487 -29.82 -85.30 -73.72
C PHE G 487 -28.92 -84.85 -72.63
N LEU G 488 -28.77 -83.51 -72.46
CA LEU G 488 -28.04 -82.97 -71.34
C LEU G 488 -28.98 -82.04 -70.64
N VAL G 489 -28.97 -82.04 -69.29
CA VAL G 489 -29.78 -81.08 -68.61
C VAL G 489 -28.87 -80.13 -67.92
N LYS G 490 -29.37 -78.90 -67.68
CA LYS G 490 -28.54 -77.93 -67.06
C LYS G 490 -29.30 -77.26 -65.96
N CYS G 491 -28.63 -77.09 -64.78
CA CYS G 491 -29.25 -76.39 -63.69
C CYS G 491 -28.73 -75.00 -63.66
N CYS G 492 -29.65 -74.02 -63.51
CA CYS G 492 -29.21 -72.66 -63.54
C CYS G 492 -29.60 -72.00 -62.26
N ALA G 493 -28.62 -71.34 -61.59
CA ALA G 493 -28.90 -70.60 -60.40
C ALA G 493 -28.70 -69.16 -60.74
N TYR G 494 -29.75 -68.35 -60.55
CA TYR G 494 -29.65 -66.98 -60.95
C TYR G 494 -29.73 -66.10 -59.74
N ASN G 495 -28.99 -64.99 -59.79
CA ASN G 495 -28.98 -64.01 -58.74
C ASN G 495 -28.83 -62.71 -59.46
N SER G 496 -29.30 -61.61 -58.84
CA SER G 496 -29.24 -60.35 -59.51
C SER G 496 -27.82 -60.06 -59.84
N LEU G 497 -26.89 -60.46 -58.95
CA LEU G 497 -25.51 -60.19 -59.21
C LEU G 497 -24.95 -61.03 -60.33
N GLY G 498 -25.24 -62.35 -60.39
CA GLY G 498 -24.62 -63.11 -61.44
C GLY G 498 -25.30 -64.43 -61.58
N THR G 499 -24.80 -65.28 -62.50
CA THR G 499 -25.41 -66.57 -62.73
C THR G 499 -24.34 -67.61 -62.93
N SER G 500 -24.68 -68.87 -62.62
CA SER G 500 -23.78 -69.97 -62.78
C SER G 500 -24.61 -71.17 -63.12
N CYS G 501 -24.00 -72.21 -63.73
CA CYS G 501 -24.80 -73.37 -64.07
C CYS G 501 -23.90 -74.56 -64.21
N GLU G 502 -24.51 -75.77 -64.14
CA GLU G 502 -23.79 -77.00 -64.29
C GLU G 502 -24.59 -77.87 -65.21
N THR G 503 -23.93 -78.81 -65.90
CA THR G 503 -24.65 -79.65 -66.82
C THR G 503 -24.52 -81.07 -66.38
N ILE G 504 -25.54 -81.90 -66.69
CA ILE G 504 -25.43 -83.27 -66.33
C ILE G 504 -25.61 -84.06 -67.59
N LEU G 505 -25.26 -85.35 -67.58
CA LEU G 505 -25.40 -86.13 -68.77
C LEU G 505 -26.50 -87.12 -68.57
N LEU G 506 -27.10 -87.53 -69.70
CA LEU G 506 -28.13 -88.52 -69.70
C LEU G 506 -27.71 -89.58 -70.67
N ALA H 56 -11.88 -7.36 -65.63
CA ALA H 56 -11.65 -6.94 -67.01
C ALA H 56 -10.65 -7.85 -67.73
N ALA H 57 -9.70 -8.44 -66.96
CA ALA H 57 -8.67 -9.35 -67.46
C ALA H 57 -9.17 -10.79 -67.43
N VAL H 58 -9.16 -11.45 -68.61
CA VAL H 58 -9.65 -12.82 -68.78
C VAL H 58 -8.47 -13.78 -69.02
N GLU H 59 -8.46 -14.91 -68.30
CA GLU H 59 -7.43 -15.94 -68.42
C GLU H 59 -8.08 -17.22 -68.97
N VAL H 60 -7.79 -17.56 -70.25
CA VAL H 60 -8.36 -18.73 -70.92
C VAL H 60 -7.39 -19.91 -70.87
N ASP H 61 -7.81 -21.01 -70.21
CA ASP H 61 -6.98 -22.21 -70.13
C ASP H 61 -7.36 -23.18 -71.24
N VAL H 62 -6.46 -23.35 -72.24
CA VAL H 62 -6.56 -24.22 -73.43
C VAL H 62 -7.84 -23.95 -74.26
N SER H 63 -8.29 -24.89 -75.10
CA SER H 63 -9.51 -24.74 -75.89
C SER H 63 -10.71 -24.98 -74.98
N ALA H 64 -10.99 -24.01 -74.08
CA ALA H 64 -12.06 -24.05 -73.08
C ALA H 64 -13.40 -23.55 -73.62
N SER H 65 -14.49 -24.10 -73.09
CA SER H 65 -15.85 -23.76 -73.45
C SER H 65 -16.54 -23.07 -72.27
N ILE H 66 -16.55 -21.72 -72.26
CA ILE H 66 -17.18 -20.92 -71.18
C ILE H 66 -18.02 -19.77 -71.77
N THR H 67 -18.93 -19.21 -70.94
CA THR H 67 -19.80 -18.09 -71.31
C THR H 67 -19.33 -16.80 -70.64
N LEU H 68 -19.46 -15.67 -71.36
CA LEU H 68 -19.06 -14.36 -70.84
C LEU H 68 -20.27 -13.42 -70.82
N GLN H 69 -20.85 -13.23 -69.63
CA GLN H 69 -22.03 -12.38 -69.43
C GLN H 69 -21.78 -11.27 -68.41
N VAL H 70 -22.45 -10.12 -68.60
CA VAL H 70 -22.38 -8.95 -67.71
C VAL H 70 -23.78 -8.37 -67.53
N LEU H 71 -24.14 -8.04 -66.29
CA LEU H 71 -25.44 -7.49 -65.93
C LEU H 71 -25.33 -6.13 -65.25
N VAL H 72 -26.24 -5.20 -65.63
CA VAL H 72 -26.36 -3.85 -65.06
C VAL H 72 -27.74 -3.71 -64.42
N ASP H 73 -27.79 -3.22 -63.16
CA ASP H 73 -29.00 -3.05 -62.36
C ASP H 73 -29.91 -1.94 -62.92
N ALA H 74 -30.63 -2.25 -64.04
CA ALA H 74 -31.58 -1.38 -64.74
C ALA H 74 -32.27 -2.16 -65.92
N PRO H 75 -33.05 -3.26 -65.68
CA PRO H 75 -33.66 -3.97 -66.82
C PRO H 75 -34.79 -3.17 -67.47
N GLY H 76 -34.58 -2.81 -68.73
CA GLY H 76 -35.50 -2.04 -69.56
C GLY H 76 -35.23 -2.22 -71.05
N ASN H 77 -36.00 -1.51 -71.91
CA ASN H 77 -35.87 -1.56 -73.38
C ASN H 77 -34.59 -0.86 -73.84
N ILE H 78 -33.45 -1.55 -73.65
CA ILE H 78 -32.08 -1.10 -73.93
C ILE H 78 -31.46 -2.07 -75.00
N SER H 79 -30.63 -1.53 -75.93
CA SER H 79 -29.99 -2.29 -77.00
C SER H 79 -28.47 -2.30 -76.92
N CYS H 80 -27.86 -3.46 -77.28
CA CYS H 80 -26.39 -3.65 -77.29
C CYS H 80 -25.85 -3.75 -78.73
N LEU H 81 -24.49 -3.90 -78.85
CA LEU H 81 -23.70 -4.07 -80.07
C LEU H 81 -22.29 -4.56 -79.70
N TRP H 82 -21.96 -5.80 -80.08
CA TRP H 82 -20.66 -6.40 -79.76
C TRP H 82 -19.59 -5.92 -80.75
N VAL H 83 -18.41 -5.52 -80.23
CA VAL H 83 -17.27 -5.01 -81.00
C VAL H 83 -16.06 -5.93 -80.74
N PHE H 84 -15.95 -7.01 -81.54
CA PHE H 84 -14.88 -8.00 -81.44
C PHE H 84 -13.52 -7.47 -81.91
N LYS H 85 -12.49 -8.33 -81.86
CA LYS H 85 -11.14 -8.03 -82.34
C LYS H 85 -11.20 -7.54 -83.80
N HIS H 86 -11.14 -6.19 -83.99
CA HIS H 86 -11.18 -5.44 -85.24
C HIS H 86 -12.28 -5.93 -86.22
N SER H 87 -13.45 -6.33 -85.68
CA SER H 87 -14.62 -6.82 -86.43
C SER H 87 -15.90 -6.60 -85.64
N SER H 88 -17.03 -6.36 -86.33
CA SER H 88 -18.33 -6.11 -85.69
C SER H 88 -19.11 -7.42 -85.42
N LEU H 89 -20.08 -7.38 -84.46
CA LEU H 89 -20.92 -8.53 -84.08
C LEU H 89 -22.29 -8.10 -83.49
N ASN H 90 -23.38 -8.80 -83.91
CA ASN H 90 -24.77 -8.57 -83.50
C ASN H 90 -25.11 -9.28 -82.18
N CYS H 91 -26.08 -8.73 -81.42
CA CYS H 91 -26.50 -9.29 -80.12
C CYS H 91 -28.01 -9.18 -79.87
N GLN H 92 -28.51 -10.08 -79.01
CA GLN H 92 -29.88 -10.20 -78.53
C GLN H 92 -29.82 -10.75 -77.09
N PRO H 93 -29.89 -9.87 -76.05
CA PRO H 93 -29.70 -10.33 -74.67
C PRO H 93 -30.99 -10.59 -73.86
N HIS H 94 -30.86 -10.60 -72.51
CA HIS H 94 -31.96 -10.79 -71.57
C HIS H 94 -32.14 -9.54 -70.68
N PHE H 95 -33.35 -9.34 -70.10
CA PHE H 95 -33.64 -8.18 -69.23
C PHE H 95 -33.67 -8.58 -67.75
N GLY H 101 -30.65 -5.66 -66.64
CA GLY H 101 -30.41 -6.27 -67.95
C GLY H 101 -29.07 -6.98 -68.02
N VAL H 102 -29.06 -8.19 -68.62
CA VAL H 102 -27.86 -9.00 -68.75
C VAL H 102 -27.60 -9.39 -70.21
N VAL H 103 -26.38 -9.05 -70.70
CA VAL H 103 -25.90 -9.35 -72.07
C VAL H 103 -24.79 -10.43 -72.01
N SER H 104 -24.65 -11.24 -73.08
CA SER H 104 -23.66 -12.31 -73.09
C SER H 104 -23.10 -12.68 -74.47
N MET H 105 -21.85 -13.22 -74.47
CA MET H 105 -21.09 -13.77 -75.58
C MET H 105 -20.42 -15.05 -75.08
N VAL H 106 -20.98 -16.20 -75.47
CA VAL H 106 -20.51 -17.52 -75.06
C VAL H 106 -19.59 -18.12 -76.13
N ILE H 107 -18.62 -18.94 -75.71
CA ILE H 107 -17.67 -19.57 -76.62
C ILE H 107 -17.40 -21.03 -76.26
N LEU H 108 -17.38 -21.89 -77.29
CA LEU H 108 -17.08 -23.31 -77.19
C LEU H 108 -15.73 -23.55 -77.88
N LYS H 109 -14.70 -23.93 -77.09
CA LYS H 109 -13.30 -24.16 -77.51
C LYS H 109 -12.69 -22.86 -78.05
N MET H 110 -12.21 -21.99 -77.12
CA MET H 110 -11.61 -20.68 -77.45
C MET H 110 -10.21 -20.84 -78.07
N THR H 111 -10.14 -20.81 -79.43
CA THR H 111 -8.89 -20.92 -80.20
C THR H 111 -8.04 -19.66 -79.99
N GLU H 112 -6.72 -19.73 -80.29
CA GLU H 112 -5.80 -18.57 -80.16
C GLU H 112 -6.27 -17.41 -81.06
N THR H 113 -7.13 -17.74 -82.05
CA THR H 113 -7.77 -16.81 -82.97
C THR H 113 -8.89 -16.09 -82.21
N GLN H 114 -9.73 -16.86 -81.46
CA GLN H 114 -10.85 -16.34 -80.67
C GLN H 114 -10.37 -15.86 -79.28
N ALA H 115 -9.52 -14.80 -79.27
CA ALA H 115 -8.93 -14.17 -78.07
C ALA H 115 -8.45 -12.76 -78.38
N GLY H 116 -8.50 -11.87 -77.38
CA GLY H 116 -8.07 -10.48 -77.52
C GLY H 116 -9.03 -9.41 -77.03
N GLU H 117 -9.06 -8.26 -77.76
CA GLU H 117 -9.91 -7.10 -77.44
C GLU H 117 -11.37 -7.35 -77.87
N TYR H 118 -12.28 -7.47 -76.87
CA TYR H 118 -13.72 -7.67 -77.11
C TYR H 118 -14.55 -6.64 -76.31
N LEU H 119 -15.13 -5.65 -77.03
CA LEU H 119 -15.94 -4.56 -76.47
C LEU H 119 -17.43 -4.83 -76.65
N LEU H 120 -18.27 -4.13 -75.85
CA LEU H 120 -19.73 -4.26 -75.90
C LEU H 120 -20.38 -2.90 -75.58
N PHE H 121 -20.87 -2.19 -76.63
CA PHE H 121 -21.50 -0.87 -76.51
C PHE H 121 -23.01 -1.01 -76.33
N ILE H 122 -23.60 -0.22 -75.39
CA ILE H 122 -25.02 -0.26 -75.04
C ILE H 122 -25.66 1.15 -75.17
N GLN H 123 -26.99 1.19 -75.37
CA GLN H 123 -27.78 2.41 -75.47
C GLN H 123 -29.19 2.17 -74.87
N SER H 124 -29.65 3.08 -73.95
CA SER H 124 -30.94 3.00 -73.24
C SER H 124 -32.15 3.10 -74.19
N THR H 127 -29.17 6.92 -72.06
CA THR H 127 -27.85 6.37 -71.74
C THR H 127 -27.17 5.81 -72.99
N ASN H 128 -25.83 5.90 -73.01
CA ASN H 128 -24.94 5.42 -74.07
C ASN H 128 -23.64 4.92 -73.41
N TYR H 129 -23.60 3.62 -73.01
CA TYR H 129 -22.50 2.96 -72.32
C TYR H 129 -21.59 2.13 -73.25
N THR H 130 -20.40 1.72 -72.75
CA THR H 130 -19.40 0.91 -73.47
C THR H 130 -18.54 0.10 -72.48
N ILE H 131 -18.40 -1.22 -72.74
CA ILE H 131 -17.61 -2.17 -71.94
C ILE H 131 -16.44 -2.73 -72.81
N LEU H 132 -15.33 -3.17 -72.18
CA LEU H 132 -14.16 -3.73 -72.87
C LEU H 132 -13.52 -4.84 -72.03
N PHE H 133 -13.17 -5.96 -72.68
CA PHE H 133 -12.55 -7.13 -72.04
C PHE H 133 -11.28 -7.57 -72.77
N THR H 134 -10.24 -7.94 -71.99
CA THR H 134 -8.96 -8.40 -72.55
C THR H 134 -8.83 -9.90 -72.32
N VAL H 135 -9.09 -10.71 -73.38
CA VAL H 135 -9.04 -12.17 -73.35
C VAL H 135 -7.62 -12.66 -73.68
N SER H 136 -6.94 -13.19 -72.64
CA SER H 136 -5.59 -13.75 -72.71
C SER H 136 -5.66 -15.27 -72.63
N ILE H 137 -4.51 -15.97 -72.82
CA ILE H 137 -4.43 -17.43 -72.80
C ILE H 137 -3.41 -17.90 -71.71
N ARG H 138 -3.62 -19.13 -71.15
CA ARG H 138 -2.85 -19.73 -70.06
C ARG H 138 -1.45 -20.21 -70.47
N THR H 144 6.33 -20.02 -64.63
CA THR H 144 7.60 -20.22 -63.88
C THR H 144 7.49 -19.87 -62.38
N LEU H 145 8.48 -20.33 -61.57
CA LEU H 145 8.60 -20.10 -60.12
C LEU H 145 10.07 -20.19 -59.66
N ARG H 146 10.85 -19.15 -59.95
CA ARG H 146 12.26 -19.06 -59.58
C ARG H 146 12.36 -18.55 -58.12
N ARG H 147 12.99 -19.39 -57.26
CA ARG H 147 13.25 -19.24 -55.83
C ARG H 147 13.75 -17.83 -55.42
N PRO H 148 13.45 -17.35 -54.19
CA PRO H 148 13.87 -15.99 -53.81
C PRO H 148 15.37 -15.74 -53.81
N TYR H 149 15.77 -14.49 -54.15
CA TYR H 149 17.14 -13.95 -54.15
C TYR H 149 17.15 -12.78 -53.16
N PHE H 150 18.33 -12.33 -52.67
CA PHE H 150 18.33 -11.19 -51.74
C PHE H 150 19.14 -10.00 -52.25
N ARG H 151 18.71 -8.77 -51.90
CA ARG H 151 19.39 -7.52 -52.23
C ARG H 151 19.23 -6.53 -51.08
N LYS H 152 20.35 -5.98 -50.55
CA LYS H 152 20.28 -5.03 -49.44
C LYS H 152 19.84 -3.67 -49.97
N MET H 153 18.74 -3.10 -49.41
CA MET H 153 18.22 -1.78 -49.81
C MET H 153 19.36 -0.75 -49.63
N GLU H 154 19.73 -0.03 -50.72
CA GLU H 154 20.83 0.96 -50.73
C GLU H 154 20.53 2.15 -49.82
N ASN H 155 19.24 2.38 -49.53
CA ASN H 155 18.71 3.45 -48.70
C ASN H 155 19.11 3.30 -47.23
N GLN H 156 18.73 2.17 -46.56
CA GLN H 156 19.01 1.92 -45.14
C GLN H 156 19.54 0.49 -44.84
N ASP H 157 19.62 0.15 -43.54
CA ASP H 157 20.07 -1.14 -43.02
C ASP H 157 18.87 -2.11 -43.00
N ALA H 158 18.47 -2.59 -44.19
CA ALA H 158 17.34 -3.52 -44.39
C ALA H 158 17.51 -4.36 -45.68
N LEU H 159 17.02 -5.62 -45.64
CA LEU H 159 17.11 -6.59 -46.74
C LEU H 159 15.82 -6.67 -47.56
N VAL H 160 15.93 -7.06 -48.84
CA VAL H 160 14.82 -7.13 -49.79
C VAL H 160 14.84 -8.45 -50.55
N CYS H 161 13.67 -9.09 -50.65
CA CYS H 161 13.43 -10.38 -51.32
C CYS H 161 12.97 -10.19 -52.77
N ILE H 162 13.84 -10.65 -53.70
CA ILE H 162 13.69 -10.60 -55.16
C ILE H 162 13.41 -12.03 -55.66
N SER H 163 12.12 -12.38 -55.73
CA SER H 163 11.67 -13.70 -56.21
C SER H 163 11.01 -13.55 -57.57
N GLU H 164 11.40 -14.40 -58.56
CA GLU H 164 10.82 -14.27 -59.90
C GLU H 164 9.81 -15.37 -60.14
N SER H 165 8.73 -15.11 -60.91
CA SER H 165 7.68 -16.08 -61.19
C SER H 165 6.59 -15.56 -62.12
N VAL H 166 6.00 -16.50 -62.88
CA VAL H 166 4.88 -16.27 -63.79
C VAL H 166 3.79 -17.31 -63.39
N PRO H 167 2.66 -16.95 -62.71
CA PRO H 167 2.22 -15.61 -62.29
C PRO H 167 3.11 -15.01 -61.21
N GLU H 168 3.09 -13.65 -61.08
CA GLU H 168 3.84 -12.93 -60.04
C GLU H 168 3.42 -13.48 -58.65
N PRO H 169 4.38 -13.76 -57.73
CA PRO H 169 4.01 -14.40 -56.46
C PRO H 169 3.89 -13.46 -55.25
N ILE H 170 3.37 -14.05 -54.17
CA ILE H 170 3.26 -13.47 -52.85
C ILE H 170 4.64 -13.66 -52.21
N VAL H 171 5.30 -12.56 -51.83
CA VAL H 171 6.63 -12.62 -51.23
C VAL H 171 6.48 -12.33 -49.73
N GLU H 172 6.66 -13.36 -48.91
CA GLU H 172 6.49 -13.24 -47.48
C GLU H 172 7.74 -13.64 -46.74
N TRP H 173 8.15 -12.78 -45.82
CA TRP H 173 9.30 -13.01 -44.96
C TRP H 173 8.83 -13.74 -43.70
N VAL H 174 9.43 -14.88 -43.37
CA VAL H 174 9.03 -15.58 -42.15
C VAL H 174 10.23 -15.72 -41.19
N LEU H 175 10.11 -15.08 -40.00
CA LEU H 175 11.10 -15.11 -38.91
C LEU H 175 10.57 -16.02 -37.80
N CYS H 176 11.15 -17.23 -37.68
CA CYS H 176 10.71 -18.25 -36.73
C CYS H 176 11.48 -18.17 -35.39
N VAL H 190 6.74 -19.31 -34.72
CA VAL H 190 7.06 -18.69 -36.00
C VAL H 190 6.21 -17.42 -36.22
N VAL H 191 6.73 -16.47 -37.02
CA VAL H 191 6.03 -15.22 -37.33
C VAL H 191 6.18 -14.89 -38.81
N LYS H 192 5.05 -14.72 -39.51
CA LYS H 192 5.01 -14.38 -40.93
C LYS H 192 4.71 -12.88 -41.12
N LYS H 193 5.55 -12.19 -41.92
CA LYS H 193 5.44 -10.76 -42.24
C LYS H 193 5.61 -10.59 -43.74
N GLU H 194 4.47 -10.61 -44.46
CA GLU H 194 4.44 -10.45 -45.92
C GLU H 194 4.71 -8.97 -46.23
N GLU H 195 5.97 -8.64 -46.63
CA GLU H 195 6.38 -7.26 -46.88
C GLU H 195 7.31 -7.08 -48.10
N LYS H 196 8.06 -8.13 -48.53
CA LYS H 196 9.08 -8.15 -49.61
C LYS H 196 10.34 -7.36 -49.19
N VAL H 197 10.22 -6.54 -48.13
CA VAL H 197 11.27 -5.70 -47.54
C VAL H 197 11.26 -5.94 -46.02
N LEU H 198 12.31 -6.56 -45.51
CA LEU H 198 12.47 -6.85 -44.08
C LEU H 198 13.50 -5.90 -43.46
N HIS H 199 13.13 -5.21 -42.37
CA HIS H 199 14.03 -4.30 -41.66
C HIS H 199 14.42 -4.88 -40.30
N GLU H 200 13.54 -5.73 -39.70
CA GLU H 200 13.73 -6.41 -38.40
C GLU H 200 14.43 -7.79 -38.59
N LEU H 201 15.66 -7.74 -39.12
CA LEU H 201 16.54 -8.87 -39.47
C LEU H 201 17.18 -9.61 -38.29
N PHE H 202 16.90 -9.18 -37.05
CA PHE H 202 17.52 -9.76 -35.86
C PHE H 202 17.00 -11.15 -35.51
N GLY H 203 17.97 -12.04 -35.32
CA GLY H 203 17.88 -13.43 -34.89
C GLY H 203 16.79 -14.32 -35.45
N THR H 204 16.55 -15.44 -34.72
CA THR H 204 15.56 -16.49 -35.00
C THR H 204 15.96 -17.22 -36.34
N ASP H 205 14.98 -17.84 -37.07
CA ASP H 205 15.20 -18.53 -38.37
C ASP H 205 14.48 -17.74 -39.47
N ILE H 206 15.24 -16.90 -40.21
CA ILE H 206 14.75 -16.00 -41.27
C ILE H 206 14.80 -16.69 -42.64
N ARG H 207 13.63 -16.82 -43.28
CA ARG H 207 13.47 -17.45 -44.59
C ARG H 207 12.39 -16.74 -45.40
N CYS H 208 12.71 -16.37 -46.65
CA CYS H 208 11.75 -15.70 -47.54
C CYS H 208 11.06 -16.74 -48.42
N CYS H 209 9.76 -16.58 -48.62
CA CYS H 209 8.98 -17.50 -49.42
C CYS H 209 8.19 -16.82 -50.51
N ALA H 210 8.23 -17.43 -51.70
CA ALA H 210 7.47 -17.00 -52.87
C ALA H 210 6.35 -17.99 -53.10
N ARG H 211 5.10 -17.48 -53.25
CA ARG H 211 3.92 -18.31 -53.45
C ARG H 211 3.06 -17.79 -54.62
N ASN H 212 2.95 -18.59 -55.69
CA ASN H 212 2.12 -18.25 -56.87
C ASN H 212 1.15 -19.44 -57.21
N GLU H 213 0.61 -19.49 -58.46
CA GLU H 213 -0.26 -20.56 -58.94
C GLU H 213 0.48 -21.91 -58.95
N LEU H 214 1.78 -21.89 -59.33
CA LEU H 214 2.63 -23.08 -59.37
C LEU H 214 2.79 -23.67 -57.98
N GLY H 215 3.20 -22.83 -57.03
CA GLY H 215 3.40 -23.26 -55.65
C GLY H 215 4.26 -22.33 -54.82
N ARG H 216 5.00 -22.89 -53.85
CA ARG H 216 5.84 -22.12 -52.94
C ARG H 216 7.29 -22.61 -52.90
N GLU H 217 8.20 -21.74 -53.34
CA GLU H 217 9.65 -21.98 -53.31
C GLU H 217 10.24 -21.01 -52.27
N CYS H 218 11.14 -21.51 -51.41
CA CYS H 218 11.69 -20.67 -50.35
C CYS H 218 13.21 -20.67 -50.29
N THR H 219 13.78 -19.51 -50.00
CA THR H 219 15.22 -19.37 -49.84
C THR H 219 15.43 -18.89 -48.41
N ARG H 220 16.16 -19.70 -47.62
CA ARG H 220 16.45 -19.38 -46.22
C ARG H 220 17.74 -18.60 -46.13
N LEU H 221 17.74 -17.57 -45.29
CA LEU H 221 18.96 -16.78 -45.14
C LEU H 221 19.90 -17.57 -44.28
N PHE H 222 21.09 -17.85 -44.82
CA PHE H 222 22.12 -18.62 -44.12
C PHE H 222 22.61 -17.86 -42.90
N THR H 223 22.49 -18.47 -41.73
CA THR H 223 22.89 -17.79 -40.53
C THR H 223 23.94 -18.59 -39.78
N ILE H 224 24.82 -17.88 -39.06
CA ILE H 224 25.88 -18.39 -38.19
C ILE H 224 25.68 -17.72 -36.85
N ASP H 225 25.10 -18.43 -35.89
CA ASP H 225 24.89 -17.86 -34.55
C ASP H 225 26.05 -18.29 -33.65
N LEU H 226 26.95 -17.32 -33.35
CA LEU H 226 28.11 -17.54 -32.49
C LEU H 226 27.63 -17.68 -31.06
N ASN H 227 26.50 -17.02 -30.74
CA ASN H 227 25.84 -17.08 -29.46
C ASN H 227 25.31 -18.49 -29.21
N GLN H 228 24.73 -19.16 -30.26
CA GLN H 228 24.16 -20.52 -30.17
C GLN H 228 25.23 -21.65 -30.18
N THR H 229 24.82 -22.89 -29.79
CA THR H 229 25.66 -24.10 -29.76
C THR H 229 26.17 -24.44 -31.17
N PRO H 230 27.36 -25.03 -31.31
CA PRO H 230 27.87 -25.32 -32.66
C PRO H 230 27.31 -26.60 -33.25
N GLN H 231 27.02 -26.53 -34.55
CA GLN H 231 26.53 -27.66 -35.33
C GLN H 231 27.74 -28.45 -35.78
N THR H 232 28.94 -28.04 -35.32
CA THR H 232 30.27 -28.60 -35.62
C THR H 232 30.17 -29.76 -36.66
N THR H 233 30.05 -29.36 -37.93
CA THR H 233 29.98 -30.20 -39.14
C THR H 233 30.63 -29.40 -40.30
N LEU H 234 31.23 -28.20 -39.98
CA LEU H 234 31.85 -27.24 -40.93
C LEU H 234 30.85 -27.05 -42.06
N PRO H 235 29.64 -26.50 -41.73
CA PRO H 235 28.55 -26.42 -42.72
C PRO H 235 28.97 -26.05 -44.14
N GLN H 236 28.39 -26.76 -45.15
CA GLN H 236 28.67 -26.57 -46.58
C GLN H 236 27.52 -25.80 -47.26
N LEU H 237 27.86 -24.66 -47.89
CA LEU H 237 26.92 -23.79 -48.58
C LEU H 237 27.15 -23.90 -50.08
N PHE H 238 26.17 -24.40 -50.81
CA PHE H 238 26.32 -24.55 -52.26
C PHE H 238 25.54 -23.47 -53.01
N LEU H 239 26.11 -22.97 -54.16
CA LEU H 239 25.40 -22.00 -55.04
C LEU H 239 26.07 -21.89 -56.45
N LYS H 240 25.23 -21.76 -57.50
CA LYS H 240 25.66 -21.66 -58.89
C LYS H 240 26.34 -20.34 -59.18
N VAL H 241 27.42 -20.37 -59.99
CA VAL H 241 28.18 -19.16 -60.35
C VAL H 241 27.22 -18.08 -60.92
N GLY H 242 27.29 -16.88 -60.33
CA GLY H 242 26.47 -15.74 -60.70
C GLY H 242 25.43 -15.40 -59.66
N GLU H 243 25.04 -16.40 -58.81
CA GLU H 243 24.04 -16.26 -57.75
C GLU H 243 24.56 -15.37 -56.60
N PRO H 244 23.68 -14.70 -55.81
CA PRO H 244 24.19 -13.84 -54.73
C PRO H 244 24.38 -14.59 -53.39
N LEU H 245 25.61 -14.49 -52.82
CA LEU H 245 25.94 -15.14 -51.54
C LEU H 245 25.47 -14.28 -50.36
N TRP H 246 24.83 -14.90 -49.36
CA TRP H 246 24.33 -14.20 -48.18
C TRP H 246 24.57 -14.98 -46.93
N ILE H 247 25.42 -14.44 -46.04
CA ILE H 247 25.75 -15.11 -44.78
C ILE H 247 25.65 -14.13 -43.61
N ARG H 248 24.61 -14.28 -42.79
CA ARG H 248 24.40 -13.43 -41.64
C ARG H 248 25.09 -14.00 -40.44
N CYS H 249 25.94 -13.21 -39.80
CA CYS H 249 26.61 -13.66 -38.61
C CYS H 249 26.01 -12.95 -37.41
N LYS H 250 25.29 -13.70 -36.54
CA LYS H 250 24.62 -13.16 -35.36
C LYS H 250 25.32 -13.55 -34.09
N ALA H 251 25.55 -12.58 -33.19
CA ALA H 251 26.18 -12.86 -31.90
C ALA H 251 25.48 -12.08 -30.82
N VAL H 252 25.19 -12.74 -29.69
CA VAL H 252 24.53 -12.08 -28.57
C VAL H 252 25.46 -12.03 -27.38
N HIS H 253 25.66 -10.82 -26.82
CA HIS H 253 26.53 -10.58 -25.66
C HIS H 253 25.83 -9.69 -24.64
N VAL H 254 26.24 -9.82 -23.34
CA VAL H 254 25.74 -9.08 -22.17
C VAL H 254 25.90 -7.54 -22.35
N ASN H 255 27.14 -7.05 -22.42
CA ASN H 255 27.42 -5.63 -22.65
C ASN H 255 27.56 -5.40 -24.16
N HIS H 256 27.60 -4.14 -24.60
CA HIS H 256 27.77 -3.83 -26.02
C HIS H 256 29.26 -3.97 -26.45
N GLY H 257 30.13 -4.19 -25.46
CA GLY H 257 31.57 -4.33 -25.64
C GLY H 257 31.99 -5.63 -26.28
N PHE H 258 31.93 -5.66 -27.63
CA PHE H 258 32.30 -6.79 -28.52
C PHE H 258 32.14 -6.39 -29.98
N GLY H 259 32.98 -6.98 -30.81
CA GLY H 259 32.96 -6.80 -32.24
C GLY H 259 32.78 -8.12 -32.98
N LEU H 260 32.65 -8.07 -34.31
CA LEU H 260 32.48 -9.22 -35.20
C LEU H 260 33.33 -9.03 -36.44
N THR H 261 33.87 -10.12 -37.00
CA THR H 261 34.70 -10.00 -38.19
C THR H 261 34.53 -11.21 -39.08
N TRP H 262 34.64 -10.96 -40.39
CA TRP H 262 34.54 -11.95 -41.46
C TRP H 262 35.90 -12.22 -42.10
N GLU H 263 36.18 -13.51 -42.40
CA GLU H 263 37.41 -13.91 -43.07
C GLU H 263 37.12 -15.02 -44.11
N LEU H 264 37.53 -14.81 -45.36
CA LEU H 264 37.38 -15.75 -46.49
C LEU H 264 38.41 -16.90 -46.35
N GLU H 265 38.76 -17.55 -47.48
CA GLU H 265 39.77 -18.60 -47.57
C GLU H 265 41.14 -17.93 -47.32
N ASN H 266 41.53 -17.85 -46.00
CA ASN H 266 42.72 -17.20 -45.41
C ASN H 266 42.63 -15.66 -45.51
N LYS H 267 42.24 -15.14 -46.72
CA LYS H 267 42.03 -13.72 -47.03
C LYS H 267 40.90 -13.15 -46.15
N ALA H 268 40.92 -11.82 -45.87
CA ALA H 268 39.93 -11.15 -45.02
C ALA H 268 38.57 -11.05 -45.73
N LEU H 269 38.15 -9.82 -46.16
CA LEU H 269 36.89 -9.61 -46.89
C LEU H 269 36.81 -8.21 -47.49
N GLU H 270 36.33 -8.13 -48.77
CA GLU H 270 36.12 -6.91 -49.55
C GLU H 270 35.21 -5.93 -48.80
N GLU H 271 35.48 -4.60 -48.92
CA GLU H 271 34.74 -3.51 -48.26
C GLU H 271 33.25 -3.46 -48.69
N GLY H 272 32.97 -3.85 -49.95
CA GLY H 272 31.64 -3.91 -50.55
C GLY H 272 31.11 -5.33 -50.58
N ASN H 273 31.34 -6.06 -49.48
CA ASN H 273 30.93 -7.43 -49.24
C ASN H 273 30.59 -7.64 -47.73
N TYR H 274 30.50 -6.54 -46.93
CA TYR H 274 30.20 -6.59 -45.50
C TYR H 274 29.26 -5.47 -45.06
N PHE H 275 28.41 -5.76 -44.03
CA PHE H 275 27.49 -4.80 -43.40
C PHE H 275 27.14 -5.19 -41.93
N GLU H 276 27.16 -4.18 -41.01
CA GLU H 276 26.94 -4.34 -39.57
C GLU H 276 25.72 -3.56 -39.01
N MET H 277 24.77 -4.30 -38.42
CA MET H 277 23.54 -3.84 -37.75
C MET H 277 23.62 -4.24 -36.29
N SER H 278 22.94 -3.50 -35.40
CA SER H 278 23.00 -3.78 -33.97
C SER H 278 21.78 -3.28 -33.23
N THR H 279 21.28 -4.04 -32.22
CA THR H 279 20.15 -3.59 -31.39
C THR H 279 20.27 -4.16 -29.98
N TYR H 280 19.39 -3.74 -29.07
CA TYR H 280 19.39 -4.18 -27.68
C TYR H 280 18.31 -5.21 -27.39
N SER H 281 18.55 -6.05 -26.39
CA SER H 281 17.65 -7.11 -25.99
C SER H 281 17.51 -7.12 -24.50
N THR H 282 16.48 -7.82 -23.99
CA THR H 282 16.08 -8.03 -22.58
C THR H 282 16.78 -7.08 -21.56
N ASN H 283 17.54 -7.64 -20.60
CA ASN H 283 18.19 -6.85 -19.57
C ASN H 283 19.46 -6.22 -20.14
N ARG H 284 19.31 -5.11 -20.90
CA ARG H 284 20.38 -4.33 -21.54
C ARG H 284 21.41 -5.18 -22.34
N THR H 285 20.94 -6.23 -22.99
CA THR H 285 21.75 -7.13 -23.82
C THR H 285 22.01 -6.49 -25.17
N MET H 286 23.01 -6.97 -25.91
CA MET H 286 23.28 -6.45 -27.25
C MET H 286 23.43 -7.59 -28.25
N ILE H 287 22.74 -7.46 -29.40
CA ILE H 287 22.75 -8.42 -30.53
C ILE H 287 23.41 -7.72 -31.69
N ARG H 288 24.40 -8.39 -32.30
CA ARG H 288 25.11 -7.84 -33.44
C ARG H 288 24.95 -8.76 -34.67
N ILE H 289 24.64 -8.14 -35.84
CA ILE H 289 24.51 -8.81 -37.14
C ILE H 289 25.60 -8.28 -38.06
N LEU H 290 26.58 -9.12 -38.42
CA LEU H 290 27.64 -8.71 -39.34
C LEU H 290 27.54 -9.61 -40.53
N PHE H 291 26.72 -9.22 -41.51
CA PHE H 291 26.51 -10.10 -42.66
C PHE H 291 27.45 -9.79 -43.80
N ALA H 292 27.81 -10.85 -44.53
CA ALA H 292 28.67 -10.80 -45.70
C ALA H 292 27.88 -11.21 -46.91
N PHE H 293 28.14 -10.54 -48.05
CA PHE H 293 27.41 -10.81 -49.27
C PHE H 293 28.26 -10.68 -50.53
N VAL H 294 27.85 -11.42 -51.56
CA VAL H 294 28.46 -11.35 -52.89
C VAL H 294 27.31 -11.05 -53.85
N SER H 295 27.47 -10.04 -54.71
CA SER H 295 26.45 -9.62 -55.66
C SER H 295 26.18 -10.75 -56.69
N SER H 296 27.24 -11.23 -57.33
CA SER H 296 27.21 -12.31 -58.29
C SER H 296 28.42 -13.15 -58.03
N VAL H 297 28.24 -14.42 -57.64
CA VAL H 297 29.37 -15.29 -57.30
C VAL H 297 30.12 -15.81 -58.54
N ALA H 298 31.33 -16.33 -58.30
CA ALA H 298 32.24 -16.94 -59.30
C ALA H 298 33.13 -17.98 -58.60
N ARG H 299 34.02 -18.66 -59.35
CA ARG H 299 34.93 -19.66 -58.77
C ARG H 299 35.86 -19.01 -57.74
N ASN H 300 36.27 -17.76 -58.01
CA ASN H 300 37.11 -16.87 -57.20
C ASN H 300 36.58 -16.76 -55.75
N ASP H 301 35.23 -16.66 -55.59
CA ASP H 301 34.53 -16.47 -54.30
C ASP H 301 34.30 -17.76 -53.51
N THR H 302 34.47 -18.96 -54.13
CA THR H 302 34.32 -20.25 -53.44
C THR H 302 35.45 -20.41 -52.41
N GLY H 303 35.14 -20.88 -51.20
CA GLY H 303 36.12 -21.04 -50.13
C GLY H 303 35.57 -21.12 -48.72
N TYR H 304 36.45 -21.34 -47.72
CA TYR H 304 36.04 -21.47 -46.30
C TYR H 304 35.93 -20.12 -45.59
N TYR H 305 34.67 -19.68 -45.29
CA TYR H 305 34.32 -18.42 -44.59
C TYR H 305 34.17 -18.65 -43.09
N THR H 306 34.66 -17.70 -42.28
CA THR H 306 34.58 -17.82 -40.84
C THR H 306 34.27 -16.49 -40.18
N CYS H 307 33.43 -16.57 -39.15
CA CYS H 307 33.03 -15.40 -38.39
C CYS H 307 33.51 -15.52 -36.95
N SER H 308 34.23 -14.50 -36.47
CA SER H 308 34.78 -14.47 -35.11
C SER H 308 34.32 -13.22 -34.37
N SER H 309 33.97 -13.36 -33.07
CA SER H 309 33.55 -12.20 -32.27
C SER H 309 34.50 -11.93 -31.11
N SER H 310 34.71 -10.62 -30.80
CA SER H 310 35.57 -10.11 -29.72
C SER H 310 34.87 -10.29 -28.34
N LYS H 311 34.38 -11.51 -28.09
CA LYS H 311 33.72 -12.04 -26.90
C LYS H 311 32.98 -13.35 -27.27
N HIS H 312 33.34 -13.98 -28.43
CA HIS H 312 32.70 -15.22 -28.90
C HIS H 312 33.62 -16.18 -29.71
N PRO H 313 33.29 -17.51 -29.80
CA PRO H 313 34.16 -18.42 -30.55
C PRO H 313 33.95 -18.36 -32.06
N SER H 314 35.03 -18.32 -32.83
CA SER H 314 35.00 -18.24 -34.30
C SER H 314 34.34 -19.48 -34.97
N GLN H 315 33.09 -19.35 -35.48
CA GLN H 315 32.42 -20.46 -36.17
C GLN H 315 32.53 -20.27 -37.69
N SER H 316 32.70 -21.37 -38.43
CA SER H 316 32.91 -21.29 -39.88
C SER H 316 31.92 -22.13 -40.72
N ALA H 317 31.89 -21.85 -42.04
CA ALA H 317 31.10 -22.49 -43.09
C ALA H 317 31.81 -22.36 -44.45
N LEU H 318 31.97 -23.47 -45.20
CA LEU H 318 32.64 -23.49 -46.50
C LEU H 318 31.65 -23.29 -47.64
N VAL H 319 32.02 -22.47 -48.61
CA VAL H 319 31.19 -22.14 -49.76
C VAL H 319 31.70 -22.86 -51.02
N THR H 320 30.83 -23.72 -51.56
CA THR H 320 31.07 -24.52 -52.76
C THR H 320 30.31 -23.91 -53.91
N ILE H 321 31.10 -23.42 -54.86
CA ILE H 321 30.59 -22.81 -56.08
C ILE H 321 30.32 -23.97 -57.05
N VAL H 322 29.11 -24.01 -57.62
CA VAL H 322 28.77 -25.09 -58.53
C VAL H 322 28.60 -24.58 -59.95
N GLY H 325 23.63 -28.51 -62.79
CA GLY H 325 23.00 -29.26 -61.70
C GLY H 325 23.58 -30.65 -61.55
N PHE H 326 23.65 -31.17 -60.30
CA PHE H 326 24.26 -32.48 -60.05
C PHE H 326 23.55 -33.31 -58.96
N ILE H 327 23.75 -34.65 -59.00
CA ILE H 327 23.24 -35.62 -58.04
C ILE H 327 24.36 -36.60 -57.67
N ASN H 328 24.85 -36.57 -56.42
CA ASN H 328 25.89 -37.49 -56.02
C ASN H 328 25.34 -38.45 -55.02
N ALA H 329 25.36 -39.74 -55.41
CA ALA H 329 24.87 -40.90 -54.65
C ALA H 329 25.35 -42.22 -55.29
N THR H 330 25.52 -43.25 -54.45
CA THR H 330 25.95 -44.57 -54.87
C THR H 330 24.77 -45.31 -55.47
N ASN H 331 24.82 -45.54 -56.77
CA ASN H 331 23.75 -46.22 -57.52
C ASN H 331 24.13 -47.67 -57.81
N SER H 332 24.82 -48.32 -56.86
CA SER H 332 25.31 -49.70 -56.96
C SER H 332 24.20 -50.72 -57.20
N SER H 333 22.92 -50.33 -56.96
CA SER H 333 21.71 -51.15 -57.05
C SER H 333 21.83 -52.23 -55.97
N GLU H 334 21.36 -51.95 -54.73
CA GLU H 334 21.52 -52.81 -53.56
C GLU H 334 20.42 -53.86 -53.39
N ASP H 335 20.81 -55.06 -52.96
CA ASP H 335 19.88 -56.16 -52.76
C ASP H 335 19.64 -56.39 -51.26
N TYR H 336 18.41 -56.75 -50.90
CA TYR H 336 17.94 -56.97 -49.53
C TYR H 336 16.95 -58.16 -49.43
N GLU H 337 16.67 -58.63 -48.20
CA GLU H 337 15.75 -59.73 -47.92
C GLU H 337 15.33 -59.73 -46.46
N ILE H 338 14.01 -59.80 -46.17
CA ILE H 338 13.49 -59.84 -44.80
C ILE H 338 12.17 -60.66 -44.72
N ASP H 339 11.89 -61.21 -43.50
CA ASP H 339 10.68 -62.00 -43.17
C ASP H 339 9.64 -61.10 -42.52
N GLN H 340 8.35 -61.16 -43.00
CA GLN H 340 7.17 -60.37 -42.58
C GLN H 340 6.95 -60.48 -41.06
N TYR H 341 7.87 -59.87 -40.32
CA TYR H 341 7.98 -59.82 -38.85
C TYR H 341 9.01 -58.74 -38.44
N GLU H 342 9.83 -58.28 -39.42
CA GLU H 342 10.88 -57.27 -39.24
C GLU H 342 10.39 -55.83 -39.65
N GLU H 343 10.78 -54.79 -38.85
CA GLU H 343 10.47 -53.35 -39.09
C GLU H 343 11.68 -52.68 -39.76
N PHE H 344 11.52 -52.31 -41.07
CA PHE H 344 12.59 -51.78 -41.91
C PHE H 344 12.14 -50.69 -42.92
N CYS H 345 13.08 -49.75 -43.18
CA CYS H 345 12.97 -48.62 -44.11
C CYS H 345 14.17 -48.57 -45.06
N PHE H 346 13.89 -48.52 -46.37
CA PHE H 346 14.90 -48.34 -47.43
C PHE H 346 15.50 -46.94 -47.32
N SER H 347 16.82 -46.80 -47.55
CA SER H 347 17.46 -45.49 -47.44
C SER H 347 18.31 -45.16 -48.65
N VAL H 348 18.53 -43.84 -48.91
CA VAL H 348 19.38 -43.28 -49.99
C VAL H 348 19.98 -41.95 -49.54
N ARG H 349 21.30 -41.92 -49.29
CA ARG H 349 21.99 -40.69 -48.90
C ARG H 349 22.52 -40.01 -50.17
N PHE H 350 22.28 -38.69 -50.33
CA PHE H 350 22.70 -37.99 -51.53
C PHE H 350 22.97 -36.51 -51.32
N LYS H 351 24.02 -36.00 -51.97
CA LYS H 351 24.37 -34.59 -51.98
C LYS H 351 24.06 -34.13 -53.38
N ALA H 352 22.95 -33.38 -53.53
CA ALA H 352 22.48 -32.93 -54.83
C ALA H 352 21.97 -31.48 -54.84
N TYR H 353 22.30 -30.74 -55.92
CA TYR H 353 21.85 -29.35 -56.11
C TYR H 353 21.43 -29.10 -57.58
N PRO H 354 20.27 -28.45 -57.83
CA PRO H 354 19.27 -27.94 -56.87
C PRO H 354 18.48 -29.07 -56.22
N GLN H 355 17.68 -28.76 -55.17
CA GLN H 355 16.83 -29.74 -54.48
C GLN H 355 16.13 -30.62 -55.53
N ILE H 356 16.35 -31.95 -55.45
CA ILE H 356 15.86 -32.91 -56.45
C ILE H 356 14.40 -33.34 -56.24
N ARG H 357 13.75 -33.70 -57.36
CA ARG H 357 12.40 -34.25 -57.37
C ARG H 357 12.58 -35.77 -57.35
N CYS H 358 12.12 -36.42 -56.29
CA CYS H 358 12.33 -37.85 -56.14
C CYS H 358 11.02 -38.65 -56.28
N THR H 359 11.14 -39.93 -56.71
CA THR H 359 10.03 -40.86 -56.90
C THR H 359 10.45 -42.29 -56.62
N TRP H 360 9.71 -42.97 -55.73
CA TRP H 360 9.92 -44.38 -55.38
C TRP H 360 8.89 -45.23 -56.13
N THR H 361 9.29 -45.89 -57.23
CA THR H 361 8.37 -46.71 -58.03
C THR H 361 8.64 -48.21 -57.86
N PHE H 362 7.57 -49.05 -57.84
CA PHE H 362 7.64 -50.52 -57.70
C PHE H 362 6.44 -51.19 -58.38
N SER H 363 6.74 -52.16 -59.30
CA SER H 363 5.76 -52.94 -60.10
C SER H 363 4.68 -52.01 -60.74
N ARG H 364 5.16 -50.84 -61.28
CA ARG H 364 4.45 -49.72 -61.94
C ARG H 364 3.88 -48.72 -60.90
N LYS H 365 3.44 -49.20 -59.70
CA LYS H 365 2.87 -48.36 -58.63
C LYS H 365 3.96 -47.45 -58.04
N SER H 366 3.86 -46.13 -58.32
CA SER H 366 4.83 -45.14 -57.88
C SER H 366 4.30 -44.25 -56.76
N PHE H 367 5.10 -44.08 -55.70
CA PHE H 367 4.82 -43.26 -54.52
C PHE H 367 5.93 -42.20 -54.32
N PRO H 368 5.60 -40.90 -54.04
CA PRO H 368 6.67 -39.89 -53.84
C PRO H 368 7.40 -40.07 -52.51
N CYS H 369 8.45 -39.25 -52.25
CA CYS H 369 9.27 -39.40 -51.04
C CYS H 369 9.40 -38.15 -50.21
N GLU H 370 9.71 -38.39 -48.93
CA GLU H 370 10.04 -37.37 -47.94
C GLU H 370 11.55 -37.16 -48.05
N GLN H 371 11.98 -36.37 -49.07
CA GLN H 371 13.37 -36.06 -49.41
C GLN H 371 13.99 -35.10 -48.36
N LYS H 372 14.00 -35.54 -47.07
CA LYS H 372 14.51 -34.82 -45.90
C LYS H 372 16.04 -34.70 -45.89
N GLY H 373 16.54 -33.73 -45.14
CA GLY H 373 17.98 -33.51 -44.99
C GLY H 373 18.58 -34.15 -43.75
N LEU H 374 19.81 -34.71 -43.89
CA LEU H 374 20.59 -35.36 -42.81
C LEU H 374 21.54 -34.33 -42.13
N ASP H 375 21.63 -33.10 -42.71
CA ASP H 375 22.41 -31.94 -42.27
C ASP H 375 23.92 -32.18 -42.19
N ASN H 376 24.38 -33.46 -42.24
CA ASN H 376 25.79 -33.86 -42.16
C ASN H 376 26.61 -33.31 -43.34
N GLY H 377 25.95 -33.20 -44.49
CA GLY H 377 26.52 -32.72 -45.75
C GLY H 377 25.85 -33.40 -46.92
N TYR H 378 24.68 -34.01 -46.64
CA TYR H 378 23.85 -34.75 -47.59
C TYR H 378 22.41 -34.84 -47.08
N SER H 379 21.47 -35.18 -47.98
CA SER H 379 20.06 -35.39 -47.69
C SER H 379 19.78 -36.89 -47.83
N ILE H 380 19.08 -37.49 -46.85
CA ILE H 380 18.78 -38.92 -46.84
C ILE H 380 17.29 -39.17 -47.03
N SER H 381 16.90 -39.73 -48.20
CA SER H 381 15.50 -40.09 -48.50
C SER H 381 15.22 -41.49 -47.99
N LYS H 382 14.02 -41.68 -47.40
CA LYS H 382 13.60 -42.96 -46.83
C LYS H 382 12.27 -43.43 -47.41
N PHE H 383 12.06 -44.76 -47.38
CA PHE H 383 10.82 -45.41 -47.82
C PHE H 383 10.52 -46.53 -46.86
N CYS H 384 9.33 -46.51 -46.25
CA CYS H 384 9.02 -47.52 -45.26
C CYS H 384 7.88 -48.45 -45.66
N ASN H 385 6.84 -47.94 -46.38
CA ASN H 385 5.64 -48.70 -46.78
C ASN H 385 5.98 -49.84 -47.79
N HIS H 386 6.85 -50.79 -47.35
CA HIS H 386 7.32 -51.98 -48.09
C HIS H 386 6.17 -52.93 -48.33
N LYS H 387 5.25 -53.02 -47.33
CA LYS H 387 4.05 -53.87 -47.28
C LYS H 387 4.44 -55.34 -47.41
N HIS H 388 5.65 -55.68 -46.88
CA HIS H 388 6.28 -57.00 -46.91
C HIS H 388 6.25 -57.62 -48.35
N GLN H 389 5.93 -56.78 -49.37
CA GLN H 389 5.86 -57.12 -50.80
C GLN H 389 7.29 -57.30 -51.40
N PRO H 390 7.58 -58.47 -52.02
CA PRO H 390 8.95 -58.69 -52.52
C PRO H 390 9.18 -58.18 -53.94
N GLY H 391 10.44 -57.88 -54.26
CA GLY H 391 10.83 -57.42 -55.60
C GLY H 391 11.66 -56.16 -55.71
N GLU H 392 11.63 -55.58 -56.93
CA GLU H 392 12.37 -54.40 -57.34
C GLU H 392 11.70 -53.05 -56.96
N TYR H 393 12.33 -52.32 -55.99
CA TYR H 393 11.95 -50.98 -55.53
C TYR H 393 12.98 -49.99 -56.13
N ILE H 394 12.60 -49.22 -57.18
CA ILE H 394 13.52 -48.29 -57.88
C ILE H 394 13.27 -46.86 -57.46
N PHE H 395 14.36 -46.18 -57.08
CA PHE H 395 14.39 -44.81 -56.64
C PHE H 395 14.97 -43.93 -57.72
N HIS H 396 14.11 -43.13 -58.36
CA HIS H 396 14.51 -42.21 -59.43
C HIS H 396 14.41 -40.79 -58.92
N ALA H 397 15.56 -40.10 -58.92
CA ALA H 397 15.61 -38.71 -58.46
C ALA H 397 16.28 -37.83 -59.53
N GLU H 398 15.69 -36.66 -59.82
CA GLU H 398 16.23 -35.77 -60.85
C GLU H 398 15.96 -34.31 -60.55
N ASN H 399 16.91 -33.45 -60.95
CA ASN H 399 16.80 -31.98 -60.87
C ASN H 399 16.81 -31.42 -62.29
N ASP H 400 16.66 -30.08 -62.42
CA ASP H 400 16.62 -29.38 -63.70
C ASP H 400 17.76 -29.80 -64.69
N ASP H 401 19.02 -29.92 -64.22
CA ASP H 401 20.12 -30.26 -65.12
C ASP H 401 20.78 -31.64 -64.80
N ALA H 402 20.09 -32.57 -64.08
CA ALA H 402 20.65 -33.90 -63.75
C ALA H 402 19.57 -34.94 -63.38
N GLN H 403 19.87 -36.23 -63.67
CA GLN H 403 18.99 -37.39 -63.42
C GLN H 403 19.72 -38.50 -62.66
N PHE H 404 18.95 -39.47 -62.07
CA PHE H 404 19.46 -40.59 -61.25
C PHE H 404 18.39 -41.69 -61.02
N THR H 405 18.86 -42.95 -60.79
CA THR H 405 18.04 -44.11 -60.47
C THR H 405 18.90 -45.15 -59.73
N LYS H 406 18.34 -45.77 -58.63
CA LYS H 406 18.97 -46.84 -57.83
C LYS H 406 17.97 -48.01 -57.60
N MET H 407 18.33 -49.26 -58.04
CA MET H 407 17.53 -50.51 -58.02
C MET H 407 17.72 -51.30 -56.73
N PHE H 408 16.66 -51.43 -55.94
CA PHE H 408 16.69 -52.13 -54.66
C PHE H 408 15.92 -53.45 -54.67
N THR H 409 16.66 -54.60 -54.73
CA THR H 409 16.06 -55.95 -54.74
C THR H 409 15.58 -56.29 -53.33
N LEU H 410 14.47 -57.05 -53.23
CA LEU H 410 13.91 -57.48 -51.93
C LEU H 410 13.40 -58.98 -51.97
N ASN H 411 13.78 -59.77 -50.93
CA ASN H 411 13.35 -61.17 -50.81
C ASN H 411 13.01 -61.52 -49.35
N ARG H 414 11.79 -67.62 -47.19
CA ARG H 414 10.56 -68.06 -46.47
C ARG H 414 10.51 -69.54 -46.33
N LYS H 415 9.50 -70.03 -45.61
CA LYS H 415 9.33 -71.45 -45.42
C LYS H 415 8.97 -71.98 -46.76
N PRO H 416 9.42 -73.15 -47.07
CA PRO H 416 9.06 -73.69 -48.35
C PRO H 416 7.61 -74.02 -48.29
N GLN H 417 6.91 -73.88 -49.41
CA GLN H 417 5.51 -74.21 -49.39
C GLN H 417 5.31 -75.15 -50.53
N VAL H 418 4.52 -76.22 -50.31
CA VAL H 418 4.32 -77.07 -51.44
C VAL H 418 3.25 -76.44 -52.25
N LEU H 419 3.62 -75.82 -53.39
CA LEU H 419 2.64 -75.12 -54.16
C LEU H 419 1.64 -76.13 -54.57
N ALA H 420 2.12 -77.27 -55.12
CA ALA H 420 1.14 -78.25 -55.47
C ALA H 420 1.80 -79.59 -55.48
N GLU H 421 1.14 -80.57 -54.84
CA GLU H 421 1.64 -81.91 -54.93
C GLU H 421 0.55 -82.67 -55.62
N ALA H 422 0.35 -82.33 -56.91
CA ALA H 422 -0.65 -82.98 -57.68
C ALA H 422 0.00 -84.17 -58.26
N SER H 423 -0.78 -85.04 -58.92
CA SER H 423 -0.15 -86.13 -59.59
C SER H 423 -0.19 -85.79 -61.03
N ALA H 427 3.35 -89.19 -61.10
CA ALA H 427 3.15 -88.49 -59.84
C ALA H 427 4.43 -87.74 -59.45
N SER H 428 4.33 -86.41 -59.02
CA SER H 428 5.40 -85.44 -58.66
C SER H 428 4.96 -84.43 -57.59
N CYS H 429 5.91 -83.61 -57.03
CA CYS H 429 5.64 -82.66 -55.94
C CYS H 429 6.48 -81.40 -56.12
N PHE H 430 5.85 -80.20 -55.96
CA PHE H 430 6.49 -78.92 -56.24
C PHE H 430 6.46 -78.07 -54.99
N SER H 431 7.57 -77.34 -54.68
CA SER H 431 7.56 -76.47 -53.53
C SER H 431 8.29 -75.21 -53.86
N ASP H 432 7.90 -74.09 -53.21
CA ASP H 432 8.50 -72.82 -53.46
C ASP H 432 9.01 -72.26 -52.18
N GLY H 433 10.20 -71.62 -52.24
CA GLY H 433 10.72 -71.03 -51.05
C GLY H 433 11.97 -70.28 -51.40
N TYR H 434 12.48 -69.51 -50.42
CA TYR H 434 13.71 -68.78 -50.53
C TYR H 434 14.48 -69.09 -49.31
N PRO H 435 15.70 -69.55 -49.40
CA PRO H 435 16.37 -69.81 -50.64
C PRO H 435 15.87 -71.12 -51.18
N LEU H 436 16.62 -71.71 -52.14
CA LEU H 436 16.25 -72.92 -52.80
C LEU H 436 15.80 -73.93 -51.79
N PRO H 437 14.59 -74.38 -51.98
CA PRO H 437 14.04 -75.38 -51.11
C PRO H 437 14.62 -76.72 -51.47
N SER H 438 14.99 -77.53 -50.48
CA SER H 438 15.57 -78.80 -50.81
C SER H 438 14.47 -79.80 -50.82
N TRP H 439 14.43 -80.65 -51.87
CA TRP H 439 13.41 -81.65 -51.91
C TRP H 439 14.01 -82.96 -51.57
N THR H 440 13.52 -83.58 -50.49
CA THR H 440 13.97 -84.88 -50.11
C THR H 440 12.77 -85.76 -50.18
N TRP H 441 12.95 -87.03 -50.61
CA TRP H 441 11.83 -87.91 -50.75
C TRP H 441 11.95 -89.08 -49.84
N LYS H 442 10.79 -89.61 -49.41
CA LYS H 442 10.74 -90.78 -48.60
C LYS H 442 9.58 -91.56 -49.15
N LYS H 443 9.59 -92.92 -49.12
CA LYS H 443 8.40 -93.53 -49.65
C LYS H 443 7.90 -94.68 -48.84
N CYS H 444 8.68 -95.19 -47.86
CA CYS H 444 8.22 -96.37 -47.19
C CYS H 444 6.92 -96.06 -46.52
N SER H 445 6.09 -97.11 -46.36
CA SER H 445 4.77 -96.93 -45.83
C SER H 445 4.86 -96.46 -44.42
N CYS H 451 8.00 -96.83 -37.73
CA CYS H 451 8.78 -97.19 -38.89
C CYS H 451 8.32 -96.44 -40.09
N THR H 452 9.19 -95.55 -40.59
CA THR H 452 8.96 -94.90 -41.84
C THR H 452 10.24 -95.06 -42.58
N GLU H 453 10.27 -95.93 -43.61
CA GLU H 453 11.51 -96.08 -44.31
C GLU H 453 11.52 -95.10 -45.42
N GLU H 454 12.71 -94.86 -46.01
CA GLU H 454 12.79 -93.91 -47.07
C GLU H 454 13.57 -94.48 -48.20
N ILE H 455 13.21 -94.08 -49.44
CA ILE H 455 13.97 -94.48 -50.58
C ILE H 455 14.34 -93.17 -51.22
N THR H 456 15.46 -93.12 -51.96
CA THR H 456 15.80 -91.86 -52.55
C THR H 456 15.88 -92.05 -54.04
N GLU H 457 15.48 -91.00 -54.81
CA GLU H 457 15.54 -91.07 -56.25
C GLU H 457 14.74 -89.91 -56.80
N GLY H 458 15.02 -89.44 -58.04
CA GLY H 458 14.24 -88.41 -58.68
C GLY H 458 15.09 -87.40 -59.41
N VAL H 459 14.45 -86.64 -60.33
CA VAL H 459 15.08 -85.62 -61.11
C VAL H 459 14.48 -84.32 -60.69
N TRP H 460 15.29 -83.25 -60.68
CA TRP H 460 14.77 -82.00 -60.21
C TRP H 460 15.19 -80.89 -61.13
N ASN H 461 14.22 -80.04 -61.53
CA ASN H 461 14.54 -78.88 -62.31
C ASN H 461 13.78 -77.73 -61.75
N ARG H 462 14.50 -76.65 -61.38
CA ARG H 462 13.90 -75.47 -60.86
C ARG H 462 13.86 -74.49 -61.99
N TRP H 472 12.26 -69.08 -55.27
CA TRP H 472 12.53 -70.05 -56.28
C TRP H 472 11.61 -71.20 -56.10
N VAL H 473 11.12 -71.76 -57.22
CA VAL H 473 10.20 -72.86 -57.20
C VAL H 473 10.94 -74.05 -57.70
N SER H 474 10.71 -75.20 -57.05
CA SER H 474 11.46 -76.37 -57.41
C SER H 474 10.47 -77.45 -57.73
N SER H 475 10.74 -78.22 -58.81
CA SER H 475 9.84 -79.28 -59.15
C SER H 475 10.66 -80.52 -59.20
N SER H 476 10.41 -81.43 -58.25
CA SER H 476 11.15 -82.64 -58.22
C SER H 476 10.16 -83.73 -58.23
N THR H 477 10.47 -84.80 -58.98
CA THR H 477 9.52 -85.85 -59.04
C THR H 477 10.24 -87.16 -58.95
N LEU H 478 9.47 -88.24 -58.75
CA LEU H 478 9.98 -89.57 -58.70
C LEU H 478 8.97 -90.43 -59.39
N ASN H 479 9.40 -91.28 -60.34
CA ASN H 479 8.46 -92.11 -61.04
C ASN H 479 7.78 -92.99 -60.04
N MET H 480 6.45 -93.18 -60.22
CA MET H 480 5.75 -94.04 -59.31
C MET H 480 5.52 -95.36 -59.95
N SER H 481 6.59 -96.18 -60.04
CA SER H 481 6.42 -97.51 -60.52
C SER H 481 6.85 -98.34 -59.36
N GLU H 482 5.87 -98.81 -58.57
CA GLU H 482 6.27 -99.52 -57.39
C GLU H 482 5.93 -100.97 -57.51
N ALA H 483 6.90 -101.80 -57.12
CA ALA H 483 6.74 -103.23 -57.06
C ALA H 483 5.77 -103.55 -55.97
N ILE H 484 5.79 -102.74 -54.88
CA ILE H 484 5.00 -102.97 -53.70
C ILE H 484 4.00 -101.87 -53.57
N LYS H 485 2.91 -102.12 -52.79
CA LYS H 485 1.83 -101.18 -52.72
C LYS H 485 1.37 -101.04 -51.29
N GLY H 486 0.37 -100.15 -51.06
CA GLY H 486 -0.20 -99.99 -49.76
C GLY H 486 0.73 -99.21 -48.87
N PHE H 487 1.32 -98.12 -49.41
CA PHE H 487 2.25 -97.33 -48.66
C PHE H 487 1.85 -95.89 -48.81
N LEU H 488 2.53 -94.98 -48.07
CA LEU H 488 2.32 -93.58 -48.25
C LEU H 488 3.66 -92.98 -48.54
N VAL H 489 3.74 -92.03 -49.49
CA VAL H 489 4.99 -91.38 -49.70
C VAL H 489 4.85 -89.97 -49.27
N LYS H 490 5.99 -89.35 -48.89
CA LYS H 490 5.92 -88.00 -48.43
C LYS H 490 6.99 -87.19 -49.08
N CYS H 491 6.62 -85.97 -49.55
CA CYS H 491 7.59 -85.10 -50.14
C CYS H 491 7.98 -84.08 -49.12
N CYS H 492 9.31 -83.85 -49.00
CA CYS H 492 9.76 -82.93 -47.98
C CYS H 492 10.53 -81.84 -48.64
N ALA H 493 10.17 -80.57 -48.34
CA ALA H 493 10.89 -79.45 -48.84
C ALA H 493 11.56 -78.81 -47.65
N TYR H 494 12.89 -78.70 -47.71
CA TYR H 494 13.60 -78.20 -46.56
C TYR H 494 14.23 -76.89 -46.92
N ASN H 495 14.28 -75.99 -45.93
CA ASN H 495 14.92 -74.71 -46.08
C ASN H 495 15.51 -74.44 -44.74
N SER H 496 16.57 -73.62 -44.69
CA SER H 496 17.22 -73.38 -43.44
C SER H 496 16.22 -72.83 -42.49
N LEU H 497 15.29 -71.99 -43.00
CA LEU H 497 14.31 -71.41 -42.12
C LEU H 497 13.30 -72.40 -41.63
N GLY H 498 12.77 -73.30 -42.48
CA GLY H 498 11.75 -74.18 -41.96
C GLY H 498 11.52 -75.31 -42.93
N THR H 499 10.56 -76.21 -42.59
CA THR H 499 10.28 -77.34 -43.44
C THR H 499 8.81 -77.57 -43.52
N SER H 500 8.37 -78.19 -44.63
CA SER H 500 6.98 -78.51 -44.83
C SER H 500 6.93 -79.79 -45.63
N CYS H 501 5.79 -80.51 -45.59
CA CYS H 501 5.74 -81.72 -46.35
C CYS H 501 4.31 -82.08 -46.63
N GLU H 502 4.09 -82.96 -47.63
CA GLU H 502 2.78 -83.41 -47.99
C GLU H 502 2.88 -84.89 -48.18
N THR H 503 1.75 -85.61 -48.01
CA THR H 503 1.79 -87.05 -48.13
C THR H 503 0.88 -87.45 -49.25
N ILE H 504 1.19 -88.57 -49.91
CA ILE H 504 0.32 -89.02 -50.95
C ILE H 504 -0.06 -90.42 -50.61
N LEU H 505 -1.11 -90.96 -51.26
CA LEU H 505 -1.52 -92.29 -50.94
C LEU H 505 -1.19 -93.19 -52.10
N LEU H 506 -1.02 -94.48 -51.79
CA LEU H 506 -0.75 -95.48 -52.76
C LEU H 506 -1.77 -96.55 -52.56
#